data_7KH5
# 
_entry.id   7KH5 
# 
_audit_conform.dict_name       mmcif_pdbx.dic 
_audit_conform.dict_version    5.398 
_audit_conform.dict_location   http://mmcif.pdb.org/dictionaries/ascii/mmcif_pdbx.dic 
# 
loop_
_database_2.database_id 
_database_2.database_code 
_database_2.pdbx_database_accession 
_database_2.pdbx_DOI 
PDB   7KH5         pdb_00007kh5 10.2210/pdb7kh5/pdb 
WWPDB D_1000251933 ?            ?                   
# 
loop_
_pdbx_audit_revision_history.ordinal 
_pdbx_audit_revision_history.data_content_type 
_pdbx_audit_revision_history.major_revision 
_pdbx_audit_revision_history.minor_revision 
_pdbx_audit_revision_history.revision_date 
1 'Structure model' 1 0 2021-04-28 
2 'Structure model' 1 1 2021-05-12 
3 'Structure model' 1 2 2021-05-19 
4 'Structure model' 1 3 2024-11-06 
# 
_pdbx_audit_revision_details.ordinal             1 
_pdbx_audit_revision_details.revision_ordinal    1 
_pdbx_audit_revision_details.data_content_type   'Structure model' 
_pdbx_audit_revision_details.provider            repository 
_pdbx_audit_revision_details.type                'Initial release' 
_pdbx_audit_revision_details.description         ? 
_pdbx_audit_revision_details.details             ? 
# 
loop_
_pdbx_audit_revision_group.ordinal 
_pdbx_audit_revision_group.revision_ordinal 
_pdbx_audit_revision_group.data_content_type 
_pdbx_audit_revision_group.group 
1 2 'Structure model' 'Database references' 
2 3 'Structure model' 'Database references' 
3 4 'Structure model' 'Data collection'     
4 4 'Structure model' 'Database references' 
5 4 'Structure model' 'Structure summary'   
# 
loop_
_pdbx_audit_revision_category.ordinal 
_pdbx_audit_revision_category.revision_ordinal 
_pdbx_audit_revision_category.data_content_type 
_pdbx_audit_revision_category.category 
1 2 'Structure model' citation                  
2 3 'Structure model' citation                  
3 4 'Structure model' chem_comp_atom            
4 4 'Structure model' chem_comp_bond            
5 4 'Structure model' database_2                
6 4 'Structure model' pdbx_entry_details        
7 4 'Structure model' pdbx_modification_feature 
# 
loop_
_pdbx_audit_revision_item.ordinal 
_pdbx_audit_revision_item.revision_ordinal 
_pdbx_audit_revision_item.data_content_type 
_pdbx_audit_revision_item.item 
1  2 'Structure model' '_citation.country'                            
2  2 'Structure model' '_citation.journal_abbrev'                     
3  2 'Structure model' '_citation.journal_id_ASTM'                    
4  2 'Structure model' '_citation.journal_id_CSD'                     
5  2 'Structure model' '_citation.journal_id_ISSN'                    
6  2 'Structure model' '_citation.journal_volume'                     
7  2 'Structure model' '_citation.pdbx_database_id_DOI'               
8  2 'Structure model' '_citation.title'                              
9  2 'Structure model' '_citation.year'                               
10 3 'Structure model' '_citation.page_first'                         
11 3 'Structure model' '_citation.page_last'                          
12 3 'Structure model' '_citation.pdbx_database_id_PubMed'            
13 3 'Structure model' '_citation.title'                              
14 4 'Structure model' '_database_2.pdbx_DOI'                         
15 4 'Structure model' '_database_2.pdbx_database_accession'          
16 4 'Structure model' '_pdbx_entry_details.has_protein_modification' 
# 
_pdbx_database_status.status_code                     REL 
_pdbx_database_status.status_code_sf                  REL 
_pdbx_database_status.status_code_mr                  ? 
_pdbx_database_status.entry_id                        7KH5 
_pdbx_database_status.recvd_initial_deposition_date   2020-10-20 
_pdbx_database_status.SG_entry                        N 
_pdbx_database_status.deposit_site                    RCSB 
_pdbx_database_status.process_site                    RCSB 
_pdbx_database_status.status_code_cs                  ? 
_pdbx_database_status.status_code_nmr_data            ? 
_pdbx_database_status.methods_development_category    ? 
_pdbx_database_status.pdb_format_compatible           Y 
# 
loop_
_audit_author.name 
_audit_author.pdbx_ordinal 
_audit_author.identifier_ORCID 
'Truong, J.' 1 0000-0002-7328-189X 
'Nguyen, S.' 2 0000-0003-0989-7734 
# 
_citation.abstract                  ? 
_citation.abstract_id_CAS           ? 
_citation.book_id_ISBN              ? 
_citation.book_publisher            ? 
_citation.book_publisher_city       ? 
_citation.book_title                ? 
_citation.coordinate_linkage        ? 
_citation.country                   US 
_citation.database_id_Medline       ? 
_citation.details                   ? 
_citation.id                        primary 
_citation.journal_abbrev            'Acta Crystallogr.,Sect.F' 
_citation.journal_id_ASTM           ACSFEN 
_citation.journal_id_CSD            ? 
_citation.journal_id_ISSN           2053-230X 
_citation.journal_full              ? 
_citation.journal_issue             ? 
_citation.journal_volume            77 
_citation.language                  ? 
_citation.page_first                156 
_citation.page_last                 162 
_citation.title                     
;Simplified heavy-atom derivatization of protein structures via co-crystallization with the MAD tetragon tetrabromoterephthalic acid.
;
_citation.year                      2021 
_citation.database_id_CSD           ? 
_citation.pdbx_database_id_DOI      10.1107/S2053230X21004052 
_citation.pdbx_database_id_PubMed   33949976 
_citation.unpublished_flag          ? 
# 
loop_
_citation_author.citation_id 
_citation_author.name 
_citation_author.ordinal 
_citation_author.identifier_ORCID 
primary 'Truong, J.Q.'   1 ? 
primary 'Nguyen, S.'     2 ? 
primary 'Bruning, J.B.'  3 ? 
primary 'Shearwin, K.E.' 4 ? 
# 
loop_
_entity.id 
_entity.type 
_entity.src_method 
_entity.pdbx_description 
_entity.formula_weight 
_entity.pdbx_number_of_molecules 
_entity.pdbx_ec 
_entity.pdbx_mutation 
_entity.pdbx_fragment 
_entity.details 
1 polymer     nat 'Lysozyme C'                                      14331.160 1   3.2.1.17 ? ? ? 
2 non-polymer syn '2,3,5,6-tetrabromobenzene-1,4-dicarboxylic acid' 481.715   1   ?        ? ? ? 
3 water       nat water                                             18.015    162 ?        ? ? ? 
# 
_entity_name_com.entity_id   1 
_entity_name_com.name        '1,4-beta-N-acetylmuramidase C,Allergen Gal d IV' 
# 
_entity_poly.entity_id                      1 
_entity_poly.type                           'polypeptide(L)' 
_entity_poly.nstd_linkage                   no 
_entity_poly.nstd_monomer                   no 
_entity_poly.pdbx_seq_one_letter_code       
;KVFGRCELAAAMKRHGLDNYRGYSLGNWVCAAKFESNFNTQATNRNTDGSTDYGILQINSRWWCNDGRTPGSRNLCNIPC
SALLSSDITASVNCAKKIVSDGNGMNAWVAWRNRCKGTDVQAWIRGCRL
;
_entity_poly.pdbx_seq_one_letter_code_can   
;KVFGRCELAAAMKRHGLDNYRGYSLGNWVCAAKFESNFNTQATNRNTDGSTDYGILQINSRWWCNDGRTPGSRNLCNIPC
SALLSSDITASVNCAKKIVSDGNGMNAWVAWRNRCKGTDVQAWIRGCRL
;
_entity_poly.pdbx_strand_id                 A 
_entity_poly.pdbx_target_identifier         ? 
# 
loop_
_pdbx_entity_nonpoly.entity_id 
_pdbx_entity_nonpoly.name 
_pdbx_entity_nonpoly.comp_id 
2 '2,3,5,6-tetrabromobenzene-1,4-dicarboxylic acid' WE4 
3 water                                             HOH 
# 
loop_
_entity_poly_seq.entity_id 
_entity_poly_seq.num 
_entity_poly_seq.mon_id 
_entity_poly_seq.hetero 
1 1   LYS n 
1 2   VAL n 
1 3   PHE n 
1 4   GLY n 
1 5   ARG n 
1 6   CYS n 
1 7   GLU n 
1 8   LEU n 
1 9   ALA n 
1 10  ALA n 
1 11  ALA n 
1 12  MET n 
1 13  LYS n 
1 14  ARG n 
1 15  HIS n 
1 16  GLY n 
1 17  LEU n 
1 18  ASP n 
1 19  ASN n 
1 20  TYR n 
1 21  ARG n 
1 22  GLY n 
1 23  TYR n 
1 24  SER n 
1 25  LEU n 
1 26  GLY n 
1 27  ASN n 
1 28  TRP n 
1 29  VAL n 
1 30  CYS n 
1 31  ALA n 
1 32  ALA n 
1 33  LYS n 
1 34  PHE n 
1 35  GLU n 
1 36  SER n 
1 37  ASN n 
1 38  PHE n 
1 39  ASN n 
1 40  THR n 
1 41  GLN n 
1 42  ALA n 
1 43  THR n 
1 44  ASN n 
1 45  ARG n 
1 46  ASN n 
1 47  THR n 
1 48  ASP n 
1 49  GLY n 
1 50  SER n 
1 51  THR n 
1 52  ASP n 
1 53  TYR n 
1 54  GLY n 
1 55  ILE n 
1 56  LEU n 
1 57  GLN n 
1 58  ILE n 
1 59  ASN n 
1 60  SER n 
1 61  ARG n 
1 62  TRP n 
1 63  TRP n 
1 64  CYS n 
1 65  ASN n 
1 66  ASP n 
1 67  GLY n 
1 68  ARG n 
1 69  THR n 
1 70  PRO n 
1 71  GLY n 
1 72  SER n 
1 73  ARG n 
1 74  ASN n 
1 75  LEU n 
1 76  CYS n 
1 77  ASN n 
1 78  ILE n 
1 79  PRO n 
1 80  CYS n 
1 81  SER n 
1 82  ALA n 
1 83  LEU n 
1 84  LEU n 
1 85  SER n 
1 86  SER n 
1 87  ASP n 
1 88  ILE n 
1 89  THR n 
1 90  ALA n 
1 91  SER n 
1 92  VAL n 
1 93  ASN n 
1 94  CYS n 
1 95  ALA n 
1 96  LYS n 
1 97  LYS n 
1 98  ILE n 
1 99  VAL n 
1 100 SER n 
1 101 ASP n 
1 102 GLY n 
1 103 ASN n 
1 104 GLY n 
1 105 MET n 
1 106 ASN n 
1 107 ALA n 
1 108 TRP n 
1 109 VAL n 
1 110 ALA n 
1 111 TRP n 
1 112 ARG n 
1 113 ASN n 
1 114 ARG n 
1 115 CYS n 
1 116 LYS n 
1 117 GLY n 
1 118 THR n 
1 119 ASP n 
1 120 VAL n 
1 121 GLN n 
1 122 ALA n 
1 123 TRP n 
1 124 ILE n 
1 125 ARG n 
1 126 GLY n 
1 127 CYS n 
1 128 ARG n 
1 129 LEU n 
# 
_entity_src_nat.entity_id                  1 
_entity_src_nat.pdbx_src_id                1 
_entity_src_nat.pdbx_alt_source_flag       sample 
_entity_src_nat.pdbx_beg_seq_num           1 
_entity_src_nat.pdbx_end_seq_num           129 
_entity_src_nat.common_name                Chicken 
_entity_src_nat.pdbx_organism_scientific   'Gallus gallus' 
_entity_src_nat.pdbx_ncbi_taxonomy_id      9031 
_entity_src_nat.genus                      ? 
_entity_src_nat.species                    ? 
_entity_src_nat.strain                     ? 
_entity_src_nat.tissue                     ? 
_entity_src_nat.tissue_fraction            ? 
_entity_src_nat.pdbx_secretion             ? 
_entity_src_nat.pdbx_fragment              ? 
_entity_src_nat.pdbx_variant               ? 
_entity_src_nat.pdbx_cell_line             ? 
_entity_src_nat.pdbx_atcc                  ? 
_entity_src_nat.pdbx_cellular_location     ? 
_entity_src_nat.pdbx_organ                 ? 
_entity_src_nat.pdbx_organelle             ? 
_entity_src_nat.pdbx_cell                  ? 
_entity_src_nat.pdbx_plasmid_name          ? 
_entity_src_nat.pdbx_plasmid_details       ? 
_entity_src_nat.details                    ? 
# 
loop_
_chem_comp.id 
_chem_comp.type 
_chem_comp.mon_nstd_flag 
_chem_comp.name 
_chem_comp.pdbx_synonyms 
_chem_comp.formula 
_chem_comp.formula_weight 
ALA 'L-peptide linking' y ALANINE                                           ? 'C3 H7 N O2'     89.093  
ARG 'L-peptide linking' y ARGININE                                          ? 'C6 H15 N4 O2 1' 175.209 
ASN 'L-peptide linking' y ASPARAGINE                                        ? 'C4 H8 N2 O3'    132.118 
ASP 'L-peptide linking' y 'ASPARTIC ACID'                                   ? 'C4 H7 N O4'     133.103 
CYS 'L-peptide linking' y CYSTEINE                                          ? 'C3 H7 N O2 S'   121.158 
GLN 'L-peptide linking' y GLUTAMINE                                         ? 'C5 H10 N2 O3'   146.144 
GLU 'L-peptide linking' y 'GLUTAMIC ACID'                                   ? 'C5 H9 N O4'     147.129 
GLY 'peptide linking'   y GLYCINE                                           ? 'C2 H5 N O2'     75.067  
HIS 'L-peptide linking' y HISTIDINE                                         ? 'C6 H10 N3 O2 1' 156.162 
HOH non-polymer         . WATER                                             ? 'H2 O'           18.015  
ILE 'L-peptide linking' y ISOLEUCINE                                        ? 'C6 H13 N O2'    131.173 
LEU 'L-peptide linking' y LEUCINE                                           ? 'C6 H13 N O2'    131.173 
LYS 'L-peptide linking' y LYSINE                                            ? 'C6 H15 N2 O2 1' 147.195 
MET 'L-peptide linking' y METHIONINE                                        ? 'C5 H11 N O2 S'  149.211 
PHE 'L-peptide linking' y PHENYLALANINE                                     ? 'C9 H11 N O2'    165.189 
PRO 'L-peptide linking' y PROLINE                                           ? 'C5 H9 N O2'     115.130 
SER 'L-peptide linking' y SERINE                                            ? 'C3 H7 N O3'     105.093 
THR 'L-peptide linking' y THREONINE                                         ? 'C4 H9 N O3'     119.119 
TRP 'L-peptide linking' y TRYPTOPHAN                                        ? 'C11 H12 N2 O2'  204.225 
TYR 'L-peptide linking' y TYROSINE                                          ? 'C9 H11 N O3'    181.189 
VAL 'L-peptide linking' y VALINE                                            ? 'C5 H11 N O2'    117.146 
WE4 non-polymer         . '2,3,5,6-tetrabromobenzene-1,4-dicarboxylic acid' ? 'C8 H2 Br4 O4'   481.715 
# 
loop_
_pdbx_poly_seq_scheme.asym_id 
_pdbx_poly_seq_scheme.entity_id 
_pdbx_poly_seq_scheme.seq_id 
_pdbx_poly_seq_scheme.mon_id 
_pdbx_poly_seq_scheme.ndb_seq_num 
_pdbx_poly_seq_scheme.pdb_seq_num 
_pdbx_poly_seq_scheme.auth_seq_num 
_pdbx_poly_seq_scheme.pdb_mon_id 
_pdbx_poly_seq_scheme.auth_mon_id 
_pdbx_poly_seq_scheme.pdb_strand_id 
_pdbx_poly_seq_scheme.pdb_ins_code 
_pdbx_poly_seq_scheme.hetero 
A 1 1   LYS 1   1   1   LYS LYS A . n 
A 1 2   VAL 2   2   2   VAL VAL A . n 
A 1 3   PHE 3   3   3   PHE PHE A . n 
A 1 4   GLY 4   4   4   GLY GLY A . n 
A 1 5   ARG 5   5   5   ARG ARG A . n 
A 1 6   CYS 6   6   6   CYS CYS A . n 
A 1 7   GLU 7   7   7   GLU GLU A . n 
A 1 8   LEU 8   8   8   LEU LEU A . n 
A 1 9   ALA 9   9   9   ALA ALA A . n 
A 1 10  ALA 10  10  10  ALA ALA A . n 
A 1 11  ALA 11  11  11  ALA ALA A . n 
A 1 12  MET 12  12  12  MET MET A . n 
A 1 13  LYS 13  13  13  LYS LYS A . n 
A 1 14  ARG 14  14  14  ARG ARG A . n 
A 1 15  HIS 15  15  15  HIS HIS A . n 
A 1 16  GLY 16  16  16  GLY GLY A . n 
A 1 17  LEU 17  17  17  LEU LEU A . n 
A 1 18  ASP 18  18  18  ASP ASP A . n 
A 1 19  ASN 19  19  19  ASN ASN A . n 
A 1 20  TYR 20  20  20  TYR TYR A . n 
A 1 21  ARG 21  21  21  ARG ARG A . n 
A 1 22  GLY 22  22  22  GLY GLY A . n 
A 1 23  TYR 23  23  23  TYR TYR A . n 
A 1 24  SER 24  24  24  SER SER A . n 
A 1 25  LEU 25  25  25  LEU LEU A . n 
A 1 26  GLY 26  26  26  GLY GLY A . n 
A 1 27  ASN 27  27  27  ASN ASN A . n 
A 1 28  TRP 28  28  28  TRP TRP A . n 
A 1 29  VAL 29  29  29  VAL VAL A . n 
A 1 30  CYS 30  30  30  CYS CYS A . n 
A 1 31  ALA 31  31  31  ALA ALA A . n 
A 1 32  ALA 32  32  32  ALA ALA A . n 
A 1 33  LYS 33  33  33  LYS LYS A . n 
A 1 34  PHE 34  34  34  PHE PHE A . n 
A 1 35  GLU 35  35  35  GLU GLU A . n 
A 1 36  SER 36  36  36  SER SER A . n 
A 1 37  ASN 37  37  37  ASN ASN A . n 
A 1 38  PHE 38  38  38  PHE PHE A . n 
A 1 39  ASN 39  39  39  ASN ASN A . n 
A 1 40  THR 40  40  40  THR THR A . n 
A 1 41  GLN 41  41  41  GLN GLN A . n 
A 1 42  ALA 42  42  42  ALA ALA A . n 
A 1 43  THR 43  43  43  THR THR A . n 
A 1 44  ASN 44  44  44  ASN ASN A . n 
A 1 45  ARG 45  45  45  ARG ARG A . n 
A 1 46  ASN 46  46  46  ASN ASN A . n 
A 1 47  THR 47  47  47  THR THR A . n 
A 1 48  ASP 48  48  48  ASP ASP A . n 
A 1 49  GLY 49  49  49  GLY GLY A . n 
A 1 50  SER 50  50  50  SER SER A . n 
A 1 51  THR 51  51  51  THR THR A . n 
A 1 52  ASP 52  52  52  ASP ASP A . n 
A 1 53  TYR 53  53  53  TYR TYR A . n 
A 1 54  GLY 54  54  54  GLY GLY A . n 
A 1 55  ILE 55  55  55  ILE ILE A . n 
A 1 56  LEU 56  56  56  LEU LEU A . n 
A 1 57  GLN 57  57  57  GLN GLN A . n 
A 1 58  ILE 58  58  58  ILE ILE A . n 
A 1 59  ASN 59  59  59  ASN ASN A . n 
A 1 60  SER 60  60  60  SER SER A . n 
A 1 61  ARG 61  61  61  ARG ARG A . n 
A 1 62  TRP 62  62  62  TRP TRP A . n 
A 1 63  TRP 63  63  63  TRP TRP A . n 
A 1 64  CYS 64  64  64  CYS CYS A . n 
A 1 65  ASN 65  65  65  ASN ASN A . n 
A 1 66  ASP 66  66  66  ASP ASP A . n 
A 1 67  GLY 67  67  67  GLY GLY A . n 
A 1 68  ARG 68  68  68  ARG ARG A . n 
A 1 69  THR 69  69  69  THR THR A . n 
A 1 70  PRO 70  70  70  PRO PRO A . n 
A 1 71  GLY 71  71  71  GLY GLY A . n 
A 1 72  SER 72  72  72  SER SER A . n 
A 1 73  ARG 73  73  73  ARG ARG A . n 
A 1 74  ASN 74  74  74  ASN ASN A . n 
A 1 75  LEU 75  75  75  LEU LEU A . n 
A 1 76  CYS 76  76  76  CYS CYS A . n 
A 1 77  ASN 77  77  77  ASN ASN A . n 
A 1 78  ILE 78  78  78  ILE ILE A . n 
A 1 79  PRO 79  79  79  PRO PRO A . n 
A 1 80  CYS 80  80  80  CYS CYS A . n 
A 1 81  SER 81  81  81  SER SER A . n 
A 1 82  ALA 82  82  82  ALA ALA A . n 
A 1 83  LEU 83  83  83  LEU LEU A . n 
A 1 84  LEU 84  84  84  LEU LEU A . n 
A 1 85  SER 85  85  85  SER SER A . n 
A 1 86  SER 86  86  86  SER SER A . n 
A 1 87  ASP 87  87  87  ASP ASP A . n 
A 1 88  ILE 88  88  88  ILE ILE A . n 
A 1 89  THR 89  89  89  THR THR A . n 
A 1 90  ALA 90  90  90  ALA ALA A . n 
A 1 91  SER 91  91  91  SER SER A . n 
A 1 92  VAL 92  92  92  VAL VAL A . n 
A 1 93  ASN 93  93  93  ASN ASN A . n 
A 1 94  CYS 94  94  94  CYS CYS A . n 
A 1 95  ALA 95  95  95  ALA ALA A . n 
A 1 96  LYS 96  96  96  LYS LYS A . n 
A 1 97  LYS 97  97  97  LYS LYS A . n 
A 1 98  ILE 98  98  98  ILE ILE A . n 
A 1 99  VAL 99  99  99  VAL VAL A . n 
A 1 100 SER 100 100 100 SER SER A . n 
A 1 101 ASP 101 101 101 ASP ASP A . n 
A 1 102 GLY 102 102 102 GLY GLY A . n 
A 1 103 ASN 103 103 103 ASN ASN A . n 
A 1 104 GLY 104 104 104 GLY GLY A . n 
A 1 105 MET 105 105 105 MET MET A . n 
A 1 106 ASN 106 106 106 ASN ASN A . n 
A 1 107 ALA 107 107 107 ALA ALA A . n 
A 1 108 TRP 108 108 108 TRP TRP A . n 
A 1 109 VAL 109 109 109 VAL VAL A . n 
A 1 110 ALA 110 110 110 ALA ALA A . n 
A 1 111 TRP 111 111 111 TRP TRP A . n 
A 1 112 ARG 112 112 112 ARG ARG A . n 
A 1 113 ASN 113 113 113 ASN ASN A . n 
A 1 114 ARG 114 114 114 ARG ARG A . n 
A 1 115 CYS 115 115 115 CYS CYS A . n 
A 1 116 LYS 116 116 116 LYS LYS A . n 
A 1 117 GLY 117 117 117 GLY GLY A . n 
A 1 118 THR 118 118 118 THR THR A . n 
A 1 119 ASP 119 119 119 ASP ASP A . n 
A 1 120 VAL 120 120 120 VAL VAL A . n 
A 1 121 GLN 121 121 121 GLN GLN A . n 
A 1 122 ALA 122 122 122 ALA ALA A . n 
A 1 123 TRP 123 123 123 TRP TRP A . n 
A 1 124 ILE 124 124 124 ILE ILE A . n 
A 1 125 ARG 125 125 125 ARG ARG A . n 
A 1 126 GLY 126 126 126 GLY GLY A . n 
A 1 127 CYS 127 127 127 CYS CYS A . n 
A 1 128 ARG 128 128 128 ARG ARG A . n 
A 1 129 LEU 129 129 129 LEU LEU A . n 
# 
_pdbx_entity_instance_feature.ordinal        1 
_pdbx_entity_instance_feature.comp_id        WE4 
_pdbx_entity_instance_feature.asym_id        ? 
_pdbx_entity_instance_feature.seq_num        ? 
_pdbx_entity_instance_feature.auth_comp_id   WE4 
_pdbx_entity_instance_feature.auth_asym_id   ? 
_pdbx_entity_instance_feature.auth_seq_num   ? 
_pdbx_entity_instance_feature.feature_type   'SUBJECT OF INVESTIGATION' 
_pdbx_entity_instance_feature.details        ? 
# 
loop_
_pdbx_nonpoly_scheme.asym_id 
_pdbx_nonpoly_scheme.entity_id 
_pdbx_nonpoly_scheme.mon_id 
_pdbx_nonpoly_scheme.ndb_seq_num 
_pdbx_nonpoly_scheme.pdb_seq_num 
_pdbx_nonpoly_scheme.auth_seq_num 
_pdbx_nonpoly_scheme.pdb_mon_id 
_pdbx_nonpoly_scheme.auth_mon_id 
_pdbx_nonpoly_scheme.pdb_strand_id 
_pdbx_nonpoly_scheme.pdb_ins_code 
B 2 WE4 1   201 1   WE4 LIG A . 
C 3 HOH 1   301 12  HOH HOH A . 
C 3 HOH 2   302 53  HOH HOH A . 
C 3 HOH 3   303 152 HOH HOH A . 
C 3 HOH 4   304 98  HOH HOH A . 
C 3 HOH 5   305 183 HOH HOH A . 
C 3 HOH 6   306 72  HOH HOH A . 
C 3 HOH 7   307 34  HOH HOH A . 
C 3 HOH 8   308 47  HOH HOH A . 
C 3 HOH 9   309 23  HOH HOH A . 
C 3 HOH 10  310 17  HOH HOH A . 
C 3 HOH 11  311 155 HOH HOH A . 
C 3 HOH 12  312 48  HOH HOH A . 
C 3 HOH 13  313 90  HOH HOH A . 
C 3 HOH 14  314 169 HOH HOH A . 
C 3 HOH 15  315 130 HOH HOH A . 
C 3 HOH 16  316 8   HOH HOH A . 
C 3 HOH 17  317 46  HOH HOH A . 
C 3 HOH 18  318 19  HOH HOH A . 
C 3 HOH 19  319 52  HOH HOH A . 
C 3 HOH 20  320 174 HOH HOH A . 
C 3 HOH 21  321 168 HOH HOH A . 
C 3 HOH 22  322 109 HOH HOH A . 
C 3 HOH 23  323 96  HOH HOH A . 
C 3 HOH 24  324 159 HOH HOH A . 
C 3 HOH 25  325 142 HOH HOH A . 
C 3 HOH 26  326 69  HOH HOH A . 
C 3 HOH 27  327 39  HOH HOH A . 
C 3 HOH 28  328 120 HOH HOH A . 
C 3 HOH 29  329 134 HOH HOH A . 
C 3 HOH 30  330 127 HOH HOH A . 
C 3 HOH 31  331 27  HOH HOH A . 
C 3 HOH 32  332 60  HOH HOH A . 
C 3 HOH 33  333 30  HOH HOH A . 
C 3 HOH 34  334 7   HOH HOH A . 
C 3 HOH 35  335 128 HOH HOH A . 
C 3 HOH 36  336 129 HOH HOH A . 
C 3 HOH 37  337 11  HOH HOH A . 
C 3 HOH 38  338 9   HOH HOH A . 
C 3 HOH 39  339 49  HOH HOH A . 
C 3 HOH 40  340 172 HOH HOH A . 
C 3 HOH 41  341 131 HOH HOH A . 
C 3 HOH 42  342 84  HOH HOH A . 
C 3 HOH 43  343 64  HOH HOH A . 
C 3 HOH 44  344 28  HOH HOH A . 
C 3 HOH 45  345 21  HOH HOH A . 
C 3 HOH 46  346 95  HOH HOH A . 
C 3 HOH 47  347 100 HOH HOH A . 
C 3 HOH 48  348 70  HOH HOH A . 
C 3 HOH 49  349 32  HOH HOH A . 
C 3 HOH 50  350 148 HOH HOH A . 
C 3 HOH 51  351 118 HOH HOH A . 
C 3 HOH 52  352 76  HOH HOH A . 
C 3 HOH 53  353 58  HOH HOH A . 
C 3 HOH 54  354 125 HOH HOH A . 
C 3 HOH 55  355 77  HOH HOH A . 
C 3 HOH 56  356 97  HOH HOH A . 
C 3 HOH 57  357 121 HOH HOH A . 
C 3 HOH 58  358 105 HOH HOH A . 
C 3 HOH 59  359 61  HOH HOH A . 
C 3 HOH 60  360 26  HOH HOH A . 
C 3 HOH 61  361 82  HOH HOH A . 
C 3 HOH 62  362 37  HOH HOH A . 
C 3 HOH 63  363 29  HOH HOH A . 
C 3 HOH 64  364 111 HOH HOH A . 
C 3 HOH 65  365 83  HOH HOH A . 
C 3 HOH 66  366 143 HOH HOH A . 
C 3 HOH 67  367 68  HOH HOH A . 
C 3 HOH 68  368 141 HOH HOH A . 
C 3 HOH 69  369 117 HOH HOH A . 
C 3 HOH 70  370 184 HOH HOH A . 
C 3 HOH 71  371 24  HOH HOH A . 
C 3 HOH 72  372 31  HOH HOH A . 
C 3 HOH 73  373 182 HOH HOH A . 
C 3 HOH 74  374 38  HOH HOH A . 
C 3 HOH 75  375 41  HOH HOH A . 
C 3 HOH 76  376 56  HOH HOH A . 
C 3 HOH 77  377 10  HOH HOH A . 
C 3 HOH 78  378 22  HOH HOH A . 
C 3 HOH 79  379 132 HOH HOH A . 
C 3 HOH 80  380 181 HOH HOH A . 
C 3 HOH 81  381 40  HOH HOH A . 
C 3 HOH 82  382 59  HOH HOH A . 
C 3 HOH 83  383 33  HOH HOH A . 
C 3 HOH 84  384 153 HOH HOH A . 
C 3 HOH 85  385 6   HOH HOH A . 
C 3 HOH 86  386 66  HOH HOH A . 
C 3 HOH 87  387 16  HOH HOH A . 
C 3 HOH 88  388 80  HOH HOH A . 
C 3 HOH 89  389 15  HOH HOH A . 
C 3 HOH 90  390 67  HOH HOH A . 
C 3 HOH 91  391 71  HOH HOH A . 
C 3 HOH 92  392 14  HOH HOH A . 
C 3 HOH 93  393 25  HOH HOH A . 
C 3 HOH 94  394 63  HOH HOH A . 
C 3 HOH 95  395 57  HOH HOH A . 
C 3 HOH 96  396 18  HOH HOH A . 
C 3 HOH 97  397 36  HOH HOH A . 
C 3 HOH 98  398 81  HOH HOH A . 
C 3 HOH 99  399 75  HOH HOH A . 
C 3 HOH 100 400 42  HOH HOH A . 
C 3 HOH 101 401 108 HOH HOH A . 
C 3 HOH 102 402 89  HOH HOH A . 
C 3 HOH 103 403 45  HOH HOH A . 
C 3 HOH 104 404 177 HOH HOH A . 
C 3 HOH 105 405 85  HOH HOH A . 
C 3 HOH 106 406 91  HOH HOH A . 
C 3 HOH 107 407 122 HOH HOH A . 
C 3 HOH 108 408 175 HOH HOH A . 
C 3 HOH 109 409 50  HOH HOH A . 
C 3 HOH 110 410 126 HOH HOH A . 
C 3 HOH 111 411 102 HOH HOH A . 
C 3 HOH 112 412 94  HOH HOH A . 
C 3 HOH 113 413 51  HOH HOH A . 
C 3 HOH 114 414 13  HOH HOH A . 
C 3 HOH 115 415 35  HOH HOH A . 
C 3 HOH 116 416 147 HOH HOH A . 
C 3 HOH 117 417 104 HOH HOH A . 
C 3 HOH 118 418 154 HOH HOH A . 
C 3 HOH 119 419 149 HOH HOH A . 
C 3 HOH 120 420 162 HOH HOH A . 
C 3 HOH 121 421 113 HOH HOH A . 
C 3 HOH 122 422 167 HOH HOH A . 
C 3 HOH 123 423 124 HOH HOH A . 
C 3 HOH 124 424 54  HOH HOH A . 
C 3 HOH 125 425 160 HOH HOH A . 
C 3 HOH 126 426 86  HOH HOH A . 
C 3 HOH 127 427 107 HOH HOH A . 
C 3 HOH 128 428 116 HOH HOH A . 
C 3 HOH 129 429 114 HOH HOH A . 
C 3 HOH 130 430 137 HOH HOH A . 
C 3 HOH 131 431 20  HOH HOH A . 
C 3 HOH 132 432 145 HOH HOH A . 
C 3 HOH 133 433 133 HOH HOH A . 
C 3 HOH 134 434 101 HOH HOH A . 
C 3 HOH 135 435 157 HOH HOH A . 
C 3 HOH 136 436 178 HOH HOH A . 
C 3 HOH 137 437 180 HOH HOH A . 
C 3 HOH 138 438 73  HOH HOH A . 
C 3 HOH 139 439 164 HOH HOH A . 
C 3 HOH 140 440 151 HOH HOH A . 
C 3 HOH 141 441 150 HOH HOH A . 
C 3 HOH 142 442 119 HOH HOH A . 
C 3 HOH 143 443 62  HOH HOH A . 
C 3 HOH 144 444 135 HOH HOH A . 
C 3 HOH 145 445 161 HOH HOH A . 
C 3 HOH 146 446 123 HOH HOH A . 
C 3 HOH 147 447 138 HOH HOH A . 
C 3 HOH 148 448 158 HOH HOH A . 
C 3 HOH 149 449 106 HOH HOH A . 
C 3 HOH 150 450 179 HOH HOH A . 
C 3 HOH 151 451 156 HOH HOH A . 
C 3 HOH 152 452 163 HOH HOH A . 
C 3 HOH 153 453 112 HOH HOH A . 
C 3 HOH 154 454 136 HOH HOH A . 
C 3 HOH 155 455 43  HOH HOH A . 
C 3 HOH 156 456 146 HOH HOH A . 
C 3 HOH 157 457 88  HOH HOH A . 
C 3 HOH 158 458 65  HOH HOH A . 
C 3 HOH 159 459 115 HOH HOH A . 
C 3 HOH 160 460 140 HOH HOH A . 
C 3 HOH 161 461 55  HOH HOH A . 
C 3 HOH 162 462 144 HOH HOH A . 
# 
loop_
_pdbx_unobs_or_zero_occ_atoms.id 
_pdbx_unobs_or_zero_occ_atoms.PDB_model_num 
_pdbx_unobs_or_zero_occ_atoms.polymer_flag 
_pdbx_unobs_or_zero_occ_atoms.occupancy_flag 
_pdbx_unobs_or_zero_occ_atoms.auth_asym_id 
_pdbx_unobs_or_zero_occ_atoms.auth_comp_id 
_pdbx_unobs_or_zero_occ_atoms.auth_seq_id 
_pdbx_unobs_or_zero_occ_atoms.PDB_ins_code 
_pdbx_unobs_or_zero_occ_atoms.auth_atom_id 
_pdbx_unobs_or_zero_occ_atoms.label_alt_id 
_pdbx_unobs_or_zero_occ_atoms.label_asym_id 
_pdbx_unobs_or_zero_occ_atoms.label_comp_id 
_pdbx_unobs_or_zero_occ_atoms.label_seq_id 
_pdbx_unobs_or_zero_occ_atoms.label_atom_id 
1  1 Y 1 A ARG 21  ? NE  ? A ARG 21  NE  
2  1 Y 1 A ARG 21  ? CZ  ? A ARG 21  CZ  
3  1 Y 1 A ARG 21  ? NH1 ? A ARG 21  NH1 
4  1 Y 1 A ARG 21  ? NH2 ? A ARG 21  NH2 
5  1 Y 1 A ARG 73  ? CG  ? A ARG 73  CG  
6  1 Y 1 A ARG 73  ? CD  ? A ARG 73  CD  
7  1 Y 1 A ARG 73  ? NE  ? A ARG 73  NE  
8  1 Y 1 A ARG 73  ? CZ  ? A ARG 73  CZ  
9  1 Y 1 A ARG 73  ? NH1 ? A ARG 73  NH1 
10 1 Y 1 A ARG 73  ? NH2 ? A ARG 73  NH2 
11 1 Y 1 A LYS 97  ? CD  ? A LYS 97  CD  
12 1 Y 1 A LYS 97  ? CE  ? A LYS 97  CE  
13 1 Y 1 A LYS 97  ? NZ  ? A LYS 97  NZ  
14 1 Y 1 A GLN 121 ? CG  ? A GLN 121 CG  
15 1 Y 1 A GLN 121 ? CD  ? A GLN 121 CD  
16 1 Y 1 A GLN 121 ? OE1 ? A GLN 121 OE1 
17 1 Y 1 A GLN 121 ? NE2 ? A GLN 121 NE2 
18 1 Y 1 A ARG 125 ? CG  ? A ARG 125 CG  
19 1 Y 1 A ARG 125 ? CD  ? A ARG 125 CD  
20 1 Y 1 A ARG 125 ? NE  ? A ARG 125 NE  
21 1 Y 1 A ARG 125 ? CZ  ? A ARG 125 CZ  
22 1 Y 1 A ARG 125 ? NH1 ? A ARG 125 NH1 
23 1 Y 1 A ARG 125 ? NH2 ? A ARG 125 NH2 
# 
loop_
_software.citation_id 
_software.classification 
_software.compiler_name 
_software.compiler_version 
_software.contact_author 
_software.contact_author_email 
_software.date 
_software.description 
_software.dependencies 
_software.hardware 
_software.language 
_software.location 
_software.mods 
_software.name 
_software.os 
_software.os_version 
_software.type 
_software.version 
_software.pdbx_ordinal 
? refinement        ? ? ? ? ? ? ? ? ? ? ? PHENIX        ? ? ? 1.16_3549 1 
? 'data reduction'  ? ? ? ? ? ? ? ? ? ? ? XDS           ? ? ? .         2 
? 'data scaling'    ? ? ? ? ? ? ? ? ? ? ? Aimless       ? ? ? 0.5.25    3 
? phasing           ? ? ? ? ? ? ? ? ? ? ? Auto-Rickshaw ? ? ? .         4 
? phasing           ? ? ? ? ? ? ? ? ? ? ? SHELXD        ? ? ? 2011/5    5 
? 'data extraction' ? ? ? ? ? ? ? ? ? ? ? PDB_EXTRACT   ? ? ? 3.25      6 
# 
_cell.angle_alpha                  90.000 
_cell.angle_alpha_esd              ? 
_cell.angle_beta                   90.000 
_cell.angle_beta_esd               ? 
_cell.angle_gamma                  90.000 
_cell.angle_gamma_esd              ? 
_cell.entry_id                     7KH5 
_cell.details                      ? 
_cell.formula_units_Z              ? 
_cell.length_a                     77.987 
_cell.length_a_esd                 ? 
_cell.length_b                     77.987 
_cell.length_b_esd                 ? 
_cell.length_c                     37.757 
_cell.length_c_esd                 ? 
_cell.volume                       ? 
_cell.volume_esd                   ? 
_cell.Z_PDB                        8 
_cell.reciprocal_angle_alpha       ? 
_cell.reciprocal_angle_beta        ? 
_cell.reciprocal_angle_gamma       ? 
_cell.reciprocal_angle_alpha_esd   ? 
_cell.reciprocal_angle_beta_esd    ? 
_cell.reciprocal_angle_gamma_esd   ? 
_cell.reciprocal_length_a          ? 
_cell.reciprocal_length_b          ? 
_cell.reciprocal_length_c          ? 
_cell.reciprocal_length_a_esd      ? 
_cell.reciprocal_length_b_esd      ? 
_cell.reciprocal_length_c_esd      ? 
_cell.pdbx_unique_axis             ? 
# 
_symmetry.entry_id                         7KH5 
_symmetry.cell_setting                     ? 
_symmetry.Int_Tables_number                96 
_symmetry.space_group_name_Hall            ? 
_symmetry.space_group_name_H-M             'P 43 21 2' 
_symmetry.pdbx_full_space_group_name_H-M   ? 
# 
_exptl.absorpt_coefficient_mu     ? 
_exptl.absorpt_correction_T_max   ? 
_exptl.absorpt_correction_T_min   ? 
_exptl.absorpt_correction_type    ? 
_exptl.absorpt_process_details    ? 
_exptl.entry_id                   7KH5 
_exptl.crystals_number            1 
_exptl.details                    ? 
_exptl.method                     'X-RAY DIFFRACTION' 
_exptl.method_details             ? 
# 
_exptl_crystal.colour                      ? 
_exptl_crystal.density_diffrn              ? 
_exptl_crystal.density_Matthews            2.00 
_exptl_crystal.density_method              ? 
_exptl_crystal.density_percent_sol         38.59 
_exptl_crystal.description                 ? 
_exptl_crystal.F_000                       ? 
_exptl_crystal.id                          1 
_exptl_crystal.preparation                 ? 
_exptl_crystal.size_max                    ? 
_exptl_crystal.size_mid                    ? 
_exptl_crystal.size_min                    ? 
_exptl_crystal.size_rad                    ? 
_exptl_crystal.colour_lustre               ? 
_exptl_crystal.colour_modifier             ? 
_exptl_crystal.colour_primary              ? 
_exptl_crystal.density_meas                ? 
_exptl_crystal.density_meas_esd            ? 
_exptl_crystal.density_meas_gt             ? 
_exptl_crystal.density_meas_lt             ? 
_exptl_crystal.density_meas_temp           ? 
_exptl_crystal.density_meas_temp_esd       ? 
_exptl_crystal.density_meas_temp_gt        ? 
_exptl_crystal.density_meas_temp_lt        ? 
_exptl_crystal.pdbx_crystal_image_url      ? 
_exptl_crystal.pdbx_crystal_image_format   ? 
_exptl_crystal.pdbx_mosaicity              ? 
_exptl_crystal.pdbx_mosaicity_esd          ? 
# 
_exptl_crystal_grow.apparatus       ? 
_exptl_crystal_grow.atmosphere      ? 
_exptl_crystal_grow.crystal_id      1 
_exptl_crystal_grow.details         ? 
_exptl_crystal_grow.method          'VAPOR DIFFUSION, SITTING DROP' 
_exptl_crystal_grow.method_ref      ? 
_exptl_crystal_grow.pH              ? 
_exptl_crystal_grow.pressure        ? 
_exptl_crystal_grow.pressure_esd    ? 
_exptl_crystal_grow.seeding         ? 
_exptl_crystal_grow.seeding_ref     ? 
_exptl_crystal_grow.temp            289.15 
_exptl_crystal_grow.temp_details    ? 
_exptl_crystal_grow.temp_esd        ? 
_exptl_crystal_grow.time            ? 
_exptl_crystal_grow.pdbx_details    '0.2 M Potassium sulfate, 20% w/v Polyethylene glycol 3,350' 
_exptl_crystal_grow.pdbx_pH_range   ? 
# 
loop_
_diffrn.ambient_environment 
_diffrn.ambient_temp 
_diffrn.ambient_temp_details 
_diffrn.ambient_temp_esd 
_diffrn.crystal_id 
_diffrn.crystal_support 
_diffrn.crystal_treatment 
_diffrn.details 
_diffrn.id 
_diffrn.ambient_pressure 
_diffrn.ambient_pressure_esd 
_diffrn.ambient_pressure_gt 
_diffrn.ambient_pressure_lt 
_diffrn.ambient_temp_gt 
_diffrn.ambient_temp_lt 
_diffrn.pdbx_serial_crystal_experiment 
? 100 ? ? 1 ? ? ? 1 ? ? ? ? ? ? N 
? 100 ? ? 1 ? ? ? 2 ? ? ? ? ? ? N 
# 
loop_
_diffrn_detector.details 
_diffrn_detector.detector 
_diffrn_detector.diffrn_id 
_diffrn_detector.type 
_diffrn_detector.area_resol_mean 
_diffrn_detector.dtime 
_diffrn_detector.pdbx_frames_total 
_diffrn_detector.pdbx_collection_time_total 
_diffrn_detector.pdbx_collection_date 
_diffrn_detector.pdbx_frequency 
? PIXEL 1 'DECTRIS EIGER X 16M' ? ? ? ? 2019-03-31 ? 
? PIXEL 2 'DECTRIS EIGER X 16M' ? ? ? ? 2019-03-31 ? 
# 
loop_
_diffrn_radiation.collimation 
_diffrn_radiation.diffrn_id 
_diffrn_radiation.filter_edge 
_diffrn_radiation.inhomogeneity 
_diffrn_radiation.monochromator 
_diffrn_radiation.polarisn_norm 
_diffrn_radiation.polarisn_ratio 
_diffrn_radiation.probe 
_diffrn_radiation.type 
_diffrn_radiation.xray_symbol 
_diffrn_radiation.wavelength_id 
_diffrn_radiation.pdbx_monochromatic_or_laue_m_l 
_diffrn_radiation.pdbx_wavelength_list 
_diffrn_radiation.pdbx_wavelength 
_diffrn_radiation.pdbx_diffrn_protocol 
_diffrn_radiation.pdbx_analyzer 
_diffrn_radiation.pdbx_scattering_type 
? 1 ? ? ? ? ? ? ? ? 1 M ? ? MAD ? x-ray 
? 2 ? ? ? ? ? ? ? ? 2 M ? ? MAD ? x-ray 
# 
loop_
_diffrn_radiation_wavelength.id 
_diffrn_radiation_wavelength.wavelength 
_diffrn_radiation_wavelength.wt 
1 0.91960 1.0 
2 0.9200  1.0 
# 
loop_
_diffrn_source.current 
_diffrn_source.details 
_diffrn_source.diffrn_id 
_diffrn_source.power 
_diffrn_source.size 
_diffrn_source.source 
_diffrn_source.target 
_diffrn_source.type 
_diffrn_source.voltage 
_diffrn_source.take-off_angle 
_diffrn_source.pdbx_wavelength_list 
_diffrn_source.pdbx_wavelength 
_diffrn_source.pdbx_synchrotron_beamline 
_diffrn_source.pdbx_synchrotron_site 
? ? 1 ? ? SYNCHROTRON ? 'AUSTRALIAN SYNCHROTRON BEAMLINE MX2' ? ? 0.91960 ? MX2 'Australian Synchrotron' 
? ? 2 ? ? SYNCHROTRON ? 'AUSTRALIAN SYNCHROTRON BEAMLINE MX2' ? ? 0.9200  ? MX2 'Australian Synchrotron' 
# 
loop_
_reflns.B_iso_Wilson_estimate 
_reflns.entry_id 
_reflns.data_reduction_details 
_reflns.data_reduction_method 
_reflns.d_resolution_high 
_reflns.d_resolution_low 
_reflns.details 
_reflns.limit_h_max 
_reflns.limit_h_min 
_reflns.limit_k_max 
_reflns.limit_k_min 
_reflns.limit_l_max 
_reflns.limit_l_min 
_reflns.number_all 
_reflns.number_obs 
_reflns.observed_criterion 
_reflns.observed_criterion_F_max 
_reflns.observed_criterion_F_min 
_reflns.observed_criterion_I_max 
_reflns.observed_criterion_I_min 
_reflns.observed_criterion_sigma_F 
_reflns.observed_criterion_sigma_I 
_reflns.percent_possible_obs 
_reflns.R_free_details 
_reflns.Rmerge_F_all 
_reflns.Rmerge_F_obs 
_reflns.Friedel_coverage 
_reflns.number_gt 
_reflns.threshold_expression 
_reflns.pdbx_redundancy 
_reflns.pdbx_Rmerge_I_obs 
_reflns.pdbx_Rmerge_I_all 
_reflns.pdbx_Rsym_value 
_reflns.pdbx_netI_over_av_sigmaI 
_reflns.pdbx_netI_over_sigmaI 
_reflns.pdbx_res_netI_over_av_sigmaI_2 
_reflns.pdbx_res_netI_over_sigmaI_2 
_reflns.pdbx_chi_squared 
_reflns.pdbx_scaling_rejects 
_reflns.pdbx_d_res_high_opt 
_reflns.pdbx_d_res_low_opt 
_reflns.pdbx_d_res_opt_method 
_reflns.phase_calculation_details 
_reflns.pdbx_Rrim_I_all 
_reflns.pdbx_Rpim_I_all 
_reflns.pdbx_d_opt 
_reflns.pdbx_number_measured_all 
_reflns.pdbx_diffrn_id 
_reflns.pdbx_ordinal 
_reflns.pdbx_CC_half 
_reflns.pdbx_CC_star 
_reflns.pdbx_R_split 
? 7KH5 ? ? 1.2950 38.990 ? ? ? ? ? ? ? ? 29530 ? ? ? ? ? ? ? 99.800 ? ? ? ? ? ? 24.900 0.051 ? ? ? 31.000 ? ? ? ? ? ? ? ? 0.052 
0.010 ? ? 1 1 0.999 ? ? 
? 7KH5 ? ? 1.280  38.990 ? ? ? ? ? ? ? ? 30377 ? ? ? ? ? ? ? 99.80  ? ? ? ? ? ? 24.800 0.049 ? ? ? 30.900 ? ? ? ? ? ? ? ? 0.050 
0.010 ? ? 2 2 1.00  ? ? 
# 
loop_
_reflns_shell.d_res_high 
_reflns_shell.d_res_low 
_reflns_shell.meanI_over_sigI_all 
_reflns_shell.meanI_over_sigI_obs 
_reflns_shell.number_measured_all 
_reflns_shell.number_measured_obs 
_reflns_shell.number_possible 
_reflns_shell.number_unique_all 
_reflns_shell.number_unique_obs 
_reflns_shell.percent_possible_all 
_reflns_shell.percent_possible_obs 
_reflns_shell.Rmerge_F_all 
_reflns_shell.Rmerge_F_obs 
_reflns_shell.Rmerge_I_all 
_reflns_shell.Rmerge_I_obs 
_reflns_shell.meanI_over_sigI_gt 
_reflns_shell.meanI_over_uI_all 
_reflns_shell.meanI_over_uI_gt 
_reflns_shell.number_measured_gt 
_reflns_shell.number_unique_gt 
_reflns_shell.percent_possible_gt 
_reflns_shell.Rmerge_F_gt 
_reflns_shell.Rmerge_I_gt 
_reflns_shell.pdbx_redundancy 
_reflns_shell.pdbx_Rsym_value 
_reflns_shell.pdbx_chi_squared 
_reflns_shell.pdbx_netI_over_sigmaI_all 
_reflns_shell.pdbx_netI_over_sigmaI_obs 
_reflns_shell.pdbx_Rrim_I_all 
_reflns_shell.pdbx_Rpim_I_all 
_reflns_shell.pdbx_rejects 
_reflns_shell.pdbx_ordinal 
_reflns_shell.pdbx_diffrn_id 
_reflns_shell.pdbx_CC_half 
_reflns_shell.pdbx_CC_star 
_reflns_shell.pdbx_R_split 
1.2950 1.320  ? ? ? ? ? ? 1477 97.100 ? ? ? ? 1.482 ? ? ? ? ? ? ? ? 21.800 ? ? ? ? 1.516 0.318 ? 1 1 0.777 ? ? 
6.850  38.990 ? ? ? ? ? ? 249  97.400 ? ? ? ? 0.044 ? ? ? ? ? ? ? ? 19.500 ? ? ? ? 0.045 0.010 ? 2 1 0.994 ? ? 
1.280  1.300  ? ? ? ? ? ? 1428 96.200 ? ? ? ? 1.479 ? ? ? ? ? ? ? ? 21.8   ? ? ? ? 1.513 0.317 ? 3 2 0.761 ? ? 
7.030  38.990 ? ? ? ? ? ? 232  96.700 ? ? ? ? 0.041 ? ? ? ? ? ? ? ? 19.100 ? ? ? ? 0.043 0.010 ? 4 2 0.999 ? ? 
# 
_refine.aniso_B[1][1]                            ? 
_refine.aniso_B[1][2]                            ? 
_refine.aniso_B[1][3]                            ? 
_refine.aniso_B[2][2]                            ? 
_refine.aniso_B[2][3]                            ? 
_refine.aniso_B[3][3]                            ? 
_refine.B_iso_max                                53.900 
_refine.B_iso_mean                               25.2258 
_refine.B_iso_min                                14.740 
_refine.correlation_coeff_Fo_to_Fc               ? 
_refine.correlation_coeff_Fo_to_Fc_free          ? 
_refine.details                                  ? 
_refine.diff_density_max                         ? 
_refine.diff_density_max_esd                     ? 
_refine.diff_density_min                         ? 
_refine.diff_density_min_esd                     ? 
_refine.diff_density_rms                         ? 
_refine.diff_density_rms_esd                     ? 
_refine.entry_id                                 7KH5 
_refine.pdbx_refine_id                           'X-RAY DIFFRACTION' 
_refine.ls_abs_structure_details                 ? 
_refine.ls_abs_structure_Flack                   ? 
_refine.ls_abs_structure_Flack_esd               ? 
_refine.ls_abs_structure_Rogers                  ? 
_refine.ls_abs_structure_Rogers_esd              ? 
_refine.ls_d_res_high                            1.2950 
_refine.ls_d_res_low                             27.1250 
_refine.ls_extinction_coef                       ? 
_refine.ls_extinction_coef_esd                   ? 
_refine.ls_extinction_expression                 ? 
_refine.ls_extinction_method                     ? 
_refine.ls_goodness_of_fit_all                   ? 
_refine.ls_goodness_of_fit_all_esd               ? 
_refine.ls_goodness_of_fit_obs                   ? 
_refine.ls_goodness_of_fit_obs_esd               ? 
_refine.ls_hydrogen_treatment                    ? 
_refine.ls_matrix_type                           ? 
_refine.ls_number_constraints                    ? 
_refine.ls_number_parameters                     ? 
_refine.ls_number_reflns_all                     ? 
_refine.ls_number_reflns_obs                     55210 
_refine.ls_number_reflns_R_free                  1837 
_refine.ls_number_reflns_R_work                  53373 
_refine.ls_number_restraints                     ? 
_refine.ls_percent_reflns_obs                    99.7700 
_refine.ls_percent_reflns_R_free                 3.3300 
_refine.ls_R_factor_all                          ? 
_refine.ls_R_factor_obs                          0.1947 
_refine.ls_R_factor_R_free                       0.2235 
_refine.ls_R_factor_R_free_error                 ? 
_refine.ls_R_factor_R_free_error_details         ? 
_refine.ls_R_factor_R_work                       0.1938 
_refine.ls_R_Fsqd_factor_obs                     ? 
_refine.ls_R_I_factor_obs                        ? 
_refine.ls_redundancy_reflns_all                 ? 
_refine.ls_redundancy_reflns_obs                 ? 
_refine.ls_restrained_S_all                      ? 
_refine.ls_restrained_S_obs                      ? 
_refine.ls_shift_over_esd_max                    ? 
_refine.ls_shift_over_esd_mean                   ? 
_refine.ls_structure_factor_coef                 ? 
_refine.ls_weighting_details                     ? 
_refine.ls_weighting_scheme                      ? 
_refine.ls_wR_factor_all                         ? 
_refine.ls_wR_factor_obs                         ? 
_refine.ls_wR_factor_R_free                      ? 
_refine.ls_wR_factor_R_work                      ? 
_refine.occupancy_max                            ? 
_refine.occupancy_min                            ? 
_refine.solvent_model_details                    'FLAT BULK SOLVENT MODEL' 
_refine.solvent_model_param_bsol                 ? 
_refine.solvent_model_param_ksol                 ? 
_refine.pdbx_R_complete                          ? 
_refine.ls_R_factor_gt                           ? 
_refine.ls_goodness_of_fit_gt                    ? 
_refine.ls_goodness_of_fit_ref                   ? 
_refine.ls_shift_over_su_max                     ? 
_refine.ls_shift_over_su_max_lt                  ? 
_refine.ls_shift_over_su_mean                    ? 
_refine.ls_shift_over_su_mean_lt                 ? 
_refine.pdbx_ls_sigma_I                          ? 
_refine.pdbx_ls_sigma_F                          1.920 
_refine.pdbx_ls_sigma_Fsqd                       ? 
_refine.pdbx_data_cutoff_high_absF               ? 
_refine.pdbx_data_cutoff_high_rms_absF           ? 
_refine.pdbx_data_cutoff_low_absF                ? 
_refine.pdbx_isotropic_thermal_model             ? 
_refine.pdbx_ls_cross_valid_method               THROUGHOUT 
_refine.pdbx_method_to_determine_struct          MAD 
_refine.pdbx_starting_model                      ? 
_refine.pdbx_stereochemistry_target_values       ML 
_refine.pdbx_R_Free_selection_details            ? 
_refine.pdbx_stereochem_target_val_spec_case     ? 
_refine.pdbx_overall_ESU_R                       ? 
_refine.pdbx_overall_ESU_R_Free                  ? 
_refine.pdbx_solvent_vdw_probe_radii             1.1100 
_refine.pdbx_solvent_ion_probe_radii             ? 
_refine.pdbx_solvent_shrinkage_radii             0.9000 
_refine.pdbx_real_space_R                        ? 
_refine.pdbx_density_correlation                 ? 
_refine.pdbx_pd_number_of_powder_patterns        ? 
_refine.pdbx_pd_number_of_points                 ? 
_refine.pdbx_pd_meas_number_of_points            ? 
_refine.pdbx_pd_proc_ls_prof_R_factor            ? 
_refine.pdbx_pd_proc_ls_prof_wR_factor           ? 
_refine.pdbx_pd_Marquardt_correlation_coeff      ? 
_refine.pdbx_pd_Fsqrd_R_factor                   ? 
_refine.pdbx_pd_ls_matrix_band_width             ? 
_refine.pdbx_overall_phase_error                 23.4200 
_refine.pdbx_overall_SU_R_free_Cruickshank_DPI   ? 
_refine.pdbx_overall_SU_R_free_Blow_DPI          ? 
_refine.pdbx_overall_SU_R_Blow_DPI               ? 
_refine.pdbx_TLS_residual_ADP_flag               ? 
_refine.pdbx_diffrn_id                           1 
_refine.overall_SU_B                             ? 
_refine.overall_SU_ML                            0.1500 
_refine.overall_SU_R_Cruickshank_DPI             ? 
_refine.overall_SU_R_free                        ? 
_refine.overall_FOM_free_R_set                   ? 
_refine.overall_FOM_work_R_set                   ? 
_refine.pdbx_average_fsc_overall                 ? 
_refine.pdbx_average_fsc_work                    ? 
_refine.pdbx_average_fsc_free                    ? 
# 
_refine_hist.pdbx_refine_id                   'X-RAY DIFFRACTION' 
_refine_hist.cycle_id                         final 
_refine_hist.details                          ? 
_refine_hist.d_res_high                       1.2950 
_refine_hist.d_res_low                        27.1250 
_refine_hist.number_atoms_solvent             162 
_refine_hist.number_atoms_total               1155 
_refine_hist.number_reflns_all                ? 
_refine_hist.number_reflns_obs                ? 
_refine_hist.number_reflns_R_free             ? 
_refine_hist.number_reflns_R_work             ? 
_refine_hist.R_factor_all                     ? 
_refine_hist.R_factor_obs                     ? 
_refine_hist.R_factor_R_free                  ? 
_refine_hist.R_factor_R_work                  ? 
_refine_hist.pdbx_number_residues_total       129 
_refine_hist.pdbx_B_iso_mean_ligand           31.14 
_refine_hist.pdbx_B_iso_mean_solvent          35.22 
_refine_hist.pdbx_number_atoms_protein        977 
_refine_hist.pdbx_number_atoms_nucleic_acid   0 
_refine_hist.pdbx_number_atoms_ligand         16 
_refine_hist.pdbx_number_atoms_lipid          ? 
_refine_hist.pdbx_number_atoms_carb           ? 
_refine_hist.pdbx_pseudo_atom_details         ? 
# 
loop_
_refine_ls_shell.pdbx_refine_id 
_refine_ls_shell.d_res_high 
_refine_ls_shell.d_res_low 
_refine_ls_shell.number_reflns_all 
_refine_ls_shell.number_reflns_obs 
_refine_ls_shell.number_reflns_R_free 
_refine_ls_shell.number_reflns_R_work 
_refine_ls_shell.percent_reflns_obs 
_refine_ls_shell.percent_reflns_R_free 
_refine_ls_shell.R_factor_all 
_refine_ls_shell.R_factor_obs 
_refine_ls_shell.R_factor_R_free 
_refine_ls_shell.R_factor_R_free_error 
_refine_ls_shell.R_factor_R_work 
_refine_ls_shell.redundancy_reflns_all 
_refine_ls_shell.redundancy_reflns_obs 
_refine_ls_shell.wR_factor_all 
_refine_ls_shell.wR_factor_obs 
_refine_ls_shell.wR_factor_R_free 
_refine_ls_shell.wR_factor_R_work 
_refine_ls_shell.pdbx_R_complete 
_refine_ls_shell.pdbx_total_number_of_bins_used 
_refine_ls_shell.pdbx_phase_error 
_refine_ls_shell.pdbx_fsc_work 
_refine_ls_shell.pdbx_fsc_free 
'X-RAY DIFFRACTION' 1.2951 1.3301  . . 159 3946 97.0000  . . . 0.3374 0.0000 0.3089 . . . . . . . . . . . 
'X-RAY DIFFRACTION' 1.3301 1.3693  . . 157 4085 100.0000 . . . 0.3780 0.0000 0.2832 . . . . . . . . . . . 
'X-RAY DIFFRACTION' 1.3693 1.4135  . . 153 4109 100.0000 . . . 0.2482 0.0000 0.2691 . . . . . . . . . . . 
'X-RAY DIFFRACTION' 1.4135 1.4640  . . 143 4124 100.0000 . . . 0.2977 0.0000 0.2493 . . . . . . . . . . . 
'X-RAY DIFFRACTION' 1.4640 1.5226  . . 125 4130 100.0000 . . . 0.2540 0.0000 0.2375 . . . . . . . . . . . 
'X-RAY DIFFRACTION' 1.5226 1.5919  . . 170 4107 100.0000 . . . 0.2798 0.0000 0.2376 . . . . . . . . . . . 
'X-RAY DIFFRACTION' 1.5919 1.6758  . . 108 4126 100.0000 . . . 0.3206 0.0000 0.2226 . . . . . . . . . . . 
'X-RAY DIFFRACTION' 1.6758 1.7808  . . 126 4156 100.0000 . . . 0.2042 0.0000 0.2138 . . . . . . . . . . . 
'X-RAY DIFFRACTION' 1.7808 1.9182  . . 126 4129 100.0000 . . . 0.2352 0.0000 0.2118 . . . . . . . . . . . 
'X-RAY DIFFRACTION' 1.9182 2.1112  . . 156 4102 100.0000 . . . 0.2549 0.0000 0.1975 . . . . . . . . . . . 
'X-RAY DIFFRACTION' 2.1112 2.4165  . . 154 4095 100.0000 . . . 0.2169 0.0000 0.1894 . . . . . . . . . . . 
'X-RAY DIFFRACTION' 2.4165 3.0439  . . 138 4115 100.0000 . . . 0.1983 0.0000 0.1925 . . . . . . . . . . . 
'X-RAY DIFFRACTION' 3.0439 27.1250 . . 122 4149 100.0000 . . . 0.1885 0.0000 0.1654 . . . . . . . . . . . 
# 
_struct.entry_id                     7KH5 
_struct.title                        'Hen Egg White Lysozyme in complex with tetrabromoterephthalic acid' 
_struct.pdbx_model_details           ? 
_struct.pdbx_formula_weight          ? 
_struct.pdbx_formula_weight_method   ? 
_struct.pdbx_model_type_details      ? 
_struct.pdbx_CASP_flag               N 
# 
_struct_keywords.entry_id        7KH5 
_struct_keywords.text            'Lyzozyme, hydrolase, ANTIMICROBIAL PROTEIN' 
_struct_keywords.pdbx_keywords   'ANTIMICROBIAL PROTEIN,HYDROLASE' 
# 
loop_
_struct_asym.id 
_struct_asym.pdbx_blank_PDB_chainid_flag 
_struct_asym.pdbx_modified 
_struct_asym.entity_id 
_struct_asym.details 
A N N 1 ? 
B N N 2 ? 
C N N 3 ? 
# 
_struct_ref.id                         1 
_struct_ref.db_name                    UNP 
_struct_ref.db_code                    LYSC_CHICK 
_struct_ref.pdbx_db_accession          P00698 
_struct_ref.pdbx_db_isoform            ? 
_struct_ref.entity_id                  1 
_struct_ref.pdbx_seq_one_letter_code   
;KVFGRCELAAAMKRHGLDNYRGYSLGNWVCAAKFESNFNTQATNRNTDGSTDYGILQINSRWWCNDGRTPGSRNLCNIPC
SALLSSDITASVNCAKKIVSDGNGMNAWVAWRNRCKGTDVQAWIRGCRL
;
_struct_ref.pdbx_align_begin           19 
# 
_struct_ref_seq.align_id                      1 
_struct_ref_seq.ref_id                        1 
_struct_ref_seq.pdbx_PDB_id_code              7KH5 
_struct_ref_seq.pdbx_strand_id                A 
_struct_ref_seq.seq_align_beg                 1 
_struct_ref_seq.pdbx_seq_align_beg_ins_code   ? 
_struct_ref_seq.seq_align_end                 129 
_struct_ref_seq.pdbx_seq_align_end_ins_code   ? 
_struct_ref_seq.pdbx_db_accession             P00698 
_struct_ref_seq.db_align_beg                  19 
_struct_ref_seq.pdbx_db_align_beg_ins_code    ? 
_struct_ref_seq.db_align_end                  147 
_struct_ref_seq.pdbx_db_align_end_ins_code    ? 
_struct_ref_seq.pdbx_auth_seq_align_beg       1 
_struct_ref_seq.pdbx_auth_seq_align_end       129 
# 
_pdbx_struct_assembly.id                   1 
_pdbx_struct_assembly.details              author_and_software_defined_assembly 
_pdbx_struct_assembly.method_details       PISA 
_pdbx_struct_assembly.oligomeric_details   monomeric 
_pdbx_struct_assembly.oligomeric_count     1 
# 
_pdbx_struct_assembly_gen.assembly_id       1 
_pdbx_struct_assembly_gen.oper_expression   1 
_pdbx_struct_assembly_gen.asym_id_list      A,B,C 
# 
_pdbx_struct_assembly_auth_evidence.id                     1 
_pdbx_struct_assembly_auth_evidence.assembly_id            1 
_pdbx_struct_assembly_auth_evidence.experimental_support   none 
_pdbx_struct_assembly_auth_evidence.details                ? 
# 
_pdbx_struct_oper_list.id                   1 
_pdbx_struct_oper_list.type                 'identity operation' 
_pdbx_struct_oper_list.name                 1_555 
_pdbx_struct_oper_list.symmetry_operation   x,y,z 
_pdbx_struct_oper_list.matrix[1][1]         1.0000000000 
_pdbx_struct_oper_list.matrix[1][2]         0.0000000000 
_pdbx_struct_oper_list.matrix[1][3]         0.0000000000 
_pdbx_struct_oper_list.vector[1]            0.0000000000 
_pdbx_struct_oper_list.matrix[2][1]         0.0000000000 
_pdbx_struct_oper_list.matrix[2][2]         1.0000000000 
_pdbx_struct_oper_list.matrix[2][3]         0.0000000000 
_pdbx_struct_oper_list.vector[2]            0.0000000000 
_pdbx_struct_oper_list.matrix[3][1]         0.0000000000 
_pdbx_struct_oper_list.matrix[3][2]         0.0000000000 
_pdbx_struct_oper_list.matrix[3][3]         1.0000000000 
_pdbx_struct_oper_list.vector[3]            0.0000000000 
# 
loop_
_struct_conf.conf_type_id 
_struct_conf.id 
_struct_conf.pdbx_PDB_helix_id 
_struct_conf.beg_label_comp_id 
_struct_conf.beg_label_asym_id 
_struct_conf.beg_label_seq_id 
_struct_conf.pdbx_beg_PDB_ins_code 
_struct_conf.end_label_comp_id 
_struct_conf.end_label_asym_id 
_struct_conf.end_label_seq_id 
_struct_conf.pdbx_end_PDB_ins_code 
_struct_conf.beg_auth_comp_id 
_struct_conf.beg_auth_asym_id 
_struct_conf.beg_auth_seq_id 
_struct_conf.end_auth_comp_id 
_struct_conf.end_auth_asym_id 
_struct_conf.end_auth_seq_id 
_struct_conf.pdbx_PDB_helix_class 
_struct_conf.details 
_struct_conf.pdbx_PDB_helix_length 
HELX_P HELX_P1 AA1 GLY A 4   ? HIS A 15  ? GLY A 4   HIS A 15  1 ? 12 
HELX_P HELX_P2 AA2 ASN A 19  ? TYR A 23  ? ASN A 19  TYR A 23  5 ? 5  
HELX_P HELX_P3 AA3 SER A 24  ? ASN A 37  ? SER A 24  ASN A 37  1 ? 14 
HELX_P HELX_P4 AA4 PRO A 79  ? SER A 85  ? PRO A 79  SER A 85  5 ? 7  
HELX_P HELX_P5 AA5 ILE A 88  ? SER A 100 ? ILE A 88  SER A 100 1 ? 13 
HELX_P HELX_P6 AA6 ASN A 103 ? ALA A 107 ? ASN A 103 ALA A 107 5 ? 5  
HELX_P HELX_P7 AA7 TRP A 108 ? CYS A 115 ? TRP A 108 CYS A 115 1 ? 8  
HELX_P HELX_P8 AA8 ASP A 119 ? ARG A 125 ? ASP A 119 ARG A 125 5 ? 7  
# 
_struct_conf_type.id          HELX_P 
_struct_conf_type.criteria    ? 
_struct_conf_type.reference   ? 
# 
loop_
_struct_conn.id 
_struct_conn.conn_type_id 
_struct_conn.pdbx_leaving_atom_flag 
_struct_conn.pdbx_PDB_id 
_struct_conn.ptnr1_label_asym_id 
_struct_conn.ptnr1_label_comp_id 
_struct_conn.ptnr1_label_seq_id 
_struct_conn.ptnr1_label_atom_id 
_struct_conn.pdbx_ptnr1_label_alt_id 
_struct_conn.pdbx_ptnr1_PDB_ins_code 
_struct_conn.pdbx_ptnr1_standard_comp_id 
_struct_conn.ptnr1_symmetry 
_struct_conn.ptnr2_label_asym_id 
_struct_conn.ptnr2_label_comp_id 
_struct_conn.ptnr2_label_seq_id 
_struct_conn.ptnr2_label_atom_id 
_struct_conn.pdbx_ptnr2_label_alt_id 
_struct_conn.pdbx_ptnr2_PDB_ins_code 
_struct_conn.ptnr1_auth_asym_id 
_struct_conn.ptnr1_auth_comp_id 
_struct_conn.ptnr1_auth_seq_id 
_struct_conn.ptnr2_auth_asym_id 
_struct_conn.ptnr2_auth_comp_id 
_struct_conn.ptnr2_auth_seq_id 
_struct_conn.ptnr2_symmetry 
_struct_conn.pdbx_ptnr3_label_atom_id 
_struct_conn.pdbx_ptnr3_label_seq_id 
_struct_conn.pdbx_ptnr3_label_comp_id 
_struct_conn.pdbx_ptnr3_label_asym_id 
_struct_conn.pdbx_ptnr3_label_alt_id 
_struct_conn.pdbx_ptnr3_PDB_ins_code 
_struct_conn.details 
_struct_conn.pdbx_dist_value 
_struct_conn.pdbx_value_order 
_struct_conn.pdbx_role 
disulf1 disulf ? ? A CYS 6  SG ? ? ? 1_555 A CYS 127 SG ? ? A CYS 6  A CYS 127 1_555 ? ? ? ? ? ? ? 2.030 ? ? 
disulf2 disulf ? ? A CYS 30 SG ? ? ? 1_555 A CYS 115 SG ? ? A CYS 30 A CYS 115 1_555 ? ? ? ? ? ? ? 2.034 ? ? 
disulf3 disulf ? ? A CYS 64 SG ? ? ? 1_555 A CYS 80  SG ? ? A CYS 64 A CYS 80  1_555 ? ? ? ? ? ? ? 2.034 ? ? 
disulf4 disulf ? ? A CYS 76 SG ? ? ? 1_555 A CYS 94  SG ? ? A CYS 76 A CYS 94  1_555 ? ? ? ? ? ? ? 2.032 ? ? 
# 
_struct_conn_type.id          disulf 
_struct_conn_type.criteria    ? 
_struct_conn_type.reference   ? 
# 
loop_
_pdbx_modification_feature.ordinal 
_pdbx_modification_feature.label_comp_id 
_pdbx_modification_feature.label_asym_id 
_pdbx_modification_feature.label_seq_id 
_pdbx_modification_feature.label_alt_id 
_pdbx_modification_feature.modified_residue_label_comp_id 
_pdbx_modification_feature.modified_residue_label_asym_id 
_pdbx_modification_feature.modified_residue_label_seq_id 
_pdbx_modification_feature.modified_residue_label_alt_id 
_pdbx_modification_feature.auth_comp_id 
_pdbx_modification_feature.auth_asym_id 
_pdbx_modification_feature.auth_seq_id 
_pdbx_modification_feature.PDB_ins_code 
_pdbx_modification_feature.symmetry 
_pdbx_modification_feature.modified_residue_auth_comp_id 
_pdbx_modification_feature.modified_residue_auth_asym_id 
_pdbx_modification_feature.modified_residue_auth_seq_id 
_pdbx_modification_feature.modified_residue_PDB_ins_code 
_pdbx_modification_feature.modified_residue_symmetry 
_pdbx_modification_feature.comp_id_linking_atom 
_pdbx_modification_feature.modified_residue_id_linking_atom 
_pdbx_modification_feature.modified_residue_id 
_pdbx_modification_feature.ref_pcm_id 
_pdbx_modification_feature.ref_comp_id 
_pdbx_modification_feature.type 
_pdbx_modification_feature.category 
1 CYS A 6  ? CYS A 127 ? CYS A 6  ? 1_555 CYS A 127 ? 1_555 SG SG . . . None 'Disulfide bridge' 
2 CYS A 30 ? CYS A 115 ? CYS A 30 ? 1_555 CYS A 115 ? 1_555 SG SG . . . None 'Disulfide bridge' 
3 CYS A 64 ? CYS A 80  ? CYS A 64 ? 1_555 CYS A 80  ? 1_555 SG SG . . . None 'Disulfide bridge' 
4 CYS A 76 ? CYS A 94  ? CYS A 76 ? 1_555 CYS A 94  ? 1_555 SG SG . . . None 'Disulfide bridge' 
# 
_struct_sheet.id               AA1 
_struct_sheet.type             ? 
_struct_sheet.number_strands   3 
_struct_sheet.details          ? 
# 
loop_
_struct_sheet_order.sheet_id 
_struct_sheet_order.range_id_1 
_struct_sheet_order.range_id_2 
_struct_sheet_order.offset 
_struct_sheet_order.sense 
AA1 1 2 ? anti-parallel 
AA1 2 3 ? anti-parallel 
# 
loop_
_struct_sheet_range.sheet_id 
_struct_sheet_range.id 
_struct_sheet_range.beg_label_comp_id 
_struct_sheet_range.beg_label_asym_id 
_struct_sheet_range.beg_label_seq_id 
_struct_sheet_range.pdbx_beg_PDB_ins_code 
_struct_sheet_range.end_label_comp_id 
_struct_sheet_range.end_label_asym_id 
_struct_sheet_range.end_label_seq_id 
_struct_sheet_range.pdbx_end_PDB_ins_code 
_struct_sheet_range.beg_auth_comp_id 
_struct_sheet_range.beg_auth_asym_id 
_struct_sheet_range.beg_auth_seq_id 
_struct_sheet_range.end_auth_comp_id 
_struct_sheet_range.end_auth_asym_id 
_struct_sheet_range.end_auth_seq_id 
AA1 1 THR A 43 ? ARG A 45 ? THR A 43 ARG A 45 
AA1 2 THR A 51 ? TYR A 53 ? THR A 51 TYR A 53 
AA1 3 ILE A 58 ? ASN A 59 ? ILE A 58 ASN A 59 
# 
loop_
_pdbx_struct_sheet_hbond.sheet_id 
_pdbx_struct_sheet_hbond.range_id_1 
_pdbx_struct_sheet_hbond.range_id_2 
_pdbx_struct_sheet_hbond.range_1_label_atom_id 
_pdbx_struct_sheet_hbond.range_1_label_comp_id 
_pdbx_struct_sheet_hbond.range_1_label_asym_id 
_pdbx_struct_sheet_hbond.range_1_label_seq_id 
_pdbx_struct_sheet_hbond.range_1_PDB_ins_code 
_pdbx_struct_sheet_hbond.range_1_auth_atom_id 
_pdbx_struct_sheet_hbond.range_1_auth_comp_id 
_pdbx_struct_sheet_hbond.range_1_auth_asym_id 
_pdbx_struct_sheet_hbond.range_1_auth_seq_id 
_pdbx_struct_sheet_hbond.range_2_label_atom_id 
_pdbx_struct_sheet_hbond.range_2_label_comp_id 
_pdbx_struct_sheet_hbond.range_2_label_asym_id 
_pdbx_struct_sheet_hbond.range_2_label_seq_id 
_pdbx_struct_sheet_hbond.range_2_PDB_ins_code 
_pdbx_struct_sheet_hbond.range_2_auth_atom_id 
_pdbx_struct_sheet_hbond.range_2_auth_comp_id 
_pdbx_struct_sheet_hbond.range_2_auth_asym_id 
_pdbx_struct_sheet_hbond.range_2_auth_seq_id 
AA1 1 2 N ASN A 44 ? N ASN A 44 O ASP A 52 ? O ASP A 52 
AA1 2 3 N TYR A 53 ? N TYR A 53 O ILE A 58 ? O ILE A 58 
# 
_pdbx_entry_details.entry_id                   7KH5 
_pdbx_entry_details.nonpolymer_details         ? 
_pdbx_entry_details.sequence_details           ? 
_pdbx_entry_details.compound_details           ? 
_pdbx_entry_details.source_details             ? 
_pdbx_entry_details.has_ligand_of_interest     Y 
_pdbx_entry_details.has_protein_modification   Y 
# 
_pdbx_validate_close_contact.id               1 
_pdbx_validate_close_contact.PDB_model_num    1 
_pdbx_validate_close_contact.auth_atom_id_1   O 
_pdbx_validate_close_contact.auth_asym_id_1   A 
_pdbx_validate_close_contact.auth_comp_id_1   SER 
_pdbx_validate_close_contact.auth_seq_id_1    60 
_pdbx_validate_close_contact.PDB_ins_code_1   ? 
_pdbx_validate_close_contact.label_alt_id_1   ? 
_pdbx_validate_close_contact.auth_atom_id_2   O 
_pdbx_validate_close_contact.auth_asym_id_2   A 
_pdbx_validate_close_contact.auth_comp_id_2   HOH 
_pdbx_validate_close_contact.auth_seq_id_2    301 
_pdbx_validate_close_contact.PDB_ins_code_2   ? 
_pdbx_validate_close_contact.label_alt_id_2   ? 
_pdbx_validate_close_contact.dist             2.18 
# 
loop_
_pdbx_struct_special_symmetry.id 
_pdbx_struct_special_symmetry.PDB_model_num 
_pdbx_struct_special_symmetry.auth_asym_id 
_pdbx_struct_special_symmetry.auth_comp_id 
_pdbx_struct_special_symmetry.auth_seq_id 
_pdbx_struct_special_symmetry.PDB_ins_code 
_pdbx_struct_special_symmetry.label_asym_id 
_pdbx_struct_special_symmetry.label_comp_id 
_pdbx_struct_special_symmetry.label_seq_id 
1 1 A HOH 339 ? C HOH . 
2 1 A HOH 390 ? C HOH . 
3 1 A HOH 461 ? C HOH . 
# 
loop_
_chem_comp_atom.comp_id 
_chem_comp_atom.atom_id 
_chem_comp_atom.type_symbol 
_chem_comp_atom.pdbx_aromatic_flag 
_chem_comp_atom.pdbx_stereo_config 
_chem_comp_atom.pdbx_ordinal 
ALA N    N  N N 1   
ALA CA   C  N S 2   
ALA C    C  N N 3   
ALA O    O  N N 4   
ALA CB   C  N N 5   
ALA OXT  O  N N 6   
ALA H    H  N N 7   
ALA H2   H  N N 8   
ALA HA   H  N N 9   
ALA HB1  H  N N 10  
ALA HB2  H  N N 11  
ALA HB3  H  N N 12  
ALA HXT  H  N N 13  
ARG N    N  N N 14  
ARG CA   C  N S 15  
ARG C    C  N N 16  
ARG O    O  N N 17  
ARG CB   C  N N 18  
ARG CG   C  N N 19  
ARG CD   C  N N 20  
ARG NE   N  N N 21  
ARG CZ   C  N N 22  
ARG NH1  N  N N 23  
ARG NH2  N  N N 24  
ARG OXT  O  N N 25  
ARG H    H  N N 26  
ARG H2   H  N N 27  
ARG HA   H  N N 28  
ARG HB2  H  N N 29  
ARG HB3  H  N N 30  
ARG HG2  H  N N 31  
ARG HG3  H  N N 32  
ARG HD2  H  N N 33  
ARG HD3  H  N N 34  
ARG HE   H  N N 35  
ARG HH11 H  N N 36  
ARG HH12 H  N N 37  
ARG HH21 H  N N 38  
ARG HH22 H  N N 39  
ARG HXT  H  N N 40  
ASN N    N  N N 41  
ASN CA   C  N S 42  
ASN C    C  N N 43  
ASN O    O  N N 44  
ASN CB   C  N N 45  
ASN CG   C  N N 46  
ASN OD1  O  N N 47  
ASN ND2  N  N N 48  
ASN OXT  O  N N 49  
ASN H    H  N N 50  
ASN H2   H  N N 51  
ASN HA   H  N N 52  
ASN HB2  H  N N 53  
ASN HB3  H  N N 54  
ASN HD21 H  N N 55  
ASN HD22 H  N N 56  
ASN HXT  H  N N 57  
ASP N    N  N N 58  
ASP CA   C  N S 59  
ASP C    C  N N 60  
ASP O    O  N N 61  
ASP CB   C  N N 62  
ASP CG   C  N N 63  
ASP OD1  O  N N 64  
ASP OD2  O  N N 65  
ASP OXT  O  N N 66  
ASP H    H  N N 67  
ASP H2   H  N N 68  
ASP HA   H  N N 69  
ASP HB2  H  N N 70  
ASP HB3  H  N N 71  
ASP HD2  H  N N 72  
ASP HXT  H  N N 73  
CYS N    N  N N 74  
CYS CA   C  N R 75  
CYS C    C  N N 76  
CYS O    O  N N 77  
CYS CB   C  N N 78  
CYS SG   S  N N 79  
CYS OXT  O  N N 80  
CYS H    H  N N 81  
CYS H2   H  N N 82  
CYS HA   H  N N 83  
CYS HB2  H  N N 84  
CYS HB3  H  N N 85  
CYS HG   H  N N 86  
CYS HXT  H  N N 87  
GLN N    N  N N 88  
GLN CA   C  N S 89  
GLN C    C  N N 90  
GLN O    O  N N 91  
GLN CB   C  N N 92  
GLN CG   C  N N 93  
GLN CD   C  N N 94  
GLN OE1  O  N N 95  
GLN NE2  N  N N 96  
GLN OXT  O  N N 97  
GLN H    H  N N 98  
GLN H2   H  N N 99  
GLN HA   H  N N 100 
GLN HB2  H  N N 101 
GLN HB3  H  N N 102 
GLN HG2  H  N N 103 
GLN HG3  H  N N 104 
GLN HE21 H  N N 105 
GLN HE22 H  N N 106 
GLN HXT  H  N N 107 
GLU N    N  N N 108 
GLU CA   C  N S 109 
GLU C    C  N N 110 
GLU O    O  N N 111 
GLU CB   C  N N 112 
GLU CG   C  N N 113 
GLU CD   C  N N 114 
GLU OE1  O  N N 115 
GLU OE2  O  N N 116 
GLU OXT  O  N N 117 
GLU H    H  N N 118 
GLU H2   H  N N 119 
GLU HA   H  N N 120 
GLU HB2  H  N N 121 
GLU HB3  H  N N 122 
GLU HG2  H  N N 123 
GLU HG3  H  N N 124 
GLU HE2  H  N N 125 
GLU HXT  H  N N 126 
GLY N    N  N N 127 
GLY CA   C  N N 128 
GLY C    C  N N 129 
GLY O    O  N N 130 
GLY OXT  O  N N 131 
GLY H    H  N N 132 
GLY H2   H  N N 133 
GLY HA2  H  N N 134 
GLY HA3  H  N N 135 
GLY HXT  H  N N 136 
HIS N    N  N N 137 
HIS CA   C  N S 138 
HIS C    C  N N 139 
HIS O    O  N N 140 
HIS CB   C  N N 141 
HIS CG   C  Y N 142 
HIS ND1  N  Y N 143 
HIS CD2  C  Y N 144 
HIS CE1  C  Y N 145 
HIS NE2  N  Y N 146 
HIS OXT  O  N N 147 
HIS H    H  N N 148 
HIS H2   H  N N 149 
HIS HA   H  N N 150 
HIS HB2  H  N N 151 
HIS HB3  H  N N 152 
HIS HD1  H  N N 153 
HIS HD2  H  N N 154 
HIS HE1  H  N N 155 
HIS HE2  H  N N 156 
HIS HXT  H  N N 157 
HOH O    O  N N 158 
HOH H1   H  N N 159 
HOH H2   H  N N 160 
ILE N    N  N N 161 
ILE CA   C  N S 162 
ILE C    C  N N 163 
ILE O    O  N N 164 
ILE CB   C  N S 165 
ILE CG1  C  N N 166 
ILE CG2  C  N N 167 
ILE CD1  C  N N 168 
ILE OXT  O  N N 169 
ILE H    H  N N 170 
ILE H2   H  N N 171 
ILE HA   H  N N 172 
ILE HB   H  N N 173 
ILE HG12 H  N N 174 
ILE HG13 H  N N 175 
ILE HG21 H  N N 176 
ILE HG22 H  N N 177 
ILE HG23 H  N N 178 
ILE HD11 H  N N 179 
ILE HD12 H  N N 180 
ILE HD13 H  N N 181 
ILE HXT  H  N N 182 
LEU N    N  N N 183 
LEU CA   C  N S 184 
LEU C    C  N N 185 
LEU O    O  N N 186 
LEU CB   C  N N 187 
LEU CG   C  N N 188 
LEU CD1  C  N N 189 
LEU CD2  C  N N 190 
LEU OXT  O  N N 191 
LEU H    H  N N 192 
LEU H2   H  N N 193 
LEU HA   H  N N 194 
LEU HB2  H  N N 195 
LEU HB3  H  N N 196 
LEU HG   H  N N 197 
LEU HD11 H  N N 198 
LEU HD12 H  N N 199 
LEU HD13 H  N N 200 
LEU HD21 H  N N 201 
LEU HD22 H  N N 202 
LEU HD23 H  N N 203 
LEU HXT  H  N N 204 
LYS N    N  N N 205 
LYS CA   C  N S 206 
LYS C    C  N N 207 
LYS O    O  N N 208 
LYS CB   C  N N 209 
LYS CG   C  N N 210 
LYS CD   C  N N 211 
LYS CE   C  N N 212 
LYS NZ   N  N N 213 
LYS OXT  O  N N 214 
LYS H    H  N N 215 
LYS H2   H  N N 216 
LYS HA   H  N N 217 
LYS HB2  H  N N 218 
LYS HB3  H  N N 219 
LYS HG2  H  N N 220 
LYS HG3  H  N N 221 
LYS HD2  H  N N 222 
LYS HD3  H  N N 223 
LYS HE2  H  N N 224 
LYS HE3  H  N N 225 
LYS HZ1  H  N N 226 
LYS HZ2  H  N N 227 
LYS HZ3  H  N N 228 
LYS HXT  H  N N 229 
MET N    N  N N 230 
MET CA   C  N S 231 
MET C    C  N N 232 
MET O    O  N N 233 
MET CB   C  N N 234 
MET CG   C  N N 235 
MET SD   S  N N 236 
MET CE   C  N N 237 
MET OXT  O  N N 238 
MET H    H  N N 239 
MET H2   H  N N 240 
MET HA   H  N N 241 
MET HB2  H  N N 242 
MET HB3  H  N N 243 
MET HG2  H  N N 244 
MET HG3  H  N N 245 
MET HE1  H  N N 246 
MET HE2  H  N N 247 
MET HE3  H  N N 248 
MET HXT  H  N N 249 
PHE N    N  N N 250 
PHE CA   C  N S 251 
PHE C    C  N N 252 
PHE O    O  N N 253 
PHE CB   C  N N 254 
PHE CG   C  Y N 255 
PHE CD1  C  Y N 256 
PHE CD2  C  Y N 257 
PHE CE1  C  Y N 258 
PHE CE2  C  Y N 259 
PHE CZ   C  Y N 260 
PHE OXT  O  N N 261 
PHE H    H  N N 262 
PHE H2   H  N N 263 
PHE HA   H  N N 264 
PHE HB2  H  N N 265 
PHE HB3  H  N N 266 
PHE HD1  H  N N 267 
PHE HD2  H  N N 268 
PHE HE1  H  N N 269 
PHE HE2  H  N N 270 
PHE HZ   H  N N 271 
PHE HXT  H  N N 272 
PRO N    N  N N 273 
PRO CA   C  N S 274 
PRO C    C  N N 275 
PRO O    O  N N 276 
PRO CB   C  N N 277 
PRO CG   C  N N 278 
PRO CD   C  N N 279 
PRO OXT  O  N N 280 
PRO H    H  N N 281 
PRO HA   H  N N 282 
PRO HB2  H  N N 283 
PRO HB3  H  N N 284 
PRO HG2  H  N N 285 
PRO HG3  H  N N 286 
PRO HD2  H  N N 287 
PRO HD3  H  N N 288 
PRO HXT  H  N N 289 
SER N    N  N N 290 
SER CA   C  N S 291 
SER C    C  N N 292 
SER O    O  N N 293 
SER CB   C  N N 294 
SER OG   O  N N 295 
SER OXT  O  N N 296 
SER H    H  N N 297 
SER H2   H  N N 298 
SER HA   H  N N 299 
SER HB2  H  N N 300 
SER HB3  H  N N 301 
SER HG   H  N N 302 
SER HXT  H  N N 303 
THR N    N  N N 304 
THR CA   C  N S 305 
THR C    C  N N 306 
THR O    O  N N 307 
THR CB   C  N R 308 
THR OG1  O  N N 309 
THR CG2  C  N N 310 
THR OXT  O  N N 311 
THR H    H  N N 312 
THR H2   H  N N 313 
THR HA   H  N N 314 
THR HB   H  N N 315 
THR HG1  H  N N 316 
THR HG21 H  N N 317 
THR HG22 H  N N 318 
THR HG23 H  N N 319 
THR HXT  H  N N 320 
TRP N    N  N N 321 
TRP CA   C  N S 322 
TRP C    C  N N 323 
TRP O    O  N N 324 
TRP CB   C  N N 325 
TRP CG   C  Y N 326 
TRP CD1  C  Y N 327 
TRP CD2  C  Y N 328 
TRP NE1  N  Y N 329 
TRP CE2  C  Y N 330 
TRP CE3  C  Y N 331 
TRP CZ2  C  Y N 332 
TRP CZ3  C  Y N 333 
TRP CH2  C  Y N 334 
TRP OXT  O  N N 335 
TRP H    H  N N 336 
TRP H2   H  N N 337 
TRP HA   H  N N 338 
TRP HB2  H  N N 339 
TRP HB3  H  N N 340 
TRP HD1  H  N N 341 
TRP HE1  H  N N 342 
TRP HE3  H  N N 343 
TRP HZ2  H  N N 344 
TRP HZ3  H  N N 345 
TRP HH2  H  N N 346 
TRP HXT  H  N N 347 
TYR N    N  N N 348 
TYR CA   C  N S 349 
TYR C    C  N N 350 
TYR O    O  N N 351 
TYR CB   C  N N 352 
TYR CG   C  Y N 353 
TYR CD1  C  Y N 354 
TYR CD2  C  Y N 355 
TYR CE1  C  Y N 356 
TYR CE2  C  Y N 357 
TYR CZ   C  Y N 358 
TYR OH   O  N N 359 
TYR OXT  O  N N 360 
TYR H    H  N N 361 
TYR H2   H  N N 362 
TYR HA   H  N N 363 
TYR HB2  H  N N 364 
TYR HB3  H  N N 365 
TYR HD1  H  N N 366 
TYR HD2  H  N N 367 
TYR HE1  H  N N 368 
TYR HE2  H  N N 369 
TYR HH   H  N N 370 
TYR HXT  H  N N 371 
VAL N    N  N N 372 
VAL CA   C  N S 373 
VAL C    C  N N 374 
VAL O    O  N N 375 
VAL CB   C  N N 376 
VAL CG1  C  N N 377 
VAL CG2  C  N N 378 
VAL OXT  O  N N 379 
VAL H    H  N N 380 
VAL H2   H  N N 381 
VAL HA   H  N N 382 
VAL HB   H  N N 383 
VAL HG11 H  N N 384 
VAL HG12 H  N N 385 
VAL HG13 H  N N 386 
VAL HG21 H  N N 387 
VAL HG22 H  N N 388 
VAL HG23 H  N N 389 
VAL HXT  H  N N 390 
WE4 C10  C  N N 391 
WE4 C13  C  Y N 392 
WE4 C15  C  Y N 393 
WE4 C02  C  N N 394 
WE4 C04  C  Y N 395 
WE4 C05  C  Y N 396 
WE4 C07  C  Y N 397 
WE4 C09  C  Y N 398 
WE4 O01  O  N N 399 
WE4 O03  O  N N 400 
WE4 O11  O  N N 401 
WE4 O12  O  N N 402 
WE4 BR06 BR N N 403 
WE4 BR08 BR N N 404 
WE4 BR14 BR N N 405 
WE4 BR16 BR N N 406 
WE4 H1   H  N N 407 
WE4 H2   H  N N 408 
# 
loop_
_chem_comp_bond.comp_id 
_chem_comp_bond.atom_id_1 
_chem_comp_bond.atom_id_2 
_chem_comp_bond.value_order 
_chem_comp_bond.pdbx_aromatic_flag 
_chem_comp_bond.pdbx_stereo_config 
_chem_comp_bond.pdbx_ordinal 
ALA N    CA   sing N N 1   
ALA N    H    sing N N 2   
ALA N    H2   sing N N 3   
ALA CA   C    sing N N 4   
ALA CA   CB   sing N N 5   
ALA CA   HA   sing N N 6   
ALA C    O    doub N N 7   
ALA C    OXT  sing N N 8   
ALA CB   HB1  sing N N 9   
ALA CB   HB2  sing N N 10  
ALA CB   HB3  sing N N 11  
ALA OXT  HXT  sing N N 12  
ARG N    CA   sing N N 13  
ARG N    H    sing N N 14  
ARG N    H2   sing N N 15  
ARG CA   C    sing N N 16  
ARG CA   CB   sing N N 17  
ARG CA   HA   sing N N 18  
ARG C    O    doub N N 19  
ARG C    OXT  sing N N 20  
ARG CB   CG   sing N N 21  
ARG CB   HB2  sing N N 22  
ARG CB   HB3  sing N N 23  
ARG CG   CD   sing N N 24  
ARG CG   HG2  sing N N 25  
ARG CG   HG3  sing N N 26  
ARG CD   NE   sing N N 27  
ARG CD   HD2  sing N N 28  
ARG CD   HD3  sing N N 29  
ARG NE   CZ   sing N N 30  
ARG NE   HE   sing N N 31  
ARG CZ   NH1  sing N N 32  
ARG CZ   NH2  doub N N 33  
ARG NH1  HH11 sing N N 34  
ARG NH1  HH12 sing N N 35  
ARG NH2  HH21 sing N N 36  
ARG NH2  HH22 sing N N 37  
ARG OXT  HXT  sing N N 38  
ASN N    CA   sing N N 39  
ASN N    H    sing N N 40  
ASN N    H2   sing N N 41  
ASN CA   C    sing N N 42  
ASN CA   CB   sing N N 43  
ASN CA   HA   sing N N 44  
ASN C    O    doub N N 45  
ASN C    OXT  sing N N 46  
ASN CB   CG   sing N N 47  
ASN CB   HB2  sing N N 48  
ASN CB   HB3  sing N N 49  
ASN CG   OD1  doub N N 50  
ASN CG   ND2  sing N N 51  
ASN ND2  HD21 sing N N 52  
ASN ND2  HD22 sing N N 53  
ASN OXT  HXT  sing N N 54  
ASP N    CA   sing N N 55  
ASP N    H    sing N N 56  
ASP N    H2   sing N N 57  
ASP CA   C    sing N N 58  
ASP CA   CB   sing N N 59  
ASP CA   HA   sing N N 60  
ASP C    O    doub N N 61  
ASP C    OXT  sing N N 62  
ASP CB   CG   sing N N 63  
ASP CB   HB2  sing N N 64  
ASP CB   HB3  sing N N 65  
ASP CG   OD1  doub N N 66  
ASP CG   OD2  sing N N 67  
ASP OD2  HD2  sing N N 68  
ASP OXT  HXT  sing N N 69  
CYS N    CA   sing N N 70  
CYS N    H    sing N N 71  
CYS N    H2   sing N N 72  
CYS CA   C    sing N N 73  
CYS CA   CB   sing N N 74  
CYS CA   HA   sing N N 75  
CYS C    O    doub N N 76  
CYS C    OXT  sing N N 77  
CYS CB   SG   sing N N 78  
CYS CB   HB2  sing N N 79  
CYS CB   HB3  sing N N 80  
CYS SG   HG   sing N N 81  
CYS OXT  HXT  sing N N 82  
GLN N    CA   sing N N 83  
GLN N    H    sing N N 84  
GLN N    H2   sing N N 85  
GLN CA   C    sing N N 86  
GLN CA   CB   sing N N 87  
GLN CA   HA   sing N N 88  
GLN C    O    doub N N 89  
GLN C    OXT  sing N N 90  
GLN CB   CG   sing N N 91  
GLN CB   HB2  sing N N 92  
GLN CB   HB3  sing N N 93  
GLN CG   CD   sing N N 94  
GLN CG   HG2  sing N N 95  
GLN CG   HG3  sing N N 96  
GLN CD   OE1  doub N N 97  
GLN CD   NE2  sing N N 98  
GLN NE2  HE21 sing N N 99  
GLN NE2  HE22 sing N N 100 
GLN OXT  HXT  sing N N 101 
GLU N    CA   sing N N 102 
GLU N    H    sing N N 103 
GLU N    H2   sing N N 104 
GLU CA   C    sing N N 105 
GLU CA   CB   sing N N 106 
GLU CA   HA   sing N N 107 
GLU C    O    doub N N 108 
GLU C    OXT  sing N N 109 
GLU CB   CG   sing N N 110 
GLU CB   HB2  sing N N 111 
GLU CB   HB3  sing N N 112 
GLU CG   CD   sing N N 113 
GLU CG   HG2  sing N N 114 
GLU CG   HG3  sing N N 115 
GLU CD   OE1  doub N N 116 
GLU CD   OE2  sing N N 117 
GLU OE2  HE2  sing N N 118 
GLU OXT  HXT  sing N N 119 
GLY N    CA   sing N N 120 
GLY N    H    sing N N 121 
GLY N    H2   sing N N 122 
GLY CA   C    sing N N 123 
GLY CA   HA2  sing N N 124 
GLY CA   HA3  sing N N 125 
GLY C    O    doub N N 126 
GLY C    OXT  sing N N 127 
GLY OXT  HXT  sing N N 128 
HIS N    CA   sing N N 129 
HIS N    H    sing N N 130 
HIS N    H2   sing N N 131 
HIS CA   C    sing N N 132 
HIS CA   CB   sing N N 133 
HIS CA   HA   sing N N 134 
HIS C    O    doub N N 135 
HIS C    OXT  sing N N 136 
HIS CB   CG   sing N N 137 
HIS CB   HB2  sing N N 138 
HIS CB   HB3  sing N N 139 
HIS CG   ND1  sing Y N 140 
HIS CG   CD2  doub Y N 141 
HIS ND1  CE1  doub Y N 142 
HIS ND1  HD1  sing N N 143 
HIS CD2  NE2  sing Y N 144 
HIS CD2  HD2  sing N N 145 
HIS CE1  NE2  sing Y N 146 
HIS CE1  HE1  sing N N 147 
HIS NE2  HE2  sing N N 148 
HIS OXT  HXT  sing N N 149 
HOH O    H1   sing N N 150 
HOH O    H2   sing N N 151 
ILE N    CA   sing N N 152 
ILE N    H    sing N N 153 
ILE N    H2   sing N N 154 
ILE CA   C    sing N N 155 
ILE CA   CB   sing N N 156 
ILE CA   HA   sing N N 157 
ILE C    O    doub N N 158 
ILE C    OXT  sing N N 159 
ILE CB   CG1  sing N N 160 
ILE CB   CG2  sing N N 161 
ILE CB   HB   sing N N 162 
ILE CG1  CD1  sing N N 163 
ILE CG1  HG12 sing N N 164 
ILE CG1  HG13 sing N N 165 
ILE CG2  HG21 sing N N 166 
ILE CG2  HG22 sing N N 167 
ILE CG2  HG23 sing N N 168 
ILE CD1  HD11 sing N N 169 
ILE CD1  HD12 sing N N 170 
ILE CD1  HD13 sing N N 171 
ILE OXT  HXT  sing N N 172 
LEU N    CA   sing N N 173 
LEU N    H    sing N N 174 
LEU N    H2   sing N N 175 
LEU CA   C    sing N N 176 
LEU CA   CB   sing N N 177 
LEU CA   HA   sing N N 178 
LEU C    O    doub N N 179 
LEU C    OXT  sing N N 180 
LEU CB   CG   sing N N 181 
LEU CB   HB2  sing N N 182 
LEU CB   HB3  sing N N 183 
LEU CG   CD1  sing N N 184 
LEU CG   CD2  sing N N 185 
LEU CG   HG   sing N N 186 
LEU CD1  HD11 sing N N 187 
LEU CD1  HD12 sing N N 188 
LEU CD1  HD13 sing N N 189 
LEU CD2  HD21 sing N N 190 
LEU CD2  HD22 sing N N 191 
LEU CD2  HD23 sing N N 192 
LEU OXT  HXT  sing N N 193 
LYS N    CA   sing N N 194 
LYS N    H    sing N N 195 
LYS N    H2   sing N N 196 
LYS CA   C    sing N N 197 
LYS CA   CB   sing N N 198 
LYS CA   HA   sing N N 199 
LYS C    O    doub N N 200 
LYS C    OXT  sing N N 201 
LYS CB   CG   sing N N 202 
LYS CB   HB2  sing N N 203 
LYS CB   HB3  sing N N 204 
LYS CG   CD   sing N N 205 
LYS CG   HG2  sing N N 206 
LYS CG   HG3  sing N N 207 
LYS CD   CE   sing N N 208 
LYS CD   HD2  sing N N 209 
LYS CD   HD3  sing N N 210 
LYS CE   NZ   sing N N 211 
LYS CE   HE2  sing N N 212 
LYS CE   HE3  sing N N 213 
LYS NZ   HZ1  sing N N 214 
LYS NZ   HZ2  sing N N 215 
LYS NZ   HZ3  sing N N 216 
LYS OXT  HXT  sing N N 217 
MET N    CA   sing N N 218 
MET N    H    sing N N 219 
MET N    H2   sing N N 220 
MET CA   C    sing N N 221 
MET CA   CB   sing N N 222 
MET CA   HA   sing N N 223 
MET C    O    doub N N 224 
MET C    OXT  sing N N 225 
MET CB   CG   sing N N 226 
MET CB   HB2  sing N N 227 
MET CB   HB3  sing N N 228 
MET CG   SD   sing N N 229 
MET CG   HG2  sing N N 230 
MET CG   HG3  sing N N 231 
MET SD   CE   sing N N 232 
MET CE   HE1  sing N N 233 
MET CE   HE2  sing N N 234 
MET CE   HE3  sing N N 235 
MET OXT  HXT  sing N N 236 
PHE N    CA   sing N N 237 
PHE N    H    sing N N 238 
PHE N    H2   sing N N 239 
PHE CA   C    sing N N 240 
PHE CA   CB   sing N N 241 
PHE CA   HA   sing N N 242 
PHE C    O    doub N N 243 
PHE C    OXT  sing N N 244 
PHE CB   CG   sing N N 245 
PHE CB   HB2  sing N N 246 
PHE CB   HB3  sing N N 247 
PHE CG   CD1  doub Y N 248 
PHE CG   CD2  sing Y N 249 
PHE CD1  CE1  sing Y N 250 
PHE CD1  HD1  sing N N 251 
PHE CD2  CE2  doub Y N 252 
PHE CD2  HD2  sing N N 253 
PHE CE1  CZ   doub Y N 254 
PHE CE1  HE1  sing N N 255 
PHE CE2  CZ   sing Y N 256 
PHE CE2  HE2  sing N N 257 
PHE CZ   HZ   sing N N 258 
PHE OXT  HXT  sing N N 259 
PRO N    CA   sing N N 260 
PRO N    CD   sing N N 261 
PRO N    H    sing N N 262 
PRO CA   C    sing N N 263 
PRO CA   CB   sing N N 264 
PRO CA   HA   sing N N 265 
PRO C    O    doub N N 266 
PRO C    OXT  sing N N 267 
PRO CB   CG   sing N N 268 
PRO CB   HB2  sing N N 269 
PRO CB   HB3  sing N N 270 
PRO CG   CD   sing N N 271 
PRO CG   HG2  sing N N 272 
PRO CG   HG3  sing N N 273 
PRO CD   HD2  sing N N 274 
PRO CD   HD3  sing N N 275 
PRO OXT  HXT  sing N N 276 
SER N    CA   sing N N 277 
SER N    H    sing N N 278 
SER N    H2   sing N N 279 
SER CA   C    sing N N 280 
SER CA   CB   sing N N 281 
SER CA   HA   sing N N 282 
SER C    O    doub N N 283 
SER C    OXT  sing N N 284 
SER CB   OG   sing N N 285 
SER CB   HB2  sing N N 286 
SER CB   HB3  sing N N 287 
SER OG   HG   sing N N 288 
SER OXT  HXT  sing N N 289 
THR N    CA   sing N N 290 
THR N    H    sing N N 291 
THR N    H2   sing N N 292 
THR CA   C    sing N N 293 
THR CA   CB   sing N N 294 
THR CA   HA   sing N N 295 
THR C    O    doub N N 296 
THR C    OXT  sing N N 297 
THR CB   OG1  sing N N 298 
THR CB   CG2  sing N N 299 
THR CB   HB   sing N N 300 
THR OG1  HG1  sing N N 301 
THR CG2  HG21 sing N N 302 
THR CG2  HG22 sing N N 303 
THR CG2  HG23 sing N N 304 
THR OXT  HXT  sing N N 305 
TRP N    CA   sing N N 306 
TRP N    H    sing N N 307 
TRP N    H2   sing N N 308 
TRP CA   C    sing N N 309 
TRP CA   CB   sing N N 310 
TRP CA   HA   sing N N 311 
TRP C    O    doub N N 312 
TRP C    OXT  sing N N 313 
TRP CB   CG   sing N N 314 
TRP CB   HB2  sing N N 315 
TRP CB   HB3  sing N N 316 
TRP CG   CD1  doub Y N 317 
TRP CG   CD2  sing Y N 318 
TRP CD1  NE1  sing Y N 319 
TRP CD1  HD1  sing N N 320 
TRP CD2  CE2  doub Y N 321 
TRP CD2  CE3  sing Y N 322 
TRP NE1  CE2  sing Y N 323 
TRP NE1  HE1  sing N N 324 
TRP CE2  CZ2  sing Y N 325 
TRP CE3  CZ3  doub Y N 326 
TRP CE3  HE3  sing N N 327 
TRP CZ2  CH2  doub Y N 328 
TRP CZ2  HZ2  sing N N 329 
TRP CZ3  CH2  sing Y N 330 
TRP CZ3  HZ3  sing N N 331 
TRP CH2  HH2  sing N N 332 
TRP OXT  HXT  sing N N 333 
TYR N    CA   sing N N 334 
TYR N    H    sing N N 335 
TYR N    H2   sing N N 336 
TYR CA   C    sing N N 337 
TYR CA   CB   sing N N 338 
TYR CA   HA   sing N N 339 
TYR C    O    doub N N 340 
TYR C    OXT  sing N N 341 
TYR CB   CG   sing N N 342 
TYR CB   HB2  sing N N 343 
TYR CB   HB3  sing N N 344 
TYR CG   CD1  doub Y N 345 
TYR CG   CD2  sing Y N 346 
TYR CD1  CE1  sing Y N 347 
TYR CD1  HD1  sing N N 348 
TYR CD2  CE2  doub Y N 349 
TYR CD2  HD2  sing N N 350 
TYR CE1  CZ   doub Y N 351 
TYR CE1  HE1  sing N N 352 
TYR CE2  CZ   sing Y N 353 
TYR CE2  HE2  sing N N 354 
TYR CZ   OH   sing N N 355 
TYR OH   HH   sing N N 356 
TYR OXT  HXT  sing N N 357 
VAL N    CA   sing N N 358 
VAL N    H    sing N N 359 
VAL N    H2   sing N N 360 
VAL CA   C    sing N N 361 
VAL CA   CB   sing N N 362 
VAL CA   HA   sing N N 363 
VAL C    O    doub N N 364 
VAL C    OXT  sing N N 365 
VAL CB   CG1  sing N N 366 
VAL CB   CG2  sing N N 367 
VAL CB   HB   sing N N 368 
VAL CG1  HG11 sing N N 369 
VAL CG1  HG12 sing N N 370 
VAL CG1  HG13 sing N N 371 
VAL CG2  HG21 sing N N 372 
VAL CG2  HG22 sing N N 373 
VAL CG2  HG23 sing N N 374 
VAL OXT  HXT  sing N N 375 
WE4 O11  C10  doub N N 376 
WE4 C10  O12  sing N N 377 
WE4 C10  C09  sing N N 378 
WE4 BR08 C07  sing N N 379 
WE4 C09  C07  doub Y N 380 
WE4 C09  C13  sing Y N 381 
WE4 BR14 C13  sing N N 382 
WE4 C07  C05  sing Y N 383 
WE4 C13  C15  doub Y N 384 
WE4 C05  BR06 sing N N 385 
WE4 C05  C04  doub Y N 386 
WE4 C15  C04  sing Y N 387 
WE4 C15  BR16 sing N N 388 
WE4 C04  C02  sing N N 389 
WE4 O03  C02  doub N N 390 
WE4 C02  O01  sing N N 391 
WE4 O01  H1   sing N N 392 
WE4 O12  H2   sing N N 393 
# 
loop_
_pdbx_audit_support.funding_organization 
_pdbx_audit_support.country 
_pdbx_audit_support.grant_number 
_pdbx_audit_support.ordinal 
'Australian Research Council (ARC)' Australia DP150103009 1 
'Australian Research Council (ARC)' Australia DP160101450 2 
# 
_atom_sites.entry_id                    7KH5 
_atom_sites.Cartn_transf_matrix[1][1]   ? 
_atom_sites.Cartn_transf_matrix[1][2]   ? 
_atom_sites.Cartn_transf_matrix[1][3]   ? 
_atom_sites.Cartn_transf_matrix[2][1]   ? 
_atom_sites.Cartn_transf_matrix[2][2]   ? 
_atom_sites.Cartn_transf_matrix[2][3]   ? 
_atom_sites.Cartn_transf_matrix[3][1]   ? 
_atom_sites.Cartn_transf_matrix[3][2]   ? 
_atom_sites.Cartn_transf_matrix[3][3]   ? 
_atom_sites.Cartn_transf_vector[1]      ? 
_atom_sites.Cartn_transf_vector[2]      ? 
_atom_sites.Cartn_transf_vector[3]      ? 
_atom_sites.fract_transf_matrix[1][1]   0.01061472 
_atom_sites.fract_transf_matrix[1][2]   0.00364523 
_atom_sites.fract_transf_matrix[1][3]   0.00620237 
_atom_sites.fract_transf_matrix[2][1]   0.00435991 
_atom_sites.fract_transf_matrix[2][2]   0.00553427 
_atom_sites.fract_transf_matrix[2][3]   -0.01071412 
_atom_sites.fract_transf_matrix[3][1]   -0.01181963 
_atom_sites.fract_transf_matrix[3][2]   0.02267401 
_atom_sites.fract_transf_matrix[3][3]   0.00690224 
_atom_sites.fract_transf_vector[1]      0.488790 
_atom_sites.fract_transf_vector[2]      0.245802 
_atom_sites.fract_transf_vector[3]      0.239450 
_atom_sites.solution_primary            ? 
_atom_sites.solution_secondary          ? 
_atom_sites.solution_hydrogens          ? 
_atom_sites.special_details             ? 
# 
loop_
_atom_type.symbol 
BR 
C  
N  
O  
S  
# 
loop_
_atom_site.group_PDB 
_atom_site.id 
_atom_site.type_symbol 
_atom_site.label_atom_id 
_atom_site.label_alt_id 
_atom_site.label_comp_id 
_atom_site.label_asym_id 
_atom_site.label_entity_id 
_atom_site.label_seq_id 
_atom_site.pdbx_PDB_ins_code 
_atom_site.Cartn_x 
_atom_site.Cartn_y 
_atom_site.Cartn_z 
_atom_site.occupancy 
_atom_site.B_iso_or_equiv 
_atom_site.pdbx_formal_charge 
_atom_site.auth_seq_id 
_atom_site.auth_comp_id 
_atom_site.auth_asym_id 
_atom_site.auth_atom_id 
_atom_site.pdbx_PDB_model_num 
ATOM   1    N  N    . LYS A 1 1   ? 2.616   13.081  -4.183  1.00 22.13 ?  1   LYS A N    1 
ATOM   2    C  CA   . LYS A 1 1   ? 1.240   13.549  -4.047  1.00 23.51 ?  1   LYS A CA   1 
ATOM   3    C  C    . LYS A 1 1   ? 0.666   13.103  -2.713  1.00 21.54 ?  1   LYS A C    1 
ATOM   4    O  O    . LYS A 1 1   ? 0.830   11.949  -2.314  1.00 21.23 ?  1   LYS A O    1 
ATOM   5    C  CB   . LYS A 1 1   ? 0.379   13.008  -5.192  1.00 24.93 ?  1   LYS A CB   1 
ATOM   6    C  CG   . LYS A 1 1   ? -1.100  13.349  -5.087  1.00 24.27 ?  1   LYS A CG   1 
ATOM   7    C  CD   . LYS A 1 1   ? -1.857  12.845  -6.301  1.00 25.71 ?  1   LYS A CD   1 
ATOM   8    C  CE   . LYS A 1 1   ? -3.351  13.060  -6.144  1.00 26.75 ?  1   LYS A CE   1 
ATOM   9    N  NZ   . LYS A 1 1   ? -4.089  12.781  -7.413  1.00 34.62 ?  1   LYS A NZ   1 
ATOM   10   N  N    . VAL A 1 2   ? 0.002   14.020  -2.018  1.00 21.56 ?  2   VAL A N    1 
ATOM   11   C  CA   . VAL A 1 2   ? -0.712  13.715  -0.787  1.00 22.33 ?  2   VAL A CA   1 
ATOM   12   C  C    . VAL A 1 2   ? -2.192  13.648  -1.134  1.00 25.72 ?  2   VAL A C    1 
ATOM   13   O  O    . VAL A 1 2   ? -2.829  14.680  -1.382  1.00 26.72 ?  2   VAL A O    1 
ATOM   14   C  CB   . VAL A 1 2   ? -0.434  14.752  0.307   1.00 25.19 ?  2   VAL A CB   1 
ATOM   15   C  CG1  . VAL A 1 2   ? -1.239  14.422  1.555   1.00 27.33 ?  2   VAL A CG1  1 
ATOM   16   C  CG2  . VAL A 1 2   ? 1.057   14.804  0.619   1.00 21.42 ?  2   VAL A CG2  1 
ATOM   17   N  N    . PHE A 1 3   ? -2.733  12.434  -1.168  1.00 23.00 ?  3   PHE A N    1 
ATOM   18   C  CA   . PHE A 1 3   ? -4.130  12.240  -1.529  1.00 23.21 ?  3   PHE A CA   1 
ATOM   19   C  C    . PHE A 1 3   ? -5.041  12.693  -0.402  1.00 21.15 ?  3   PHE A C    1 
ATOM   20   O  O    . PHE A 1 3   ? -4.701  12.613  0.779   1.00 22.07 ?  3   PHE A O    1 
ATOM   21   C  CB   . PHE A 1 3   ? -4.414  10.757  -1.776  1.00 22.06 ?  3   PHE A CB   1 
ATOM   22   C  CG   . PHE A 1 3   ? -4.101  10.294  -3.162  1.00 21.78 ?  3   PHE A CG   1 
ATOM   23   C  CD1  . PHE A 1 3   ? -2.801  9.986   -3.524  1.00 23.52 ?  3   PHE A CD1  1 
ATOM   24   C  CD2  . PHE A 1 3   ? -5.112  10.137  -4.102  1.00 21.83 ?  3   PHE A CD2  1 
ATOM   25   C  CE1  . PHE A 1 3   ? -2.506  9.552   -4.795  1.00 22.47 ?  3   PHE A CE1  1 
ATOM   26   C  CE2  . PHE A 1 3   ? -4.824  9.704   -5.374  1.00 22.40 ?  3   PHE A CE2  1 
ATOM   27   C  CZ   . PHE A 1 3   ? -3.519  9.406   -5.727  1.00 25.95 ?  3   PHE A CZ   1 
ATOM   28   N  N    . GLY A 1 4   ? -6.223  13.172  -0.781  1.00 27.72 ?  4   GLY A N    1 
ATOM   29   C  CA   . GLY A 1 4   ? -7.310  13.244  0.166   1.00 27.20 ?  4   GLY A CA   1 
ATOM   30   C  C    . GLY A 1 4   ? -7.879  11.867  0.439   1.00 20.66 ?  4   GLY A C    1 
ATOM   31   O  O    . GLY A 1 4   ? -7.727  10.942  -0.356  1.00 23.14 ?  4   GLY A O    1 
ATOM   32   N  N    . ARG A 1 5   ? -8.530  11.734  1.594   1.00 24.18 ?  5   ARG A N    1 
ATOM   33   C  CA   . ARG A 1 5   ? -9.074  10.442  2.007   1.00 25.57 ?  5   ARG A CA   1 
ATOM   34   C  C    . ARG A 1 5   ? -10.042 9.886   0.966   1.00 26.97 ?  5   ARG A C    1 
ATOM   35   O  O    . ARG A 1 5   ? -9.859  8.775   0.455   1.00 24.83 ?  5   ARG A O    1 
ATOM   36   C  CB   . ARG A 1 5   ? -9.750  10.574  3.372   1.00 27.86 ?  5   ARG A CB   1 
ATOM   37   C  CG   . ARG A 1 5   ? -10.418 9.304   3.861   1.00 28.88 ?  5   ARG A CG   1 
ATOM   38   C  CD   . ARG A 1 5   ? -11.008 9.491   5.250   1.00 28.94 ?  5   ARG A CD   1 
ATOM   39   N  NE   . ARG A 1 5   ? -12.016 10.549  5.294   1.00 30.95 ?  5   ARG A NE   1 
ATOM   40   C  CZ   . ARG A 1 5   ? -13.305 10.366  5.019   1.00 34.64 ?  5   ARG A CZ   1 
ATOM   41   N  NH1  . ARG A 1 5   ? -13.747 9.165   4.673   1.00 32.75 ?  5   ARG A NH1  1 
ATOM   42   N  NH2  . ARG A 1 5   ? -14.154 11.383  5.088   1.00 32.16 ?  5   ARG A NH2  1 
ATOM   43   N  N    . CYS A 1 6   ? -11.081 10.654  0.629   1.00 30.46 ?  6   CYS A N    1 
ATOM   44   C  CA   . CYS A 1 6   ? -12.044 10.174  -0.359  1.00 30.46 ?  6   CYS A CA   1 
ATOM   45   C  C    . CYS A 1 6   ? -11.440 10.104  -1.755  1.00 22.28 ?  6   CYS A C    1 
ATOM   46   O  O    . CYS A 1 6   ? -11.824 9.243   -2.553  1.00 23.51 ?  6   CYS A O    1 
ATOM   47   C  CB   . CYS A 1 6   ? -13.298 11.044  -0.352  1.00 33.48 ?  6   CYS A CB   1 
ATOM   48   S  SG   . CYS A 1 6   ? -14.239 10.939  1.173   1.00 31.12 ?  6   CYS A SG   1 
ATOM   49   N  N    . GLU A 1 7   ? -10.490 10.990  -2.070  1.00 24.30 ?  7   GLU A N    1 
ATOM   50   C  CA   . GLU A 1 7   ? -9.824  10.921  -3.364  1.00 22.58 ?  7   GLU A CA   1 
ATOM   51   C  C    . GLU A 1 7   ? -9.053  9.613   -3.515  1.00 23.19 ?  7   GLU A C    1 
ATOM   52   O  O    . GLU A 1 7   ? -9.073  8.990   -4.583  1.00 23.13 ?  7   GLU A O    1 
ATOM   53   C  CB   . GLU A 1 7   ? -8.886  12.119  -3.532  1.00 27.38 ?  7   GLU A CB   1 
ATOM   54   C  CG   . GLU A 1 7   ? -8.148  12.164  -4.861  1.00 30.17 ?  7   GLU A CG   1 
ATOM   55   C  CD   . GLU A 1 7   ? -7.039  13.206  -4.882  1.00 25.33 ?  7   GLU A CD   1 
ATOM   56   O  OE1  . GLU A 1 7   ? -6.611  13.640  -3.790  1.00 30.10 ?  7   GLU A OE1  1 
ATOM   57   O  OE2  . GLU A 1 7   ? -6.603  13.584  -5.990  1.00 32.25 ?  7   GLU A OE2  1 
ATOM   58   N  N    . LEU A 1 8   ? -8.361  9.183   -2.456  1.00 23.48 ?  8   LEU A N    1 
ATOM   59   C  CA   . LEU A 1 8   ? -7.632  7.923   -2.529  1.00 21.59 ?  8   LEU A CA   1 
ATOM   60   C  C    . LEU A 1 8   ? -8.585  6.739   -2.620  1.00 21.96 ?  8   LEU A C    1 
ATOM   61   O  O    . LEU A 1 8   ? -8.345  5.800   -3.387  1.00 21.23 ?  8   LEU A O    1 
ATOM   62   C  CB   . LEU A 1 8   ? -6.707  7.781   -1.322  1.00 22.43 ?  8   LEU A CB   1 
ATOM   63   C  CG   . LEU A 1 8   ? -5.892  6.488   -1.303  1.00 21.85 ?  8   LEU A CG   1 
ATOM   64   C  CD1  . LEU A 1 8   ? -4.996  6.401   -2.531  1.00 20.90 ?  8   LEU A CD1  1 
ATOM   65   C  CD2  . LEU A 1 8   ? -5.076  6.400   -0.030  1.00 21.77 ?  8   LEU A CD2  1 
ATOM   66   N  N    . ALA A 1 9   ? -9.670  6.769   -1.844  1.00 23.02 ?  9   ALA A N    1 
ATOM   67   C  CA   . ALA A 1 9   ? -10.656 5.696   -1.897  1.00 22.78 ?  9   ALA A CA   1 
ATOM   68   C  C    . ALA A 1 9   ? -11.180 5.504   -3.315  1.00 25.28 ?  9   ALA A C    1 
ATOM   69   O  O    . ALA A 1 9   ? -11.275 4.375   -3.808  1.00 23.52 ?  9   ALA A O    1 
ATOM   70   C  CB   . ALA A 1 9   ? -11.798 5.994   -0.924  1.00 25.39 ?  9   ALA A CB   1 
ATOM   71   N  N    . ALA A 1 10  ? -11.498 6.605   -3.998  1.00 23.99 ?  10  ALA A N    1 
ATOM   72   C  CA   . ALA A 1 10  ? -11.991 6.509   -5.368  1.00 25.87 ?  10  ALA A CA   1 
ATOM   73   C  C    . ALA A 1 10  ? -10.934 5.939   -6.303  1.00 24.92 ?  10  ALA A C    1 
ATOM   74   O  O    . ALA A 1 10  ? -11.243 5.132   -7.187  1.00 26.43 ?  10  ALA A O    1 
ATOM   75   C  CB   . ALA A 1 10  ? -12.455 7.883   -5.853  1.00 30.90 ?  10  ALA A CB   1 
ATOM   76   N  N    . ALA A 1 11  ? -9.676  6.351   -6.129  1.00 25.51 ?  11  ALA A N    1 
ATOM   77   C  CA   . ALA A 1 11  ? -8.614  5.822   -6.977  1.00 23.62 ?  11  ALA A CA   1 
ATOM   78   C  C    . ALA A 1 11  ? -8.374  4.342   -6.708  1.00 23.38 ?  11  ALA A C    1 
ATOM   79   O  O    . ALA A 1 11  ? -8.144  3.566   -7.642  1.00 24.01 ?  11  ALA A O    1 
ATOM   80   C  CB   . ALA A 1 11  ? -7.329  6.627   -6.778  1.00 26.70 ?  11  ALA A CB   1 
ATOM   81   N  N    . MET A 1 12  ? -8.417  3.931   -5.438  1.00 23.29 ?  12  MET A N    1 
ATOM   82   C  CA   . MET A 1 12  ? -8.249  2.515   -5.124  1.00 22.09 ?  12  MET A CA   1 
ATOM   83   C  C    . MET A 1 12  ? -9.391  1.689   -5.699  1.00 24.00 ?  12  MET A C    1 
ATOM   84   O  O    . MET A 1 12  ? -9.173  0.582   -6.203  1.00 25.71 ?  12  MET A O    1 
ATOM   85   C  CB   . MET A 1 12  ? -8.140  2.316   -3.613  1.00 20.63 ?  12  MET A CB   1 
ATOM   86   C  CG   . MET A 1 12  ? -6.796  2.737   -3.036  1.00 22.83 ?  12  MET A CG   1 
ATOM   87   S  SD   . MET A 1 12  ? -6.770  2.630   -1.236  1.00 20.22 ?  12  MET A SD   1 
ATOM   88   C  CE   . MET A 1 12  ? -5.012  2.633   -0.885  1.00 20.37 ?  12  MET A CE   1 
ATOM   89   N  N    . LYS A 1 13  ? -10.614 2.223   -5.646  1.00 22.43 ?  13  LYS A N    1 
ATOM   90   C  CA   . LYS A 1 13  ? -11.765 1.488   -6.161  1.00 25.84 ?  13  LYS A CA   1 
ATOM   91   C  C    . LYS A 1 13  ? -11.664 1.294   -7.668  1.00 26.72 ?  13  LYS A C    1 
ATOM   92   O  O    . LYS A 1 13  ? -11.881 0.190   -8.177  1.00 25.68 ?  13  LYS A O    1 
ATOM   93   C  CB   . LYS A 1 13  ? -13.061 2.205   -5.785  1.00 26.05 ?  13  LYS A CB   1 
ATOM   94   C  CG   . LYS A 1 13  ? -14.312 1.496   -6.288  1.00 27.56 ?  13  LYS A CG   1 
ATOM   95   C  CD   . LYS A 1 13  ? -15.574 2.095   -5.697  1.00 31.70 ?  13  LYS A CD   1 
ATOM   96   C  CE   . LYS A 1 13  ? -16.816 1.415   -6.255  1.00 31.19 ?  13  LYS A CE   1 
ATOM   97   N  NZ   . LYS A 1 13  ? -18.055 1.893   -5.586  1.00 35.09 ?  13  LYS A NZ   1 
ATOM   98   N  N    . ARG A 1 14  ? -11.313 2.356   -8.401  1.00 25.77 ?  14  ARG A N    1 
ATOM   99   C  CA   . ARG A 1 14  ? -11.193 2.237   -9.851  1.00 32.07 ?  14  ARG A CA   1 
ATOM   100  C  C    . ARG A 1 14  ? -10.149 1.199   -10.238 1.00 31.53 ?  14  ARG A C    1 
ATOM   101  O  O    . ARG A 1 14  ? -10.330 0.459   -11.213 1.00 32.53 ?  14  ARG A O    1 
ATOM   102  C  CB   . ARG A 1 14  ? -10.857 3.593   -10.471 1.00 31.80 ?  14  ARG A CB   1 
ATOM   103  C  CG   . ARG A 1 14  ? -10.605 3.527   -11.972 1.00 33.21 ?  14  ARG A CG   1 
ATOM   104  C  CD   . ARG A 1 14  ? -10.502 4.911   -12.585 1.00 40.05 ?  14  ARG A CD   1 
ATOM   105  N  NE   . ARG A 1 14  ? -9.393  5.682   -12.033 1.00 40.17 ?  14  ARG A NE   1 
ATOM   106  C  CZ   . ARG A 1 14  ? -8.159  5.674   -12.529 1.00 32.21 ?  14  ARG A CZ   1 
ATOM   107  N  NH1  . ARG A 1 14  ? -7.212  6.410   -11.965 1.00 38.67 ?  14  ARG A NH1  1 
ATOM   108  N  NH2  . ARG A 1 14  ? -7.875  4.931   -13.590 1.00 31.34 ?  14  ARG A NH2  1 
ATOM   109  N  N    . HIS A 1 15  ? -9.053  1.121   -9.483  1.00 26.87 ?  15  HIS A N    1 
ATOM   110  C  CA   . HIS A 1 15  ? -7.996  0.154   -9.748  1.00 25.60 ?  15  HIS A CA   1 
ATOM   111  C  C    . HIS A 1 15  ? -8.290  -1.233  -9.180  1.00 26.95 ?  15  HIS A C    1 
ATOM   112  O  O    . HIS A 1 15  ? -7.417  -2.105  -9.232  1.00 30.44 ?  15  HIS A O    1 
ATOM   113  C  CB   . HIS A 1 15  ? -6.648  0.678   -9.243  1.00 26.92 ?  15  HIS A CB   1 
ATOM   114  C  CG   . HIS A 1 15  ? -6.085  1.784   -10.077 1.00 24.83 ?  15  HIS A CG   1 
ATOM   115  N  ND1  . HIS A 1 15  ? -6.106  3.105   -9.679  1.00 30.11 ?  15  HIS A ND1  1 
ATOM   116  C  CD2  . HIS A 1 15  ? -5.501  1.772   -11.299 1.00 38.91 ?  15  HIS A CD2  1 
ATOM   117  C  CE1  . HIS A 1 15  ? -5.550  3.854   -10.614 1.00 31.36 ?  15  HIS A CE1  1 
ATOM   118  N  NE2  . HIS A 1 15  ? -5.175  3.069   -11.608 1.00 34.75 ?  15  HIS A NE2  1 
ATOM   119  N  N    . GLY A 1 16  ? -9.486  -1.454  -8.641  1.00 27.41 ?  16  GLY A N    1 
ATOM   120  C  CA   . GLY A 1 16  ? -9.922  -2.790  -8.290  1.00 27.79 ?  16  GLY A CA   1 
ATOM   121  C  C    . GLY A 1 16  ? -9.492  -3.299  -6.935  1.00 25.89 ?  16  GLY A C    1 
ATOM   122  O  O    . GLY A 1 16  ? -9.432  -4.518  -6.747  1.00 27.04 ?  16  GLY A O    1 
ATOM   123  N  N    . LEU A 1 17  ? -9.194  -2.415  -5.981  1.00 25.55 ?  17  LEU A N    1 
ATOM   124  C  CA   . LEU A 1 17  ? -8.818  -2.847  -4.640  1.00 22.61 ?  17  LEU A CA   1 
ATOM   125  C  C    . LEU A 1 17  ? -10.009 -3.097  -3.728  1.00 25.12 ?  17  LEU A C    1 
ATOM   126  O  O    . LEU A 1 17  ? -9.872  -3.844  -2.750  1.00 26.60 ?  17  LEU A O    1 
ATOM   127  C  CB   . LEU A 1 17  ? -7.911  -1.815  -3.967  1.00 28.87 ?  17  LEU A CB   1 
ATOM   128  C  CG   . LEU A 1 17  ? -6.405  -1.975  -4.131  1.00 29.52 ?  17  LEU A CG   1 
ATOM   129  C  CD1  . LEU A 1 17  ? -5.692  -0.934  -3.283  1.00 22.75 ?  17  LEU A CD1  1 
ATOM   130  C  CD2  . LEU A 1 17  ? -5.943  -3.381  -3.759  1.00 22.42 ?  17  LEU A CD2  1 
ATOM   131  N  N    A ASP A 1 18  ? -11.160 -2.483  -4.004  0.50 27.44 ?  18  ASP A N    1 
ATOM   132  N  N    B ASP A 1 18  ? -11.158 -2.491  -4.010  0.50 27.43 ?  18  ASP A N    1 
ATOM   133  C  CA   A ASP A 1 18  ? -12.340 -2.690  -3.174  0.50 26.39 ?  18  ASP A CA   1 
ATOM   134  C  CA   B ASP A 1 18  ? -12.326 -2.680  -3.162  0.50 26.37 ?  18  ASP A CA   1 
ATOM   135  C  C    A ASP A 1 18  ? -12.726 -4.161  -3.196  0.50 31.55 ?  18  ASP A C    1 
ATOM   136  C  C    B ASP A 1 18  ? -12.762 -4.140  -3.186  0.50 31.54 ?  18  ASP A C    1 
ATOM   137  O  O    A ASP A 1 18  ? -13.030 -4.718  -4.255  0.50 30.67 ?  18  ASP A O    1 
ATOM   138  O  O    B ASP A 1 18  ? -13.134 -4.670  -4.238  0.50 30.77 ?  18  ASP A O    1 
ATOM   139  C  CB   A ASP A 1 18  ? -13.499 -1.831  -3.684  0.50 30.37 ?  18  ASP A CB   1 
ATOM   140  C  CB   B ASP A 1 18  ? -13.460 -1.759  -3.615  0.50 30.33 ?  18  ASP A CB   1 
ATOM   141  C  CG   A ASP A 1 18  ? -14.718 -1.878  -2.766  0.50 30.34 ?  18  ASP A CG   1 
ATOM   142  C  CG   B ASP A 1 18  ? -13.705 -1.808  -5.118  0.50 28.06 ?  18  ASP A CG   1 
ATOM   143  O  OD1  A ASP A 1 18  ? -14.593 -2.363  -1.622  0.50 29.68 ?  18  ASP A OD1  1 
ATOM   144  O  OD1  B ASP A 1 18  ? -12.733 -1.893  -5.904  0.50 20.37 ?  18  ASP A OD1  1 
ATOM   145  O  OD2  A ASP A 1 18  ? -15.808 -1.428  -3.190  0.50 26.53 ?  18  ASP A OD2  1 
ATOM   146  O  OD2  B ASP A 1 18  ? -14.886 -1.748  -5.513  0.50 32.70 ?  18  ASP A OD2  1 
ATOM   147  N  N    . ASN A 1 19  ? -12.691 -4.792  -2.024  1.00 26.15 ?  19  ASN A N    1 
ATOM   148  C  CA   . ASN A 1 19  ? -12.996 -6.210  -1.828  1.00 25.50 ?  19  ASN A CA   1 
ATOM   149  C  C    . ASN A 1 19  ? -11.960 -7.152  -2.434  1.00 20.02 ?  19  ASN A C    1 
ATOM   150  O  O    . ASN A 1 19  ? -12.237 -8.354  -2.568  1.00 23.88 ?  19  ASN A O    1 
ATOM   151  C  CB   . ASN A 1 19  ? -14.414 -6.592  -2.275  1.00 28.84 ?  19  ASN A CB   1 
ATOM   152  C  CG   . ASN A 1 19  ? -15.460 -5.614  -1.782  1.00 43.15 ?  19  ASN A CG   1 
ATOM   153  O  OD1  . ASN A 1 19  ? -15.465 -5.232  -0.611  1.00 41.38 ?  19  ASN A OD1  1 
ATOM   154  N  ND2  . ASN A 1 19  ? -16.346 -5.190  -2.677  1.00 45.37 ?  19  ASN A ND2  1 
ATOM   155  N  N    . TYR A 1 20  ? -10.775 -6.661  -2.800  1.00 23.79 ?  20  TYR A N    1 
ATOM   156  C  CA   . TYR A 1 20  ? -9.756  -7.543  -3.356  1.00 21.70 ?  20  TYR A CA   1 
ATOM   157  C  C    . TYR A 1 20  ? -9.271  -8.500  -2.274  1.00 24.08 ?  20  TYR A C    1 
ATOM   158  O  O    . TYR A 1 20  ? -8.926  -8.076  -1.164  1.00 20.57 ?  20  TYR A O    1 
ATOM   159  C  CB   . TYR A 1 20  ? -8.582  -6.742  -3.925  1.00 21.75 ?  20  TYR A CB   1 
ATOM   160  C  CG   . TYR A 1 20  ? -7.626  -7.604  -4.721  1.00 24.01 ?  20  TYR A CG   1 
ATOM   161  C  CD1  . TYR A 1 20  ? -7.835  -7.838  -6.077  1.00 23.63 ?  20  TYR A CD1  1 
ATOM   162  C  CD2  . TYR A 1 20  ? -6.527  -8.209  -4.115  1.00 18.96 ?  20  TYR A CD2  1 
ATOM   163  C  CE1  . TYR A 1 20  ? -6.974  -8.639  -6.805  1.00 24.73 ?  20  TYR A CE1  1 
ATOM   164  C  CE2  . TYR A 1 20  ? -5.666  -9.008  -4.834  1.00 21.96 ?  20  TYR A CE2  1 
ATOM   165  C  CZ   . TYR A 1 20  ? -5.892  -9.222  -6.179  1.00 24.34 ?  20  TYR A CZ   1 
ATOM   166  O  OH   . TYR A 1 20  ? -5.026  -10.021 -6.890  1.00 27.28 ?  20  TYR A OH   1 
ATOM   167  N  N    . ARG A 1 21  ? -9.266  -9.798  -2.592  1.00 24.03 ?  21  ARG A N    1 
ATOM   168  C  CA   . ARG A 1 21  ? -8.953  -10.845 -1.615  1.00 24.20 ?  21  ARG A CA   1 
ATOM   169  C  C    . ARG A 1 21  ? -9.843  -10.746 -0.375  1.00 20.92 ?  21  ARG A C    1 
ATOM   170  O  O    . ARG A 1 21  ? -9.457  -11.155 0.722   1.00 23.28 ?  21  ARG A O    1 
ATOM   171  C  CB   . ARG A 1 21  ? -7.466  -10.867 -1.244  1.00 27.06 ?  21  ARG A CB   1 
ATOM   172  C  CG   . ARG A 1 21  ? -6.570  -11.529 -2.281  1.00 26.69 ?  21  ARG A CG   1 
ATOM   173  C  CD   . ARG A 1 21  ? -6.439  -13.023 -2.024  1.00 30.24 ?  21  ARG A CD   1 
ATOM   174  N  N    . GLY A 1 22  ? -11.040 -10.189 -0.541  1.00 20.64 ?  22  GLY A N    1 
ATOM   175  C  CA   . GLY A 1 22  ? -11.980 -10.074 0.551   1.00 21.65 ?  22  GLY A CA   1 
ATOM   176  C  C    . GLY A 1 22  ? -11.775 -8.891  1.471   1.00 21.26 ?  22  GLY A C    1 
ATOM   177  O  O    . GLY A 1 22  ? -12.453 -8.805  2.495   1.00 19.68 ?  22  GLY A O    1 
ATOM   178  N  N    . TYR A 1 23  ? -10.872 -7.970  1.144   1.00 18.94 ?  23  TYR A N    1 
ATOM   179  C  CA   . TYR A 1 23  ? -10.593 -6.817  1.996   1.00 19.27 ?  23  TYR A CA   1 
ATOM   180  C  C    . TYR A 1 23  ? -11.345 -5.599  1.469   1.00 17.36 ?  23  TYR A C    1 
ATOM   181  O  O    . TYR A 1 23  ? -11.031 -5.086  0.390   1.00 19.54 ?  23  TYR A O    1 
ATOM   182  C  CB   . TYR A 1 23  ? -9.093  -6.546  2.084   1.00 19.80 ?  23  TYR A CB   1 
ATOM   183  C  CG   . TYR A 1 23  ? -8.338  -7.589  2.872   1.00 17.29 ?  23  TYR A CG   1 
ATOM   184  C  CD1  . TYR A 1 23  ? -8.224  -7.492  4.251   1.00 17.28 ?  23  TYR A CD1  1 
ATOM   185  C  CD2  . TYR A 1 23  ? -7.749  -8.675  2.236   1.00 17.30 ?  23  TYR A CD2  1 
ATOM   186  C  CE1  . TYR A 1 23  ? -7.538  -8.442  4.975   1.00 16.57 ?  23  TYR A CE1  1 
ATOM   187  C  CE2  . TYR A 1 23  ? -7.059  -9.636  2.961   1.00 16.98 ?  23  TYR A CE2  1 
ATOM   188  C  CZ   . TYR A 1 23  ? -6.957  -9.510  4.330   1.00 17.14 ?  23  TYR A CZ   1 
ATOM   189  O  OH   . TYR A 1 23  ? -6.277  -10.447 5.077   1.00 18.15 ?  23  TYR A OH   1 
ATOM   190  N  N    . SER A 1 24  ? -12.314 -5.128  2.249   1.00 21.92 ?  24  SER A N    1 
ATOM   191  C  CA   . SER A 1 24  ? -13.121 -3.988  1.846   1.00 19.95 ?  24  SER A CA   1 
ATOM   192  C  C    . SER A 1 24  ? -12.257 -2.737  1.683   1.00 21.74 ?  24  SER A C    1 
ATOM   193  O  O    . SER A 1 24  ? -11.148 -2.630  2.220   1.00 21.23 ?  24  SER A O    1 
ATOM   194  C  CB   . SER A 1 24  ? -14.222 -3.724  2.874   1.00 24.16 ?  24  SER A CB   1 
ATOM   195  O  OG   . SER A 1 24  ? -13.677 -3.348  4.125   1.00 25.76 ?  24  SER A OG   1 
ATOM   196  N  N    . LEU A 1 25  ? -12.801 -1.772  0.939   1.00 20.32 ?  25  LEU A N    1 
ATOM   197  C  CA   . LEU A 1 25  ? -12.061 -0.562  0.590   1.00 19.55 ?  25  LEU A CA   1 
ATOM   198  C  C    . LEU A 1 25  ? -11.545 0.169   1.826   1.00 20.94 ?  25  LEU A C    1 
ATOM   199  O  O    . LEU A 1 25  ? -10.440 0.723   1.807   1.00 18.97 ?  25  LEU A O    1 
ATOM   200  C  CB   . LEU A 1 25  ? -12.953 0.347   -0.256  1.00 21.06 ?  25  LEU A CB   1 
ATOM   201  C  CG   . LEU A 1 25  ? -12.322 1.597   -0.867  1.00 20.01 ?  25  LEU A CG   1 
ATOM   202  C  CD1  . LEU A 1 25  ? -11.114 1.239   -1.711  1.00 25.22 ?  25  LEU A CD1  1 
ATOM   203  C  CD2  . LEU A 1 25  ? -13.370 2.304   -1.711  1.00 22.57 ?  25  LEU A CD2  1 
ATOM   204  N  N    . GLY A 1 26  ? -12.324 0.177   2.908   1.00 19.23 ?  26  GLY A N    1 
ATOM   205  C  CA   . GLY A 1 26  ? -11.892 0.845   4.127   1.00 19.85 ?  26  GLY A CA   1 
ATOM   206  C  C    . GLY A 1 26  ? -10.607 0.281   4.704   1.00 18.53 ?  26  GLY A C    1 
ATOM   207  O  O    . GLY A 1 26  ? -9.812  1.019   5.298   1.00 18.27 ?  26  GLY A O    1 
ATOM   208  N  N    . ASN A 1 27  ? -10.380 -1.026  4.543   1.00 18.75 ?  27  ASN A N    1 
ATOM   209  C  CA   . ASN A 1 27  ? -9.128  -1.620  5.009   1.00 17.75 ?  27  ASN A CA   1 
ATOM   210  C  C    . ASN A 1 27  ? -7.936  -1.025  4.280   1.00 17.44 ?  27  ASN A C    1 
ATOM   211  O  O    . ASN A 1 27  ? -6.898  -0.743  4.896   1.00 16.82 ?  27  ASN A O    1 
ATOM   212  C  CB   . ASN A 1 27  ? -9.151  -3.135  4.807   1.00 17.65 ?  27  ASN A CB   1 
ATOM   213  C  CG   . ASN A 1 27  ? -9.928  -3.837  5.880   1.00 16.94 ?  27  ASN A CG   1 
ATOM   214  O  OD1  . ASN A 1 27  ? -9.453  -3.984  6.996   1.00 18.08 ?  27  ASN A OD1  1 
ATOM   215  N  ND2  . ASN A 1 27  ? -11.148 -4.251  5.558   1.00 19.07 ?  27  ASN A ND2  1 
ATOM   216  N  N    . TRP A 1 28  ? -8.065  -0.839  2.967   1.00 17.09 ?  28  TRP A N    1 
ATOM   217  C  CA   . TRP A 1 28  ? -6.974  -0.306  2.160   1.00 16.80 ?  28  TRP A CA   1 
ATOM   218  C  C    . TRP A 1 28  ? -6.728  1.170   2.456   1.00 16.97 ?  28  TRP A C    1 
ATOM   219  O  O    . TRP A 1 28  ? -5.575  1.609   2.516   1.00 17.03 ?  28  TRP A O    1 
ATOM   220  C  CB   . TRP A 1 28  ? -7.287  -0.518  0.680   1.00 17.31 ?  28  TRP A CB   1 
ATOM   221  C  CG   . TRP A 1 28  ? -7.376  -1.970  0.309   1.00 17.92 ?  28  TRP A CG   1 
ATOM   222  C  CD1  . TRP A 1 28  ? -8.510  -2.704  0.085   1.00 20.48 ?  28  TRP A CD1  1 
ATOM   223  C  CD2  . TRP A 1 28  ? -6.277  -2.863  0.126   1.00 17.21 ?  28  TRP A CD2  1 
ATOM   224  N  NE1  . TRP A 1 28  ? -8.176  -3.999  -0.227  1.00 19.16 ?  28  TRP A NE1  1 
ATOM   225  C  CE2  . TRP A 1 28  ? -6.811  -4.122  -0.208  1.00 18.59 ?  28  TRP A CE2  1 
ATOM   226  C  CE3  . TRP A 1 28  ? -4.888  -2.719  0.216   1.00 18.17 ?  28  TRP A CE3  1 
ATOM   227  C  CZ2  . TRP A 1 28  ? -6.005  -5.233  -0.455  1.00 18.80 ?  28  TRP A CZ2  1 
ATOM   228  C  CZ3  . TRP A 1 28  ? -4.091  -3.821  -0.030  1.00 18.58 ?  28  TRP A CZ3  1 
ATOM   229  C  CH2  . TRP A 1 28  ? -4.650  -5.061  -0.364  1.00 20.03 ?  28  TRP A CH2  1 
ATOM   230  N  N    . VAL A 1 29  ? -7.796  1.955   2.625   1.00 17.48 ?  29  VAL A N    1 
ATOM   231  C  CA   . VAL A 1 29  ? -7.639  3.367   2.969   1.00 17.16 ?  29  VAL A CA   1 
ATOM   232  C  C    . VAL A 1 29  ? -7.014  3.515   4.352   1.00 16.10 ?  29  VAL A C    1 
ATOM   233  O  O    . VAL A 1 29  ? -6.109  4.334   4.560   1.00 18.05 ?  29  VAL A O    1 
ATOM   234  C  CB   . VAL A 1 29  ? -8.986  4.110   2.849   1.00 19.45 ?  29  VAL A CB   1 
ATOM   235  C  CG1  . VAL A 1 29  ? -8.844  5.557   3.310   1.00 17.88 ?  29  VAL A CG1  1 
ATOM   236  C  CG2  . VAL A 1 29  ? -9.507  4.044   1.417   1.00 20.07 ?  29  VAL A CG2  1 
ATOM   237  N  N    . CYS A 1 30  ? -7.477  2.722   5.317   1.00 17.13 ?  30  CYS A N    1 
ATOM   238  C  CA   . CYS A 1 30  ? -6.879  2.744   6.646   1.00 18.40 ?  30  CYS A CA   1 
ATOM   239  C  C    . CYS A 1 30  ? -5.399  2.369   6.593   1.00 17.69 ?  30  CYS A C    1 
ATOM   240  O  O    . CYS A 1 30  ? -4.559  3.010   7.242   1.00 16.52 ?  30  CYS A O    1 
ATOM   241  C  CB   . CYS A 1 30  ? -7.650  1.797   7.565   1.00 18.12 ?  30  CYS A CB   1 
ATOM   242  S  SG   . CYS A 1 30  ? -7.083  1.804   9.271   1.00 18.11 ?  30  CYS A SG   1 
ATOM   243  N  N    . ALA A 1 31  ? -5.062  1.333   5.825   1.00 17.20 ?  31  ALA A N    1 
ATOM   244  C  CA   . ALA A 1 31  ? -3.664  0.934   5.704   1.00 16.28 ?  31  ALA A CA   1 
ATOM   245  C  C    . ALA A 1 31  ? -2.823  2.067   5.136   1.00 15.94 ?  31  ALA A C    1 
ATOM   246  O  O    . ALA A 1 31  ? -1.751  2.383   5.661   1.00 17.30 ?  31  ALA A O    1 
ATOM   247  C  CB   . ALA A 1 31  ? -3.545  -0.312  4.826   1.00 18.10 ?  31  ALA A CB   1 
ATOM   248  N  N    . ALA A 1 32  ? -3.305  2.710   4.072   1.00 16.45 ?  32  ALA A N    1 
ATOM   249  C  CA   . ALA A 1 32  ? -2.562  3.816   3.483   1.00 17.36 ?  32  ALA A CA   1 
ATOM   250  C  C    . ALA A 1 32  ? -2.425  4.973   4.464   1.00 16.68 ?  32  ALA A C    1 
ATOM   251  O  O    . ALA A 1 32  ? -1.372  5.623   4.525   1.00 17.41 ?  32  ALA A O    1 
ATOM   252  C  CB   . ALA A 1 32  ? -3.253  4.276   2.205   1.00 17.11 ?  32  ALA A CB   1 
ATOM   253  N  N    . LYS A 1 33  ? -3.481  5.255   5.233   1.00 16.13 ?  33  LYS A N    1 
ATOM   254  C  CA   . LYS A 1 33  ? -3.414  6.327   6.222   1.00 16.87 ?  33  LYS A CA   1 
ATOM   255  C  C    . LYS A 1 33  ? -2.260  6.111   7.191   1.00 17.50 ?  33  LYS A C    1 
ATOM   256  O  O    . LYS A 1 33  ? -1.459  7.022   7.438   1.00 18.72 ?  33  LYS A O    1 
ATOM   257  C  CB   . LYS A 1 33  ? -4.732  6.420   6.992   1.00 18.04 ?  33  LYS A CB   1 
ATOM   258  C  CG   . LYS A 1 33  ? -4.656  7.300   8.229   1.00 20.88 ?  33  LYS A CG   1 
ATOM   259  C  CD   . LYS A 1 33  ? -4.440  8.754   7.863   1.00 22.21 ?  33  LYS A CD   1 
ATOM   260  C  CE   . LYS A 1 33  ? -4.389  9.633   9.102   1.00 30.83 ?  33  LYS A CE   1 
ATOM   261  N  NZ   . LYS A 1 33  ? -4.111  11.054  8.746   1.00 34.70 ?  33  LYS A NZ   1 
ATOM   262  N  N    . PHE A 1 34  ? -2.155  4.913   7.753   1.00 17.97 ?  34  PHE A N    1 
ATOM   263  C  CA   . PHE A 1 34  ? -1.156  4.691   8.785   1.00 17.74 ?  34  PHE A CA   1 
ATOM   264  C  C    . PHE A 1 34  ? 0.199   4.249   8.244   1.00 18.14 ?  34  PHE A C    1 
ATOM   265  O  O    . PHE A 1 34  ? 1.200   4.377   8.957   1.00 21.57 ?  34  PHE A O    1 
ATOM   266  C  CB   . PHE A 1 34  ? -1.706  3.768   9.872   1.00 18.67 ?  34  PHE A CB   1 
ATOM   267  C  CG   . PHE A 1 34  ? -2.879  4.354   10.605  1.00 17.71 ?  34  PHE A CG   1 
ATOM   268  C  CD1  . PHE A 1 34  ? -2.757  5.568   11.258  1.00 17.57 ?  34  PHE A CD1  1 
ATOM   269  C  CD2  . PHE A 1 34  ? -4.105  3.709   10.623  1.00 21.75 ?  34  PHE A CD2  1 
ATOM   270  C  CE1  . PHE A 1 34  ? -3.827  6.125   11.931  1.00 20.62 ?  34  PHE A CE1  1 
ATOM   271  C  CE2  . PHE A 1 34  ? -5.185  4.261   11.297  1.00 25.30 ?  34  PHE A CE2  1 
ATOM   272  C  CZ   . PHE A 1 34  ? -5.044  5.473   11.953  1.00 19.90 ?  34  PHE A CZ   1 
ATOM   273  N  N    . GLU A 1 35  ? 0.270   3.771   7.004   1.00 16.64 ?  35  GLU A N    1 
ATOM   274  C  CA   . GLU A 1 35  ? 1.569   3.477   6.410   1.00 17.69 ?  35  GLU A CA   1 
ATOM   275  C  C    . GLU A 1 35  ? 2.264   4.744   5.920   1.00 18.70 ?  35  GLU A C    1 
ATOM   276  O  O    . GLU A 1 35  ? 3.468   4.916   6.137   1.00 19.26 ?  35  GLU A O    1 
ATOM   277  C  CB   . GLU A 1 35  ? 1.426   2.477   5.259   1.00 16.51 ?  35  GLU A CB   1 
ATOM   278  C  CG   . GLU A 1 35  ? 1.022   1.062   5.679   1.00 17.99 ?  35  GLU A CG   1 
ATOM   279  C  CD   . GLU A 1 35  ? 2.115   0.314   6.421   1.00 18.17 ?  35  GLU A CD   1 
ATOM   280  O  OE1  . GLU A 1 35  ? 3.265   0.795   6.448   1.00 22.60 ?  35  GLU A OE1  1 
ATOM   281  O  OE2  . GLU A 1 35  ? 1.815   -0.762  6.986   1.00 20.28 ?  35  GLU A OE2  1 
ATOM   282  N  N    . SER A 1 36  ? 1.527   5.644   5.266   1.00 17.18 ?  36  SER A N    1 
ATOM   283  C  CA   . SER A 1 36  ? 2.139   6.752   4.549   1.00 19.46 ?  36  SER A CA   1 
ATOM   284  C  C    . SER A 1 36  ? 1.489   8.101   4.796   1.00 20.08 ?  36  SER A C    1 
ATOM   285  O  O    . SER A 1 36  ? 1.951   9.093   4.224   1.00 18.33 ?  36  SER A O    1 
ATOM   286  C  CB   . SER A 1 36  ? 2.077   6.495   3.041   1.00 17.12 ?  36  SER A CB   1 
ATOM   287  O  OG   . SER A 1 36  ? 0.722   6.533   2.609   1.00 17.31 ?  36  SER A OG   1 
ATOM   288  N  N    . ASN A 1 37  ? 0.418   8.170   5.589   1.00 19.48 ?  37  ASN A N    1 
ATOM   289  C  CA   . ASN A 1 37  ? -0.378  9.394   5.723   1.00 22.29 ?  37  ASN A CA   1 
ATOM   290  C  C    . ASN A 1 37  ? -0.851  9.910   4.364   1.00 19.51 ?  37  ASN A C    1 
ATOM   291  O  O    . ASN A 1 37  ? -0.933  11.120  4.135   1.00 21.68 ?  37  ASN A O    1 
ATOM   292  C  CB   . ASN A 1 37  ? 0.346   10.481  6.524   1.00 23.20 ?  37  ASN A CB   1 
ATOM   293  C  CG   . ASN A 1 37  ? -0.616  11.441  7.201   1.00 29.40 ?  37  ASN A CG   1 
ATOM   294  O  OD1  . ASN A 1 37  ? -1.806  11.154  7.337   1.00 30.24 ?  37  ASN A OD1  1 
ATOM   295  N  ND2  . ASN A 1 37  ? -0.102  12.581  7.642   1.00 32.63 ?  37  ASN A ND2  1 
ATOM   296  N  N    . PHE A 1 38  ? -1.145  8.985   3.451   1.00 18.09 ?  38  PHE A N    1 
ATOM   297  C  CA   . PHE A 1 38  ? -1.691  9.267   2.125   1.00 18.82 ?  38  PHE A CA   1 
ATOM   298  C  C    . PHE A 1 38  ? -0.679  9.918   1.183   1.00 19.53 ?  38  PHE A C    1 
ATOM   299  O  O    . PHE A 1 38  ? -1.062  10.458  0.139   1.00 20.09 ?  38  PHE A O    1 
ATOM   300  C  CB   . PHE A 1 38  ? -2.981  10.105  2.177   1.00 19.23 ?  38  PHE A CB   1 
ATOM   301  C  CG   . PHE A 1 38  ? -4.112  9.484   2.969   1.00 19.59 ?  38  PHE A CG   1 
ATOM   302  C  CD1  . PHE A 1 38  ? -4.365  8.116   2.935   1.00 18.00 ?  38  PHE A CD1  1 
ATOM   303  C  CD2  . PHE A 1 38  ? -4.944  10.290  3.735   1.00 23.27 ?  38  PHE A CD2  1 
ATOM   304  C  CE1  . PHE A 1 38  ? -5.426  7.576   3.659   1.00 18.64 ?  38  PHE A CE1  1 
ATOM   305  C  CE2  . PHE A 1 38  ? -6.000  9.751   4.460   1.00 22.02 ?  38  PHE A CE2  1 
ATOM   306  C  CZ   . PHE A 1 38  ? -6.238  8.396   4.419   1.00 22.40 ?  38  PHE A CZ   1 
ATOM   307  N  N    . ASN A 1 39  ? 0.613   9.873   1.518   1.00 20.66 ?  39  ASN A N    1 
ATOM   308  C  CA   . ASN A 1 39  ? 1.655   10.542  0.744   1.00 18.33 ?  39  ASN A CA   1 
ATOM   309  C  C    . ASN A 1 39  ? 2.341   9.512   -0.150  1.00 17.93 ?  39  ASN A C    1 
ATOM   310  O  O    . ASN A 1 39  ? 3.019   8.607   0.352   1.00 18.88 ?  39  ASN A O    1 
ATOM   311  C  CB   . ASN A 1 39  ? 2.658   11.181  1.701   1.00 18.43 ?  39  ASN A CB   1 
ATOM   312  C  CG   . ASN A 1 39  ? 3.694   12.038  0.990   1.00 16.87 ?  39  ASN A CG   1 
ATOM   313  O  OD1  . ASN A 1 39  ? 3.771   12.055  -0.234  1.00 17.05 ?  39  ASN A OD1  1 
ATOM   314  N  ND2  . ASN A 1 39  ? 4.502   12.749  1.771   1.00 24.37 ?  39  ASN A ND2  1 
ATOM   315  N  N    . THR A 1 40  ? 2.194   9.658   -1.470  1.00 18.21 ?  40  THR A N    1 
ATOM   316  C  CA   . THR A 1 40  ? 2.813   8.699   -2.382  1.00 19.58 ?  40  THR A CA   1 
ATOM   317  C  C    . THR A 1 40  ? 4.334   8.728   -2.324  1.00 17.95 ?  40  THR A C    1 
ATOM   318  O  O    . THR A 1 40  ? 4.967   7.752   -2.731  1.00 17.81 ?  40  THR A O    1 
ATOM   319  C  CB   . THR A 1 40  ? 2.391   8.928   -3.834  1.00 18.67 ?  40  THR A CB   1 
ATOM   320  O  OG1  . THR A 1 40  ? 2.933   10.170  -4.308  1.00 21.61 ?  40  THR A OG1  1 
ATOM   321  C  CG2  . THR A 1 40  ? 0.879   8.934   -3.972  1.00 21.29 ?  40  THR A CG2  1 
ATOM   322  N  N    . GLN A 1 41  ? 4.934   9.821   -1.857  1.00 17.85 ?  41  GLN A N    1 
ATOM   323  C  CA   . GLN A 1 41  ? 6.387   9.955   -1.853  1.00 17.30 ?  41  GLN A CA   1 
ATOM   324  C  C    . GLN A 1 41  ? 7.037   9.439   -0.580  1.00 18.22 ?  41  GLN A C    1 
ATOM   325  O  O    . GLN A 1 41  ? 8.262   9.550   -0.449  1.00 20.23 ?  41  GLN A O    1 
ATOM   326  C  CB   . GLN A 1 41  ? 6.802   11.410  -2.098  1.00 18.12 ?  41  GLN A CB   1 
ATOM   327  C  CG   . GLN A 1 41  ? 6.389   11.935  -3.461  1.00 19.61 ?  41  GLN A CG   1 
ATOM   328  C  CD   . GLN A 1 41  ? 7.105   13.217  -3.812  1.00 18.99 ?  41  GLN A CD   1 
ATOM   329  O  OE1  . GLN A 1 41  ? 8.280   13.201  -4.174  1.00 21.19 ?  41  GLN A OE1  1 
ATOM   330  N  NE2  . GLN A 1 41  ? 6.408   14.341  -3.678  1.00 20.14 ?  41  GLN A NE2  1 
ATOM   331  N  N    . ALA A 1 42  ? 6.264   8.874   0.347   1.00 16.83 ?  42  ALA A N    1 
ATOM   332  C  CA   . ALA A 1 42  ? 6.816   8.432   1.622   1.00 15.93 ?  42  ALA A CA   1 
ATOM   333  C  C    . ALA A 1 42  ? 7.834   7.314   1.424   1.00 16.18 ?  42  ALA A C    1 
ATOM   334  O  O    . ALA A 1 42  ? 7.606   6.367   0.669   1.00 15.84 ?  42  ALA A O    1 
ATOM   335  C  CB   . ALA A 1 42  ? 5.698   7.958   2.551   1.00 18.68 ?  42  ALA A CB   1 
ATOM   336  N  N    . THR A 1 43  ? 8.974   7.441   2.098   1.00 16.98 ?  43  THR A N    1 
ATOM   337  C  CA   . THR A 1 43  ? 9.983   6.393   2.134   1.00 20.04 ?  43  THR A CA   1 
ATOM   338  C  C    . THR A 1 43  ? 10.464  6.234   3.565   1.00 18.55 ?  43  THR A C    1 
ATOM   339  O  O    . THR A 1 43  ? 10.568  7.212   4.308   1.00 21.85 ?  43  THR A O    1 
ATOM   340  C  CB   . THR A 1 43  ? 11.203  6.710   1.263   1.00 18.51 ?  43  THR A CB   1 
ATOM   341  O  OG1  . THR A 1 43  ? 11.825  7.919   1.724   1.00 20.43 ?  43  THR A OG1  1 
ATOM   342  C  CG2  . THR A 1 43  ? 10.814  6.851   -0.196  1.00 19.99 ?  43  THR A CG2  1 
ATOM   343  N  N    . ASN A 1 44  ? 10.773  4.995   3.942   1.00 17.66 ?  44  ASN A N    1 
ATOM   344  C  CA   . ASN A 1 44  ? 11.297  4.742   5.279   1.00 19.39 ?  44  ASN A CA   1 
ATOM   345  C  C    . ASN A 1 44  ? 12.289  3.590   5.237   1.00 17.32 ?  44  ASN A C    1 
ATOM   346  O  O    . ASN A 1 44  ? 11.971  2.501   4.748   1.00 17.34 ?  44  ASN A O    1 
ATOM   347  C  CB   . ASN A 1 44  ? 10.166  4.465   6.277   1.00 24.55 ?  44  ASN A CB   1 
ATOM   348  C  CG   . ASN A 1 44  ? 9.330   5.704   6.567   1.00 32.98 ?  44  ASN A CG   1 
ATOM   349  O  OD1  . ASN A 1 44  ? 9.731   6.570   7.352   1.00 31.14 ?  44  ASN A OD1  1 
ATOM   350  N  ND2  . ASN A 1 44  ? 8.168   5.801   5.926   1.00 30.29 ?  44  ASN A ND2  1 
ATOM   351  N  N    . ARG A 1 45  ? 13.493  3.845   5.739   1.00 18.35 ?  45  ARG A N    1 
ATOM   352  C  CA   . ARG A 1 45  ? 14.537  2.831   5.769   1.00 17.63 ?  45  ARG A CA   1 
ATOM   353  C  C    . ARG A 1 45  ? 14.350  1.933   6.985   1.00 20.14 ?  45  ARG A C    1 
ATOM   354  O  O    . ARG A 1 45  ? 14.044  2.405   8.084   1.00 22.73 ?  45  ARG A O    1 
ATOM   355  C  CB   . ARG A 1 45  ? 15.919  3.488   5.831   1.00 22.21 ?  45  ARG A CB   1 
ATOM   356  C  CG   . ARG A 1 45  ? 17.090  2.513   5.628   1.00 24.70 ?  45  ARG A CG   1 
ATOM   357  C  CD   . ARG A 1 45  ? 17.440  2.340   4.154   1.00 34.59 ?  45  ARG A CD   1 
ATOM   358  N  NE   . ARG A 1 45  ? 18.659  3.054   3.773   1.00 50.31 ?  45  ARG A NE   1 
ATOM   359  C  CZ   . ARG A 1 45  ? 19.746  2.481   3.255   1.00 37.13 ?  45  ARG A CZ   1 
ATOM   360  N  NH1  . ARG A 1 45  ? 20.798  3.221   2.943   1.00 43.10 ?  45  ARG A NH1  1 
ATOM   361  N  NH2  . ARG A 1 45  ? 19.782  1.173   3.028   1.00 30.54 ?  45  ARG A NH2  1 
ATOM   362  N  N    . ASN A 1 46  ? 14.544  0.635   6.779   1.00 18.91 ?  46  ASN A N    1 
ATOM   363  C  CA   . ASN A 1 46  ? 14.424  -0.362  7.832   1.00 21.26 ?  46  ASN A CA   1 
ATOM   364  C  C    . ASN A 1 46  ? 15.802  -0.808  8.312   1.00 24.43 ?  46  ASN A C    1 
ATOM   365  O  O    . ASN A 1 46  ? 16.817  -0.615  7.638   1.00 22.37 ?  46  ASN A O    1 
ATOM   366  C  CB   . ASN A 1 46  ? 13.633  -1.569  7.326   1.00 21.41 ?  46  ASN A CB   1 
ATOM   367  C  CG   . ASN A 1 46  ? 12.295  -1.174  6.742   1.00 25.18 ?  46  ASN A CG   1 
ATOM   368  O  OD1  . ASN A 1 46  ? 11.992  -1.480  5.590   1.00 33.53 ?  46  ASN A OD1  1 
ATOM   369  N  ND2  . ASN A 1 46  ? 11.491  -0.475  7.531   1.00 37.88 ?  46  ASN A ND2  1 
ATOM   370  N  N    . THR A 1 47  ? 15.818  -1.426  9.498   1.00 25.85 ?  47  THR A N    1 
ATOM   371  C  CA   . THR A 1 47  ? 17.078  -1.836  10.112  1.00 31.26 ?  47  THR A CA   1 
ATOM   372  C  C    . THR A 1 47  ? 17.845  -2.833  9.251   1.00 25.09 ?  47  THR A C    1 
ATOM   373  O  O    . THR A 1 47  ? 19.081  -2.841  9.271   1.00 29.20 ?  47  THR A O    1 
ATOM   374  C  CB   . THR A 1 47  ? 16.828  -2.420  11.504  1.00 35.19 ?  47  THR A CB   1 
ATOM   375  O  OG1  . THR A 1 47  ? 15.991  -3.579  11.393  1.00 40.57 ?  47  THR A OG1  1 
ATOM   376  C  CG2  . THR A 1 47  ? 16.150  -1.400  12.397  1.00 28.01 ?  47  THR A CG2  1 
ATOM   377  N  N    . ASP A 1 48  ? 17.144  -3.676  8.491   1.00 23.66 ?  48  ASP A N    1 
ATOM   378  C  CA   . ASP A 1 48  ? 17.828  -4.665  7.666   1.00 23.90 ?  48  ASP A CA   1 
ATOM   379  C  C    . ASP A 1 48  ? 18.445  -4.073  6.405   1.00 23.17 ?  48  ASP A C    1 
ATOM   380  O  O    . ASP A 1 48  ? 19.033  -4.816  5.613   1.00 27.88 ?  48  ASP A O    1 
ATOM   381  C  CB   . ASP A 1 48  ? 16.907  -5.847  7.330   1.00 24.99 ?  48  ASP A CB   1 
ATOM   382  C  CG   . ASP A 1 48  ? 15.767  -5.475  6.391   1.00 25.82 ?  48  ASP A CG   1 
ATOM   383  O  OD1  . ASP A 1 48  ? 15.595  -4.280  6.063   1.00 22.38 ?  48  ASP A OD1  1 
ATOM   384  O  OD2  . ASP A 1 48  ? 15.035  -6.394  5.972   1.00 28.05 ?  48  ASP A OD2  1 
ATOM   385  N  N    . GLY A 1 49  ? 18.324  -2.765  6.197   1.00 21.62 ?  49  GLY A N    1 
ATOM   386  C  CA   . GLY A 1 49  ? 18.854  -2.113  5.025   1.00 23.66 ?  49  GLY A CA   1 
ATOM   387  C  C    . GLY A 1 49  ? 17.855  -1.939  3.901   1.00 21.84 ?  49  GLY A C    1 
ATOM   388  O  O    . GLY A 1 49  ? 18.125  -1.179  2.964   1.00 21.19 ?  49  GLY A O    1 
ATOM   389  N  N    . SER A 1 50  ? 16.719  -2.628  3.964   1.00 18.86 ?  50  SER A N    1 
ATOM   390  C  CA   . SER A 1 50  ? 15.662  -2.418  2.988   1.00 18.02 ?  50  SER A CA   1 
ATOM   391  C  C    . SER A 1 50  ? 14.969  -1.081  3.246   1.00 16.25 ?  50  SER A C    1 
ATOM   392  O  O    . SER A 1 50  ? 15.162  -0.432  4.276   1.00 17.35 ?  50  SER A O    1 
ATOM   393  C  CB   . SER A 1 50  ? 14.633  -3.547  3.054   1.00 19.45 ?  50  SER A CB   1 
ATOM   394  O  OG   . SER A 1 50  ? 13.911  -3.514  4.276   1.00 18.21 ?  50  SER A OG   1 
ATOM   395  N  N    . THR A 1 51  ? 14.139  -0.675  2.286   1.00 15.21 ?  51  THR A N    1 
ATOM   396  C  CA   . THR A 1 51  ? 13.376  0.560   2.374   1.00 15.39 ?  51  THR A CA   1 
ATOM   397  C  C    . THR A 1 51  ? 11.932  0.287   1.960   1.00 14.74 ?  51  THR A C    1 
ATOM   398  O  O    . THR A 1 51  ? 11.675  -0.530  1.068   1.00 15.14 ?  51  THR A O    1 
ATOM   399  C  CB   . THR A 1 51  ? 14.013  1.644   1.482   1.00 15.91 ?  51  THR A CB   1 
ATOM   400  O  OG1  . THR A 1 51  ? 15.378  1.850   1.875   1.00 17.09 ?  51  THR A OG1  1 
ATOM   401  C  CG2  . THR A 1 51  ? 13.262  2.962   1.584   1.00 17.59 ?  51  THR A CG2  1 
ATOM   402  N  N    . ASP A 1 52  ? 10.997  0.969   2.618   1.00 15.14 ?  52  ASP A N    1 
ATOM   403  C  CA   . ASP A 1 52  ? 9.578   0.914   2.275   1.00 15.25 ?  52  ASP A CA   1 
ATOM   404  C  C    . ASP A 1 52  ? 9.209   2.138   1.447   1.00 15.70 ?  52  ASP A C    1 
ATOM   405  O  O    . ASP A 1 52  ? 9.646   3.255   1.743   1.00 15.79 ?  52  ASP A O    1 
ATOM   406  C  CB   . ASP A 1 52  ? 8.708   0.898   3.532   1.00 17.05 ?  52  ASP A CB   1 
ATOM   407  C  CG   . ASP A 1 52  ? 8.991   -0.287  4.433   1.00 20.16 ?  52  ASP A CG   1 
ATOM   408  O  OD1  . ASP A 1 52  ? 9.290   -1.382  3.915   1.00 20.69 ?  52  ASP A OD1  1 
ATOM   409  O  OD2  . ASP A 1 52  ? 8.895   -0.120  5.665   1.00 27.68 ?  52  ASP A OD2  1 
ATOM   410  N  N    . TYR A 1 53  ? 8.391   1.929   0.415   1.00 15.41 ?  53  TYR A N    1 
ATOM   411  C  CA   . TYR A 1 53  ? 8.148   2.955   -0.594  1.00 16.40 ?  53  TYR A CA   1 
ATOM   412  C  C    . TYR A 1 53  ? 6.662   3.163   -0.829  1.00 15.03 ?  53  TYR A C    1 
ATOM   413  O  O    . TYR A 1 53  ? 5.925   2.200   -1.061  1.00 16.31 ?  53  TYR A O    1 
ATOM   414  C  CB   . TYR A 1 53  ? 8.777   2.559   -1.928  1.00 16.04 ?  53  TYR A CB   1 
ATOM   415  C  CG   . TYR A 1 53  ? 10.276  2.526   -1.914  1.00 16.22 ?  53  TYR A CG   1 
ATOM   416  C  CD1  . TYR A 1 53  ? 10.962  1.385   -1.524  1.00 16.29 ?  53  TYR A CD1  1 
ATOM   417  C  CD2  . TYR A 1 53  ? 11.013  3.643   -2.296  1.00 16.21 ?  53  TYR A CD2  1 
ATOM   418  C  CE1  . TYR A 1 53  ? 12.341  1.357   -1.509  1.00 15.32 ?  53  TYR A CE1  1 
ATOM   419  C  CE2  . TYR A 1 53  ? 12.393  3.625   -2.286  1.00 16.82 ?  53  TYR A CE2  1 
ATOM   420  C  CZ   . TYR A 1 53  ? 13.052  2.480   -1.891  1.00 15.69 ?  53  TYR A CZ   1 
ATOM   421  O  OH   . TYR A 1 53  ? 14.424  2.460   -1.878  1.00 15.92 ?  53  TYR A OH   1 
ATOM   422  N  N    . GLY A 1 54  ? 6.236   4.424   -0.816  1.00 15.89 ?  54  GLY A N    1 
ATOM   423  C  CA   . GLY A 1 54  ? 4.955   4.790   -1.387  1.00 16.60 ?  54  GLY A CA   1 
ATOM   424  C  C    . GLY A 1 54  ? 3.802   4.745   -0.411  1.00 15.31 ?  54  GLY A C    1 
ATOM   425  O  O    . GLY A 1 54  ? 3.946   4.603   0.803   1.00 16.32 ?  54  GLY A O    1 
ATOM   426  N  N    . ILE A 1 55  ? 2.607   4.872   -0.995  1.00 18.41 ?  55  ILE A N    1 
ATOM   427  C  CA   . ILE A 1 55  ? 1.385   5.048   -0.216  1.00 19.63 ?  55  ILE A CA   1 
ATOM   428  C  C    . ILE A 1 55  ? 1.087   3.829   0.652   1.00 17.12 ?  55  ILE A C    1 
ATOM   429  O  O    . ILE A 1 55  ? 0.449   3.950   1.705   1.00 18.53 ?  55  ILE A O    1 
ATOM   430  C  CB   . ILE A 1 55  ? 0.220   5.417   -1.157  1.00 24.92 ?  55  ILE A CB   1 
ATOM   431  C  CG1  . ILE A 1 55  ? -0.926  6.063   -0.375  1.00 37.18 ?  55  ILE A CG1  1 
ATOM   432  C  CG2  . ILE A 1 55  ? -0.243  4.199   -1.942  1.00 24.42 ?  55  ILE A CG2  1 
ATOM   433  C  CD1  . ILE A 1 55  ? -1.654  7.143   -1.156  1.00 32.58 ?  55  ILE A CD1  1 
ATOM   434  N  N    . LEU A 1 56  ? 1.565   2.649   0.253   1.00 17.33 ?  56  LEU A N    1 
ATOM   435  C  CA   . LEU A 1 56  ? 1.408   1.437   1.051   1.00 17.18 ?  56  LEU A CA   1 
ATOM   436  C  C    . LEU A 1 56  ? 2.739   0.870   1.542   1.00 19.00 ?  56  LEU A C    1 
ATOM   437  O  O    . LEU A 1 56  ? 2.791   -0.276  1.992   1.00 17.64 ?  56  LEU A O    1 
ATOM   438  C  CB   . LEU A 1 56  ? 0.590   0.386   0.299   1.00 19.68 ?  56  LEU A CB   1 
ATOM   439  C  CG   . LEU A 1 56  ? -0.899  0.716   0.141   1.00 19.16 ?  56  LEU A CG   1 
ATOM   440  C  CD1  . LEU A 1 56  ? -1.525  -0.160  -0.933  1.00 20.60 ?  56  LEU A CD1  1 
ATOM   441  C  CD2  . LEU A 1 56  ? -1.625  0.539   1.454   1.00 19.72 ?  56  LEU A CD2  1 
ATOM   442  N  N    . GLN A 1 57  ? 3.814   1.654   1.477   1.00 16.97 ?  57  GLN A N    1 
ATOM   443  C  CA   . GLN A 1 57  ? 5.074   1.327   2.147   1.00 16.38 ?  57  GLN A CA   1 
ATOM   444  C  C    . GLN A 1 57  ? 5.553   -0.084  1.800   1.00 16.46 ?  57  GLN A C    1 
ATOM   445  O  O    . GLN A 1 57  ? 5.785   -0.935  2.664   1.00 18.00 ?  57  GLN A O    1 
ATOM   446  C  CB   . GLN A 1 57  ? 4.964   1.555   3.655   1.00 15.98 ?  57  GLN A CB   1 
ATOM   447  C  CG   . GLN A 1 57  ? 4.894   3.021   4.024   1.00 16.57 ?  57  GLN A CG   1 
ATOM   448  C  CD   . GLN A 1 57  ? 6.192   3.742   3.731   1.00 17.20 ?  57  GLN A CD   1 
ATOM   449  O  OE1  . GLN A 1 57  ? 7.115   3.720   4.539   1.00 17.31 ?  57  GLN A OE1  1 
ATOM   450  N  NE2  . GLN A 1 57  ? 6.276   4.374   2.562   1.00 17.67 ?  57  GLN A NE2  1 
ATOM   451  N  N    . ILE A 1 58  ? 5.702   -0.310  0.505   1.00 15.97 ?  58  ILE A N    1 
ATOM   452  C  CA   . ILE A 1 58  ? 6.089   -1.614  -0.018  1.00 18.09 ?  58  ILE A CA   1 
ATOM   453  C  C    . ILE A 1 58  ? 7.604   -1.763  0.041   1.00 17.32 ?  58  ILE A C    1 
ATOM   454  O  O    . ILE A 1 58  ? 8.352   -0.849  -0.329  1.00 16.77 ?  58  ILE A O    1 
ATOM   455  C  CB   . ILE A 1 58  ? 5.536   -1.781  -1.442  1.00 16.83 ?  58  ILE A CB   1 
ATOM   456  C  CG1  . ILE A 1 58  ? 4.012   -1.921  -1.377  1.00 19.27 ?  58  ILE A CG1  1 
ATOM   457  C  CG2  . ILE A 1 58  ? 6.168   -2.964  -2.131  1.00 18.72 ?  58  ILE A CG2  1 
ATOM   458  C  CD1  . ILE A 1 58  ? 3.327   -1.830  -2.713  1.00 20.97 ?  58  ILE A CD1  1 
ATOM   459  N  N    . ASN A 1 59  ? 8.056   -2.935  0.485   1.00 16.80 ?  59  ASN A N    1 
ATOM   460  C  CA   . ASN A 1 59  ? 9.434   -3.153  0.913   1.00 18.35 ?  59  ASN A CA   1 
ATOM   461  C  C    . ASN A 1 59  ? 10.327  -3.683  -0.208  1.00 17.23 ?  59  ASN A C    1 
ATOM   462  O  O    . ASN A 1 59  ? 9.926   -4.548  -0.994  1.00 21.00 ?  59  ASN A O    1 
ATOM   463  C  CB   . ASN A 1 59  ? 9.440   -4.138  2.082   1.00 19.02 ?  59  ASN A CB   1 
ATOM   464  C  CG   . ASN A 1 59  ? 10.795  -4.267  2.723   1.00 20.08 ?  59  ASN A CG   1 
ATOM   465  O  OD1  . ASN A 1 59  ? 11.537  -5.205  2.444   1.00 23.68 ?  59  ASN A OD1  1 
ATOM   466  N  ND2  . ASN A 1 59  ? 11.133  -3.319  3.582   1.00 21.41 ?  59  ASN A ND2  1 
ATOM   467  N  N    . SER A 1 60  ? 11.561  -3.179  -0.247  1.00 18.06 ?  60  SER A N    1 
ATOM   468  C  CA   . SER A 1 60  ? 12.526  -3.497  -1.293  1.00 17.39 ?  60  SER A CA   1 
ATOM   469  C  C    . SER A 1 60  ? 13.219  -4.842  -1.104  1.00 20.10 ?  60  SER A C    1 
ATOM   470  O  O    . SER A 1 60  ? 13.958  -5.262  -2.000  1.00 21.94 ?  60  SER A O    1 
ATOM   471  C  CB   . SER A 1 60  ? 13.598  -2.409  -1.362  1.00 18.22 ?  60  SER A CB   1 
ATOM   472  O  OG   . SER A 1 60  ? 14.311  -2.344  -0.137  1.00 17.40 ?  60  SER A OG   1 
ATOM   473  N  N    . ARG A 1 61  ? 13.024  -5.521  0.029   1.00 18.42 ?  61  ARG A N    1 
ATOM   474  C  CA   . ARG A 1 61  ? 13.663  -6.824  0.191   1.00 23.59 ?  61  ARG A CA   1 
ATOM   475  C  C    . ARG A 1 61  ? 12.979  -7.886  -0.657  1.00 22.86 ?  61  ARG A C    1 
ATOM   476  O  O    . ARG A 1 61  ? 13.625  -8.843  -1.095  1.00 24.58 ?  61  ARG A O    1 
ATOM   477  C  CB   . ARG A 1 61  ? 13.699  -7.235  1.664   1.00 25.60 ?  61  ARG A CB   1 
ATOM   478  C  CG   . ARG A 1 61  ? 14.281  -8.624  1.904   1.00 36.82 ?  61  ARG A CG   1 
ATOM   479  C  CD   . ARG A 1 61  ? 14.755  -8.793  3.334   1.00 33.33 ?  61  ARG A CD   1 
ATOM   480  N  NE   . ARG A 1 61  ? 15.666  -7.720  3.726   1.00 49.55 ?  61  ARG A NE   1 
ATOM   481  C  CZ   . ARG A 1 61  ? 16.933  -7.629  3.335   1.00 51.02 ?  61  ARG A CZ   1 
ATOM   482  N  NH1  . ARG A 1 61  ? 17.682  -6.615  3.745   1.00 48.85 ?  61  ARG A NH1  1 
ATOM   483  N  NH2  . ARG A 1 61  ? 17.452  -8.545  2.529   1.00 53.90 ?  61  ARG A NH2  1 
ATOM   484  N  N    . TRP A 1 62  ? 11.687  -7.731  -0.909  1.00 21.22 ?  62  TRP A N    1 
ATOM   485  C  CA   . TRP A 1 62  ? 10.920  -8.739  -1.622  1.00 21.41 ?  62  TRP A CA   1 
ATOM   486  C  C    . TRP A 1 62  ? 10.263  -8.237  -2.893  1.00 18.69 ?  62  TRP A C    1 
ATOM   487  O  O    . TRP A 1 62  ? 10.165  -8.997  -3.858  1.00 22.10 ?  62  TRP A O    1 
ATOM   488  C  CB   . TRP A 1 62  ? 9.817   -9.306  -0.712  1.00 23.07 ?  62  TRP A CB   1 
ATOM   489  C  CG   . TRP A 1 62  ? 10.331  -9.756  0.620   1.00 31.23 ?  62  TRP A CG   1 
ATOM   490  C  CD1  . TRP A 1 62  ? 10.305  -9.052  1.789   1.00 34.37 ?  62  TRP A CD1  1 
ATOM   491  C  CD2  . TRP A 1 62  ? 10.967  -11.004 0.917   1.00 39.35 ?  62  TRP A CD2  1 
ATOM   492  N  NE1  . TRP A 1 62  ? 10.878  -9.788  2.797   1.00 41.74 ?  62  TRP A NE1  1 
ATOM   493  C  CE2  . TRP A 1 62  ? 11.292  -10.990 2.288   1.00 36.53 ?  62  TRP A CE2  1 
ATOM   494  C  CE3  . TRP A 1 62  ? 11.286  -12.134 0.158   1.00 41.81 ?  62  TRP A CE3  1 
ATOM   495  C  CZ2  . TRP A 1 62  ? 11.922  -12.063 2.917   1.00 51.06 ?  62  TRP A CZ2  1 
ATOM   496  C  CZ3  . TRP A 1 62  ? 11.912  -13.198 0.784   1.00 46.62 ?  62  TRP A CZ3  1 
ATOM   497  C  CH2  . TRP A 1 62  ? 12.224  -13.155 2.150   1.00 51.08 ?  62  TRP A CH2  1 
ATOM   498  N  N    . TRP A 1 63  ? 9.823   -6.983  -2.935  1.00 17.86 ?  63  TRP A N    1 
ATOM   499  C  CA   . TRP A 1 63  ? 8.792   -6.603  -3.885  1.00 17.96 ?  63  TRP A CA   1 
ATOM   500  C  C    . TRP A 1 63  ? 9.243   -5.674  -5.000  1.00 17.98 ?  63  TRP A C    1 
ATOM   501  O  O    . TRP A 1 63  ? 8.629   -5.689  -6.065  1.00 19.61 ?  63  TRP A O    1 
ATOM   502  C  CB   . TRP A 1 63  ? 7.601   -5.982  -3.154  1.00 17.48 ?  63  TRP A CB   1 
ATOM   503  C  CG   . TRP A 1 63  ? 7.075   -6.902  -2.113  1.00 18.86 ?  63  TRP A CG   1 
ATOM   504  C  CD1  . TRP A 1 63  ? 7.173   -6.754  -0.764  1.00 19.80 ?  63  TRP A CD1  1 
ATOM   505  C  CD2  . TRP A 1 63  ? 6.409   -8.148  -2.337  1.00 20.58 ?  63  TRP A CD2  1 
ATOM   506  N  NE1  . TRP A 1 63  ? 6.586   -7.821  -0.128  1.00 22.23 ?  63  TRP A NE1  1 
ATOM   507  C  CE2  . TRP A 1 63  ? 6.114   -8.693  -1.073  1.00 21.41 ?  63  TRP A CE2  1 
ATOM   508  C  CE3  . TRP A 1 63  ? 6.023   -8.849  -3.483  1.00 21.89 ?  63  TRP A CE3  1 
ATOM   509  C  CZ2  . TRP A 1 63  ? 5.445   -9.907  -0.921  1.00 22.38 ?  63  TRP A CZ2  1 
ATOM   510  C  CZ3  . TRP A 1 63  ? 5.362   -10.053 -3.328  1.00 21.07 ?  63  TRP A CZ3  1 
ATOM   511  C  CH2  . TRP A 1 63  ? 5.083   -10.570 -2.057  1.00 23.63 ?  63  TRP A CH2  1 
ATOM   512  N  N    . CYS A 1 64  ? 10.279  -4.864  -4.789  1.00 18.29 ?  64  CYS A N    1 
ATOM   513  C  CA   . CYS A 1 64  ? 10.708  -3.916  -5.808  1.00 19.69 ?  64  CYS A CA   1 
ATOM   514  C  C    . CYS A 1 64  ? 12.220  -3.789  -5.738  1.00 17.80 ?  64  CYS A C    1 
ATOM   515  O  O    . CYS A 1 64  ? 12.840  -4.135  -4.731  1.00 19.80 ?  64  CYS A O    1 
ATOM   516  C  CB   . CYS A 1 64  ? 10.023  -2.553  -5.633  1.00 18.70 ?  64  CYS A CB   1 
ATOM   517  S  SG   . CYS A 1 64  ? 10.383  -1.690  -4.072  1.00 18.28 ?  64  CYS A SG   1 
ATOM   518  N  N    . ASN A 1 65  ? 12.813  -3.283  -6.815  1.00 18.59 ?  65  ASN A N    1 
ATOM   519  C  CA   . ASN A 1 65  ? 14.258  -3.105  -6.876  1.00 19.46 ?  65  ASN A CA   1 
ATOM   520  C  C    . ASN A 1 65  ? 14.623  -1.647  -6.621  1.00 17.02 ?  65  ASN A C    1 
ATOM   521  O  O    . ASN A 1 65  ? 14.165  -0.750  -7.339  1.00 18.36 ?  65  ASN A O    1 
ATOM   522  C  CB   . ASN A 1 65  ? 14.826  -3.542  -8.223  1.00 21.09 ?  65  ASN A CB   1 
ATOM   523  C  CG   . ASN A 1 65  ? 16.298  -3.240  -8.333  1.00 26.96 ?  65  ASN A CG   1 
ATOM   524  O  OD1  . ASN A 1 65  ? 17.093  -3.723  -7.530  1.00 27.68 ?  65  ASN A OD1  1 
ATOM   525  N  ND2  . ASN A 1 65  ? 16.669  -2.411  -9.301  1.00 31.67 ?  65  ASN A ND2  1 
ATOM   526  N  N    . ASP A 1 66  ? 15.461  -1.417  -5.613  1.00 18.45 ?  66  ASP A N    1 
ATOM   527  C  CA   . ASP A 1 66  ? 16.040  -0.099  -5.392  1.00 18.23 ?  66  ASP A CA   1 
ATOM   528  C  C    . ASP A 1 66  ? 17.553  -0.065  -5.556  1.00 19.40 ?  66  ASP A C    1 
ATOM   529  O  O    . ASP A 1 66  ? 18.165  0.983   -5.314  1.00 19.16 ?  66  ASP A O    1 
ATOM   530  C  CB   . ASP A 1 66  ? 15.597  0.518   -4.050  1.00 18.11 ?  66  ASP A CB   1 
ATOM   531  C  CG   . ASP A 1 66  ? 16.154  -0.204  -2.824  1.00 16.99 ?  66  ASP A CG   1 
ATOM   532  O  OD1  . ASP A 1 66  ? 16.986  -1.130  -2.939  1.00 17.38 ?  66  ASP A OD1  1 
ATOM   533  O  OD2  . ASP A 1 66  ? 15.734  0.175   -1.710  1.00 16.93 ?  66  ASP A OD2  1 
ATOM   534  N  N    . GLY A 1 67  ? 18.169  -1.173  -5.961  1.00 20.29 ?  67  GLY A N    1 
ATOM   535  C  CA   . GLY A 1 67  ? 19.590  -1.224  -6.220  1.00 20.69 ?  67  GLY A CA   1 
ATOM   536  C  C    . GLY A 1 67  ? 20.480  -1.173  -5.000  1.00 24.45 ?  67  GLY A C    1 
ATOM   537  O  O    . GLY A 1 67  ? 21.707  -1.165  -5.155  1.00 28.37 ?  67  GLY A O    1 
ATOM   538  N  N    . ARG A 1 68  ? 19.913  -1.145  -3.789  1.00 20.97 ?  68  ARG A N    1 
ATOM   539  C  CA   . ARG A 1 68  ? 20.741  -1.053  -2.593  1.00 18.90 ?  68  ARG A CA   1 
ATOM   540  C  C    . ARG A 1 68  ? 20.273  -1.980  -1.476  1.00 20.89 ?  68  ARG A C    1 
ATOM   541  O  O    . ARG A 1 68  ? 20.611  -1.746  -0.310  1.00 25.22 ?  68  ARG A O    1 
ATOM   542  C  CB   . ARG A 1 68  ? 20.818  0.382   -2.075  1.00 20.38 ?  68  ARG A CB   1 
ATOM   543  C  CG   . ARG A 1 68  ? 19.504  0.922   -1.560  1.00 19.97 ?  68  ARG A CG   1 
ATOM   544  C  CD   . ARG A 1 68  ? 19.723  2.236   -0.843  1.00 21.59 ?  68  ARG A CD   1 
ATOM   545  N  NE   . ARG A 1 68  ? 18.596  2.572   0.015   1.00 20.79 ?  68  ARG A NE   1 
ATOM   546  C  CZ   . ARG A 1 68  ? 18.363  3.781   0.520   1.00 20.54 ?  68  ARG A CZ   1 
ATOM   547  N  NH1  . ARG A 1 68  ? 19.180  4.791   0.248   1.00 23.49 ?  68  ARG A NH1  1 
ATOM   548  N  NH2  . ARG A 1 68  ? 17.306  3.980   1.298   1.00 21.03 ?  68  ARG A NH2  1 
ATOM   549  N  N    . THR A 1 69  ? 19.513  -3.021  -1.799  1.00 21.14 ?  69  THR A N    1 
ATOM   550  C  CA   . THR A 1 69  ? 19.050  -4.006  -0.823  1.00 22.79 ?  69  THR A CA   1 
ATOM   551  C  C    . THR A 1 69  ? 19.652  -5.341  -1.239  1.00 20.10 ?  69  THR A C    1 
ATOM   552  O  O    . THR A 1 69  ? 19.044  -6.093  -2.017  1.00 23.00 ?  69  THR A O    1 
ATOM   553  C  CB   . THR A 1 69  ? 17.524  -4.040  -0.792  1.00 20.98 ?  69  THR A CB   1 
ATOM   554  O  OG1  . THR A 1 69  ? 17.031  -2.699  -0.648  1.00 19.01 ?  69  THR A OG1  1 
ATOM   555  C  CG2  . THR A 1 69  ? 17.031  -4.871  0.377   1.00 21.58 ?  69  THR A CG2  1 
ATOM   556  N  N    . PRO A 1 70  ? 20.858  -5.665  -0.773  1.00 26.25 ?  70  PRO A N    1 
ATOM   557  C  CA   . PRO A 1 70  ? 21.553  -6.860  -1.270  1.00 37.52 ?  70  PRO A CA   1 
ATOM   558  C  C    . PRO A 1 70  ? 20.779  -8.138  -0.983  1.00 40.68 ?  70  PRO A C    1 
ATOM   559  O  O    . PRO A 1 70  ? 20.127  -8.276  0.055   1.00 36.71 ?  70  PRO A O    1 
ATOM   560  C  CB   . PRO A 1 70  ? 22.884  -6.833  -0.510  1.00 40.04 ?  70  PRO A CB   1 
ATOM   561  C  CG   . PRO A 1 70  ? 23.091  -5.396  -0.170  1.00 32.30 ?  70  PRO A CG   1 
ATOM   562  C  CD   . PRO A 1 70  ? 21.713  -4.864  0.121   1.00 28.14 ?  70  PRO A CD   1 
ATOM   563  N  N    . GLY A 1 71  ? 20.859  -9.075  -1.925  1.00 38.72 ?  71  GLY A N    1 
ATOM   564  C  CA   . GLY A 1 71  ? 20.193  -10.354 -1.782  1.00 44.92 ?  71  GLY A CA   1 
ATOM   565  C  C    . GLY A 1 71  ? 18.687  -10.285 -1.780  1.00 33.48 ?  71  GLY A C    1 
ATOM   566  O  O    . GLY A 1 71  ? 18.034  -11.211 -1.294  1.00 48.20 ?  71  GLY A O    1 
ATOM   567  N  N    . SER A 1 72  ? 18.113  -9.214  -2.313  1.00 32.63 ?  72  SER A N    1 
ATOM   568  C  CA   . SER A 1 72  ? 16.675  -9.027  -2.283  1.00 33.66 ?  72  SER A CA   1 
ATOM   569  C  C    . SER A 1 72  ? 16.041  -9.515  -3.581  1.00 34.54 ?  72  SER A C    1 
ATOM   570  O  O    . SER A 1 72  ? 16.708  -9.735  -4.593  1.00 31.78 ?  72  SER A O    1 
ATOM   571  C  CB   . SER A 1 72  ? 16.337  -7.554  -2.074  1.00 30.85 ?  72  SER A CB   1 
ATOM   572  O  OG   . SER A 1 72  ? 16.596  -6.805  -3.249  1.00 30.38 ?  72  SER A OG   1 
ATOM   573  N  N    . ARG A 1 73  ? 14.726  -9.677  -3.537  1.00 29.48 ?  73  ARG A N    1 
ATOM   574  C  CA   . ARG A 1 73  ? 13.940  -10.029 -4.704  1.00 26.76 ?  73  ARG A CA   1 
ATOM   575  C  C    . ARG A 1 73  ? 13.196  -8.800  -5.215  1.00 30.10 ?  73  ARG A C    1 
ATOM   576  O  O    . ARG A 1 73  ? 13.166  -7.744  -4.578  1.00 32.07 ?  73  ARG A O    1 
ATOM   577  C  CB   . ARG A 1 73  ? 12.955  -11.153 -4.361  1.00 28.58 ?  73  ARG A CB   1 
ATOM   578  N  N    . ASN A 1 74  ? 12.595  -8.952  -6.393  1.00 25.81 ?  74  ASN A N    1 
ATOM   579  C  CA   . ASN A 1 74  ? 11.840  -7.899  -7.055  1.00 24.62 ?  74  ASN A CA   1 
ATOM   580  C  C    . ASN A 1 74  ? 10.588  -8.573  -7.631  1.00 19.82 ?  74  ASN A C    1 
ATOM   581  O  O    . ASN A 1 74  ? 10.384  -8.664  -8.841  1.00 22.29 ?  74  ASN A O    1 
ATOM   582  C  CB   . ASN A 1 74  ? 12.689  -7.214  -8.129  1.00 23.49 ?  74  ASN A CB   1 
ATOM   583  C  CG   . ASN A 1 74  ? 11.932  -6.143  -8.897  1.00 21.38 ?  74  ASN A CG   1 
ATOM   584  O  OD1  . ASN A 1 74  ? 10.855  -5.710  -8.497  1.00 20.91 ?  74  ASN A OD1  1 
ATOM   585  N  ND2  . ASN A 1 74  ? 12.499  -5.722  -10.023 1.00 24.15 ?  74  ASN A ND2  1 
ATOM   586  N  N    . LEU A 1 75  ? 9.726   -9.050  -6.729  1.00 21.91 ?  75  LEU A N    1 
ATOM   587  C  CA   . LEU A 1 75  ? 8.604   -9.891  -7.139  1.00 23.23 ?  75  LEU A CA   1 
ATOM   588  C  C    . LEU A 1 75  ? 7.557   -9.118  -7.929  1.00 24.54 ?  75  LEU A C    1 
ATOM   589  O  O    . LEU A 1 75  ? 6.839   -9.711  -8.742  1.00 25.61 ?  75  LEU A O    1 
ATOM   590  C  CB   . LEU A 1 75  ? 7.985   -10.587 -5.925  1.00 23.86 ?  75  LEU A CB   1 
ATOM   591  C  CG   . LEU A 1 75  ? 8.886   -11.630 -5.264  1.00 27.31 ?  75  LEU A CG   1 
ATOM   592  C  CD1  . LEU A 1 75  ? 8.267   -12.129 -3.970  1.00 29.28 ?  75  LEU A CD1  1 
ATOM   593  C  CD2  . LEU A 1 75  ? 9.153   -12.781 -6.219  1.00 33.51 ?  75  LEU A CD2  1 
ATOM   594  N  N    . CYS A 1 76  ? 7.447   -7.809  -7.714  1.00 21.51 ?  76  CYS A N    1 
ATOM   595  C  CA   . CYS A 1 76  ? 6.552   -6.990  -8.517  1.00 20.73 ?  76  CYS A CA   1 
ATOM   596  C  C    . CYS A 1 76  ? 7.197   -6.513  -9.810  1.00 19.15 ?  76  CYS A C    1 
ATOM   597  O  O    . CYS A 1 76  ? 6.525   -5.870  -10.622 1.00 22.24 ?  76  CYS A O    1 
ATOM   598  C  CB   . CYS A 1 76  ? 6.012   -5.814  -7.699  1.00 20.98 ?  76  CYS A CB   1 
ATOM   599  S  SG   . CYS A 1 76  ? 4.952   -6.363  -6.350  1.00 21.04 ?  76  CYS A SG   1 
ATOM   600  N  N    . ASN A 1 77  ? 8.476   -6.824  -10.019 1.00 20.60 ?  77  ASN A N    1 
ATOM   601  C  CA   . ASN A 1 77  ? 9.176   -6.524  -11.269 1.00 21.20 ?  77  ASN A CA   1 
ATOM   602  C  C    . ASN A 1 77  ? 9.106   -5.039  -11.618 1.00 24.44 ?  77  ASN A C    1 
ATOM   603  O  O    . ASN A 1 77  ? 8.758   -4.650  -12.734 1.00 26.21 ?  77  ASN A O    1 
ATOM   604  C  CB   . ASN A 1 77  ? 8.683   -7.404  -12.425 1.00 23.93 ?  77  ASN A CB   1 
ATOM   605  C  CG   . ASN A 1 77  ? 8.807   -8.891  -12.122 1.00 32.09 ?  77  ASN A CG   1 
ATOM   606  O  OD1  . ASN A 1 77  ? 9.897   -9.459  -12.179 1.00 44.68 ?  77  ASN A OD1  1 
ATOM   607  N  ND2  . ASN A 1 77  ? 7.686   -9.527  -11.804 1.00 39.98 ?  77  ASN A ND2  1 
ATOM   608  N  N    . ILE A 1 78  ? 9.432   -4.198  -10.637 1.00 22.72 ?  78  ILE A N    1 
ATOM   609  C  CA   . ILE A 1 78  ? 9.375   -2.749  -10.821 1.00 22.52 ?  78  ILE A CA   1 
ATOM   610  C  C    . ILE A 1 78  ? 10.511  -2.093  -10.050 1.00 22.89 ?  78  ILE A C    1 
ATOM   611  O  O    . ILE A 1 78  ? 10.936  -2.614  -9.008  1.00 20.79 ?  78  ILE A O    1 
ATOM   612  C  CB   . ILE A 1 78  ? 8.035   -2.171  -10.337 1.00 22.61 ?  78  ILE A CB   1 
ATOM   613  C  CG1  . ILE A 1 78  ? 7.701   -2.705  -8.942  1.00 24.94 ?  78  ILE A CG1  1 
ATOM   614  C  CG2  . ILE A 1 78  ? 6.923   -2.440  -11.340 1.00 31.94 ?  78  ILE A CG2  1 
ATOM   615  C  CD1  . ILE A 1 78  ? 6.539   -2.010  -8.285  1.00 31.52 ?  78  ILE A CD1  1 
ATOM   616  N  N    . PRO A 1 79  ? 11.018  -0.952  -10.505 1.00 20.97 ?  79  PRO A N    1 
ATOM   617  C  CA   . PRO A 1 79  ? 11.862  -0.138  -9.629  1.00 20.03 ?  79  PRO A CA   1 
ATOM   618  C  C    . PRO A 1 79  ? 11.013  0.419   -8.501  1.00 18.15 ?  79  PRO A C    1 
ATOM   619  O  O    . PRO A 1 79  ? 9.846   0.765   -8.690  1.00 17.80 ?  79  PRO A O    1 
ATOM   620  C  CB   . PRO A 1 79  ? 12.356  0.981   -10.555 1.00 20.54 ?  79  PRO A CB   1 
ATOM   621  C  CG   . PRO A 1 79  ? 11.310  1.083   -11.611 1.00 26.08 ?  79  PRO A CG   1 
ATOM   622  C  CD   . PRO A 1 79  ? 10.785  -0.312  -11.812 1.00 23.10 ?  79  PRO A CD   1 
ATOM   623  N  N    . CYS A 1 80  ? 11.606  0.487   -7.309  1.00 18.07 ?  80  CYS A N    1 
ATOM   624  C  CA   . CYS A 1 80  ? 10.872  1.008   -6.163  1.00 16.93 ?  80  CYS A CA   1 
ATOM   625  C  C    . CYS A 1 80  ? 10.392  2.436   -6.403  1.00 18.20 ?  80  CYS A C    1 
ATOM   626  O  O    . CYS A 1 80  ? 9.352   2.838   -5.876  1.00 17.43 ?  80  CYS A O    1 
ATOM   627  C  CB   . CYS A 1 80  ? 11.738  0.924   -4.910  1.00 16.42 ?  80  CYS A CB   1 
ATOM   628  S  SG   . CYS A 1 80  ? 12.162  -0.764  -4.409  1.00 17.29 ?  80  CYS A SG   1 
ATOM   629  N  N    . SER A 1 81  ? 11.118  3.205   -7.218  1.00 17.80 ?  81  SER A N    1 
ATOM   630  C  CA   . SER A 1 81  ? 10.691  4.567   -7.519  1.00 20.02 ?  81  SER A CA   1 
ATOM   631  C  C    . SER A 1 81  ? 9.310   4.602   -8.158  1.00 19.34 ?  81  SER A C    1 
ATOM   632  O  O    . SER A 1 81  ? 8.589   5.597   -8.020  1.00 20.14 ?  81  SER A O    1 
ATOM   633  C  CB   . SER A 1 81  ? 11.706  5.241   -8.440  1.00 20.38 ?  81  SER A CB   1 
ATOM   634  O  OG   . SER A 1 81  ? 11.767  4.568   -9.686  1.00 22.23 ?  81  SER A OG   1 
ATOM   635  N  N    . ALA A 1 82  ? 8.921   3.536   -8.864  1.00 21.22 ?  82  ALA A N    1 
ATOM   636  C  CA   . ALA A 1 82  ? 7.596   3.493   -9.468  1.00 23.08 ?  82  ALA A CA   1 
ATOM   637  C  C    . ALA A 1 82  ? 6.490   3.522   -8.426  1.00 25.95 ?  82  ALA A C    1 
ATOM   638  O  O    . ALA A 1 82  ? 5.353   3.886   -8.750  1.00 22.96 ?  82  ALA A O    1 
ATOM   639  C  CB   . ALA A 1 82  ? 7.449   2.248   -10.346 1.00 25.89 ?  82  ALA A CB   1 
ATOM   640  N  N    . LEU A 1 83  ? 6.798   3.151   -7.187  1.00 20.70 ?  83  LEU A N    1 
ATOM   641  C  CA   . LEU A 1 83  ? 5.825   3.170   -6.103  1.00 20.13 ?  83  LEU A CA   1 
ATOM   642  C  C    . LEU A 1 83  ? 5.674   4.546   -5.474  1.00 19.81 ?  83  LEU A C    1 
ATOM   643  O  O    . LEU A 1 83  ? 4.914   4.690   -4.511  1.00 21.32 ?  83  LEU A O    1 
ATOM   644  C  CB   . LEU A 1 83  ? 6.236   2.162   -5.031  1.00 20.62 ?  83  LEU A CB   1 
ATOM   645  C  CG   . LEU A 1 83  ? 6.394   0.722   -5.514  1.00 19.19 ?  83  LEU A CG   1 
ATOM   646  C  CD1  . LEU A 1 83  ? 7.082   -0.127  -4.463  1.00 22.15 ?  83  LEU A CD1  1 
ATOM   647  C  CD2  . LEU A 1 83  ? 5.033   0.145   -5.842  1.00 24.64 ?  83  LEU A CD2  1 
ATOM   648  N  N    . LEU A 1 84  ? 6.386   5.551   -5.983  1.00 20.13 ?  84  LEU A N    1 
ATOM   649  C  CA   . LEU A 1 84  ? 6.314   6.904   -5.455  1.00 20.66 ?  84  LEU A CA   1 
ATOM   650  C  C    . LEU A 1 84  ? 5.536   7.856   -6.353  1.00 21.34 ?  84  LEU A C    1 
ATOM   651  O  O    . LEU A 1 84  ? 5.367   9.027   -5.996  1.00 22.03 ?  84  LEU A O    1 
ATOM   652  C  CB   . LEU A 1 84  ? 7.727   7.450   -5.219  1.00 20.36 ?  84  LEU A CB   1 
ATOM   653  C  CG   . LEU A 1 84  ? 8.606   6.582   -4.317  1.00 17.99 ?  84  LEU A CG   1 
ATOM   654  C  CD1  . LEU A 1 84  ? 9.985   7.183   -4.199  1.00 24.12 ?  84  LEU A CD1  1 
ATOM   655  C  CD2  . LEU A 1 84  ? 7.989   6.403   -2.936  1.00 18.88 ?  84  LEU A CD2  1 
ATOM   656  N  N    A SER A 1 85  ? 5.051   7.379   -7.495  0.52 21.02 ?  85  SER A N    1 
ATOM   657  N  N    B SER A 1 85  ? 5.060   7.388   -7.501  0.48 21.03 ?  85  SER A N    1 
ATOM   658  C  CA   A SER A 1 85  ? 4.380   8.226   -8.467  0.52 23.34 ?  85  SER A CA   1 
ATOM   659  C  CA   B SER A 1 85  ? 4.409   8.265   -8.458  0.48 23.40 ?  85  SER A CA   1 
ATOM   660  C  C    A SER A 1 85  ? 3.041   8.725   -7.931  0.52 23.40 ?  85  SER A C    1 
ATOM   661  C  C    B SER A 1 85  ? 3.046   8.722   -7.945  0.48 23.42 ?  85  SER A C    1 
ATOM   662  O  O    A SER A 1 85  ? 2.440   8.140   -7.025  0.52 23.16 ?  85  SER A O    1 
ATOM   663  O  O    B SER A 1 85  ? 2.432   8.102   -7.070  0.48 23.22 ?  85  SER A O    1 
ATOM   664  C  CB   A SER A 1 85  ? 4.158   7.442   -9.762  0.52 27.64 ?  85  SER A CB   1 
ATOM   665  C  CB   B SER A 1 85  ? 4.247   7.552   -9.801  0.48 27.71 ?  85  SER A CB   1 
ATOM   666  O  OG   A SER A 1 85  ? 3.232   8.090   -10.612 0.52 24.96 ?  85  SER A OG   1 
ATOM   667  O  OG   B SER A 1 85  ? 3.670   6.269   -9.631  0.48 27.92 ?  85  SER A OG   1 
ATOM   668  N  N    . SER A 1 86  ? 2.573   9.837   -8.507  1.00 24.06 ?  86  SER A N    1 
ATOM   669  C  CA   . SER A 1 86  ? 1.237   10.319  -8.182  1.00 22.35 ?  86  SER A CA   1 
ATOM   670  C  C    . SER A 1 86  ? 0.171   9.365   -8.707  1.00 21.86 ?  86  SER A C    1 
ATOM   671  O  O    . SER A 1 86  ? -0.939  9.315   -8.168  1.00 28.47 ?  86  SER A O    1 
ATOM   672  C  CB   . SER A 1 86  ? 1.034   11.724  -8.751  1.00 29.15 ?  86  SER A CB   1 
ATOM   673  O  OG   . SER A 1 86  ? 1.205   11.725  -10.157 1.00 36.69 ?  86  SER A OG   1 
ATOM   674  N  N    . ASP A 1 87  ? 0.496   8.608   -9.750  1.00 22.23 ?  87  ASP A N    1 
ATOM   675  C  CA   . ASP A 1 87  ? -0.369  7.550   -10.255 1.00 25.01 ?  87  ASP A CA   1 
ATOM   676  C  C    . ASP A 1 87  ? -0.125  6.300   -9.416  1.00 23.69 ?  87  ASP A C    1 
ATOM   677  O  O    . ASP A 1 87  ? 0.991   5.771   -9.395  1.00 23.56 ?  87  ASP A O    1 
ATOM   678  C  CB   . ASP A 1 87  ? -0.022  7.285   -11.719 1.00 28.77 ?  87  ASP A CB   1 
ATOM   679  C  CG   . ASP A 1 87  ? -0.961  6.290   -12.384 1.00 37.93 ?  87  ASP A CG   1 
ATOM   680  O  OD1  . ASP A 1 87  ? -1.554  5.446   -11.685 1.00 29.13 ?  87  ASP A OD1  1 
ATOM   681  O  OD2  . ASP A 1 87  ? -1.099  6.347   -13.624 1.00 38.78 ?  87  ASP A OD2  1 
ATOM   682  N  N    . ILE A 1 88  ? -1.167  5.815   -8.745  1.00 21.31 ?  88  ILE A N    1 
ATOM   683  C  CA   . ILE A 1 88  ? -1.001  4.724   -7.786  1.00 20.73 ?  88  ILE A CA   1 
ATOM   684  C  C    . ILE A 1 88  ? -1.085  3.348   -8.434  1.00 23.37 ?  88  ILE A C    1 
ATOM   685  O  O    . ILE A 1 88  ? -1.089  2.330   -7.729  1.00 20.82 ?  88  ILE A O    1 
ATOM   686  C  CB   . ILE A 1 88  ? -1.992  4.839   -6.613  1.00 22.56 ?  88  ILE A CB   1 
ATOM   687  C  CG1  . ILE A 1 88  ? -3.428  4.629   -7.102  1.00 24.33 ?  88  ILE A CG1  1 
ATOM   688  C  CG2  . ILE A 1 88  ? -1.828  6.181   -5.909  1.00 24.20 ?  88  ILE A CG2  1 
ATOM   689  C  CD1  . ILE A 1 88  ? -4.410  4.372   -5.989  1.00 23.63 ?  88  ILE A CD1  1 
ATOM   690  N  N    . THR A 1 89  ? -1.135  3.299   -9.771  1.00 22.14 ?  89  THR A N    1 
ATOM   691  C  CA   . THR A 1 89  ? -1.312  2.026   -10.471 1.00 22.07 ?  89  THR A CA   1 
ATOM   692  C  C    . THR A 1 89  ? -0.274  0.997   -10.038 1.00 21.32 ?  89  THR A C    1 
ATOM   693  O  O    . THR A 1 89  ? -0.615  -0.145  -9.709  1.00 21.63 ?  89  THR A O    1 
ATOM   694  C  CB   . THR A 1 89  ? -1.252  2.235   -11.988 1.00 23.36 ?  89  THR A CB   1 
ATOM   695  O  OG1  . THR A 1 89  ? -2.350  3.054   -12.410 1.00 27.23 ?  89  THR A OG1  1 
ATOM   696  C  CG2  . THR A 1 89  ? -1.310  0.896   -12.716 1.00 25.57 ?  89  THR A CG2  1 
ATOM   697  N  N    . ALA A 1 90  ? 1.004   1.389   -10.023 1.00 21.20 ?  90  ALA A N    1 
ATOM   698  C  CA   . ALA A 1 90  ? 2.059   0.444   -9.673  1.00 22.62 ?  90  ALA A CA   1 
ATOM   699  C  C    . ALA A 1 90  ? 1.914   -0.041  -8.237  1.00 20.79 ?  90  ALA A C    1 
ATOM   700  O  O    . ALA A 1 90  ? 2.047   -1.240  -7.965  1.00 21.14 ?  90  ALA A O    1 
ATOM   701  C  CB   . ALA A 1 90  ? 3.434   1.071   -9.906  1.00 26.15 ?  90  ALA A CB   1 
ATOM   702  N  N    . SER A 1 91  ? 1.630   0.873   -7.304  1.00 19.54 ?  91  SER A N    1 
ATOM   703  C  CA   . SER A 1 91  ? 1.447   0.471   -5.911  1.00 19.49 ?  91  SER A CA   1 
ATOM   704  C  C    . SER A 1 91  ? 0.274   -0.489  -5.758  1.00 18.74 ?  91  SER A C    1 
ATOM   705  O  O    . SER A 1 91  ? 0.359   -1.464  -5.002  1.00 18.62 ?  91  SER A O    1 
ATOM   706  C  CB   . SER A 1 91  ? 1.263   1.697   -5.015  1.00 18.61 ?  91  SER A CB   1 
ATOM   707  O  OG   . SER A 1 91  ? 2.508   2.330   -4.744  1.00 18.78 ?  91  SER A OG   1 
ATOM   708  N  N    . VAL A 1 92  ? -0.829  -0.233  -6.466  1.00 19.12 ?  92  VAL A N    1 
ATOM   709  C  CA   . VAL A 1 92  ? -2.002  -1.097  -6.361  1.00 18.94 ?  92  VAL A CA   1 
ATOM   710  C  C    . VAL A 1 92  ? -1.707  -2.476  -6.932  1.00 21.96 ?  92  VAL A C    1 
ATOM   711  O  O    . VAL A 1 92  ? -2.037  -3.499  -6.321  1.00 20.07 ?  92  VAL A O    1 
ATOM   712  C  CB   . VAL A 1 92  ? -3.223  -0.439  -7.032  1.00 18.86 ?  92  VAL A CB   1 
ATOM   713  C  CG1  . VAL A 1 92  ? -4.374  -1.441  -7.150  1.00 24.29 ?  92  VAL A CG1  1 
ATOM   714  C  CG2  . VAL A 1 92  ? -3.659  0.782   -6.245  1.00 22.65 ?  92  VAL A CG2  1 
ATOM   715  N  N    . ASN A 1 93  ? -1.082  -2.531  -8.111  1.00 20.00 ?  93  ASN A N    1 
ATOM   716  C  CA   . ASN A 1 93  ? -0.799  -3.824  -8.726  1.00 23.13 ?  93  ASN A CA   1 
ATOM   717  C  C    . ASN A 1 93  ? 0.155   -4.645  -7.868  1.00 20.82 ?  93  ASN A C    1 
ATOM   718  O  O    . ASN A 1 93  ? 0.016   -5.871  -7.765  1.00 21.50 ?  93  ASN A O    1 
ATOM   719  C  CB   . ASN A 1 93  ? -0.246  -3.635  -10.139 1.00 27.41 ?  93  ASN A CB   1 
ATOM   720  C  CG   . ASN A 1 93  ? -1.317  -3.228  -11.136 1.00 29.95 ?  93  ASN A CG   1 
ATOM   721  O  OD1  . ASN A 1 93  ? -2.488  -3.567  -10.978 1.00 34.65 ?  93  ASN A OD1  1 
ATOM   722  N  ND2  . ASN A 1 93  ? -0.916  -2.502  -12.174 1.00 31.69 ?  93  ASN A ND2  1 
ATOM   723  N  N    . CYS A 1 94  ? 1.124   -3.986  -7.233  1.00 19.04 ?  94  CYS A N    1 
ATOM   724  C  CA   . CYS A 1 94  ? 2.043   -4.707  -6.364  1.00 20.02 ?  94  CYS A CA   1 
ATOM   725  C  C    . CYS A 1 94  ? 1.351   -5.134  -5.074  1.00 18.51 ?  94  CYS A C    1 
ATOM   726  O  O    . CYS A 1 94  ? 1.541   -6.264  -4.607  1.00 18.25 ?  94  CYS A O    1 
ATOM   727  C  CB   . CYS A 1 94  ? 3.273   -3.843  -6.097  1.00 18.96 ?  94  CYS A CB   1 
ATOM   728  S  SG   . CYS A 1 94  ? 4.615   -4.692  -5.244  1.00 19.57 ?  94  CYS A SG   1 
ATOM   729  N  N    . ALA A 1 95  ? 0.520   -4.258  -4.507  1.00 18.00 ?  95  ALA A N    1 
ATOM   730  C  CA   . ALA A 1 95  ? -0.237  -4.616  -3.311  1.00 18.72 ?  95  ALA A CA   1 
ATOM   731  C  C    . ALA A 1 95  ? -1.142  -5.819  -3.558  1.00 17.99 ?  95  ALA A C    1 
ATOM   732  O  O    . ALA A 1 95  ? -1.349  -6.645  -2.658  1.00 18.51 ?  95  ALA A O    1 
ATOM   733  C  CB   . ALA A 1 95  ? -1.062  -3.425  -2.834  1.00 17.62 ?  95  ALA A CB   1 
ATOM   734  N  N    . LYS A 1 96  ? -1.705  -5.933  -4.764  1.00 18.28 ?  96  LYS A N    1 
ATOM   735  C  CA   . LYS A 1 96  ? -2.528  -7.099  -5.067  1.00 18.77 ?  96  LYS A CA   1 
ATOM   736  C  C    . LYS A 1 96  ? -1.710  -8.380  -4.985  1.00 19.46 ?  96  LYS A C    1 
ATOM   737  O  O    . LYS A 1 96  ? -2.190  -9.400  -4.476  1.00 20.73 ?  96  LYS A O    1 
ATOM   738  C  CB   . LYS A 1 96  ? -3.174  -6.951  -6.444  1.00 20.93 ?  96  LYS A CB   1 
ATOM   739  C  CG   . LYS A 1 96  ? -4.290  -5.932  -6.497  1.00 20.50 ?  96  LYS A CG   1 
ATOM   740  C  CD   . LYS A 1 96  ? -4.884  -5.845  -7.892  1.00 24.31 ?  96  LYS A CD   1 
ATOM   741  C  CE   . LYS A 1 96  ? -6.103  -4.942  -7.905  1.00 23.18 ?  96  LYS A CE   1 
ATOM   742  N  NZ   . LYS A 1 96  ? -6.567  -4.661  -9.293  1.00 27.84 ?  96  LYS A NZ   1 
ATOM   743  N  N    . LYS A 1 97  ? -0.466  -8.344  -5.468  1.00 19.19 ?  97  LYS A N    1 
ATOM   744  C  CA   . LYS A 1 97  ? 0.400   -9.512  -5.364  1.00 21.88 ?  97  LYS A CA   1 
ATOM   745  C  C    . LYS A 1 97  ? 0.765   -9.805  -3.910  1.00 21.03 ?  97  LYS A C    1 
ATOM   746  O  O    . LYS A 1 97  ? 0.751   -10.966 -3.480  1.00 19.74 ?  97  LYS A O    1 
ATOM   747  C  CB   . LYS A 1 97  ? 1.653   -9.305  -6.216  1.00 20.42 ?  97  LYS A CB   1 
ATOM   748  C  CG   . LYS A 1 97  ? 2.556   -10.522 -6.308  1.00 29.41 ?  97  LYS A CG   1 
ATOM   749  N  N    . ILE A 1 98  ? 1.080   -8.761  -3.138  1.00 18.93 ?  98  ILE A N    1 
ATOM   750  C  CA   . ILE A 1 98  ? 1.445   -8.939  -1.733  1.00 18.95 ?  98  ILE A CA   1 
ATOM   751  C  C    . ILE A 1 98  ? 0.301   -9.574  -0.953  1.00 18.56 ?  98  ILE A C    1 
ATOM   752  O  O    . ILE A 1 98  ? 0.496   -10.537 -0.202  1.00 19.80 ?  98  ILE A O    1 
ATOM   753  C  CB   . ILE A 1 98  ? 1.870   -7.597  -1.113  1.00 19.03 ?  98  ILE A CB   1 
ATOM   754  C  CG1  . ILE A 1 98  ? 3.128   -7.077  -1.799  1.00 18.81 ?  98  ILE A CG1  1 
ATOM   755  C  CG2  . ILE A 1 98  ? 2.102   -7.749  0.388   1.00 19.92 ?  98  ILE A CG2  1 
ATOM   756  C  CD1  . ILE A 1 98  ? 3.455   -5.646  -1.453  1.00 18.97 ?  98  ILE A CD1  1 
ATOM   757  N  N    . VAL A 1 99  ? -0.909  -9.030  -1.099  1.00 18.36 ?  99  VAL A N    1 
ATOM   758  C  CA   . VAL A 1 99  ? -2.041  -9.500  -0.307  1.00 17.89 ?  99  VAL A CA   1 
ATOM   759  C  C    . VAL A 1 99  ? -2.475  -10.906 -0.685  1.00 19.90 ?  99  VAL A C    1 
ATOM   760  O  O    . VAL A 1 99  ? -3.214  -11.543 0.077   1.00 19.69 ?  99  VAL A O    1 
ATOM   761  C  CB   . VAL A 1 99  ? -3.204  -8.487  -0.355  1.00 16.58 ?  99  VAL A CB   1 
ATOM   762  C  CG1  . VAL A 1 99  ? -3.989  -8.615  -1.657  1.00 17.85 ?  99  VAL A CG1  1 
ATOM   763  C  CG2  . VAL A 1 99  ? -4.123  -8.656  0.846   1.00 19.32 ?  99  VAL A CG2  1 
ATOM   764  N  N    . SER A 1 100 ? -2.026  -11.404 -1.835  1.00 21.23 ?  100 SER A N    1 
ATOM   765  C  CA   . SER A 1 100 ? -2.284  -12.765 -2.279  1.00 22.47 ?  100 SER A CA   1 
ATOM   766  C  C    . SER A 1 100 ? -1.214  -13.746 -1.815  1.00 24.51 ?  100 SER A C    1 
ATOM   767  O  O    . SER A 1 100 ? -1.332  -14.945 -2.088  1.00 32.10 ?  100 SER A O    1 
ATOM   768  C  CB   . SER A 1 100 ? -2.367  -12.799 -3.811  1.00 23.39 ?  100 SER A CB   1 
ATOM   769  O  OG   . SER A 1 100 ? -3.349  -11.900 -4.294  1.00 24.97 ?  100 SER A OG   1 
ATOM   770  N  N    . ASP A 1 101 ? -0.185  -13.266 -1.115  1.00 26.00 ?  101 ASP A N    1 
ATOM   771  C  CA   . ASP A 1 101 ? 1.010   -14.054 -0.834  1.00 28.03 ?  101 ASP A CA   1 
ATOM   772  C  C    . ASP A 1 101 ? 0.808   -15.099 0.257   1.00 33.67 ?  101 ASP A C    1 
ATOM   773  O  O    . ASP A 1 101 ? 1.646   -15.996 0.392   1.00 38.64 ?  101 ASP A O    1 
ATOM   774  C  CB   . ASP A 1 101 ? 2.169   -13.119 -0.463  1.00 33.76 ?  101 ASP A CB   1 
ATOM   775  C  CG   . ASP A 1 101 ? 3.518   -13.806 -0.504  1.00 44.44 ?  101 ASP A CG   1 
ATOM   776  O  OD1  . ASP A 1 101 ? 3.916   -14.272 -1.592  1.00 43.55 ?  101 ASP A OD1  1 
ATOM   777  O  OD2  . ASP A 1 101 ? 4.187   -13.868 0.551   1.00 41.80 ?  101 ASP A OD2  1 
ATOM   778  N  N    . GLY A 1 102 ? -0.270  -15.011 1.034   1.00 23.73 ?  102 GLY A N    1 
ATOM   779  C  CA   . GLY A 1 102 ? -0.529  -16.018 2.046   1.00 26.82 ?  102 GLY A CA   1 
ATOM   780  C  C    . GLY A 1 102 ? -0.984  -15.463 3.380   1.00 26.24 ?  102 GLY A C    1 
ATOM   781  O  O    . GLY A 1 102 ? -1.848  -16.048 4.041   1.00 27.97 ?  102 GLY A O    1 
ATOM   782  N  N    . ASN A 1 103 ? -0.412  -14.335 3.795   1.00 25.44 ?  103 ASN A N    1 
ATOM   783  C  CA   . ASN A 1 103 ? -0.752  -13.726 5.072   1.00 26.00 ?  103 ASN A CA   1 
ATOM   784  C  C    . ASN A 1 103 ? -1.755  -12.588 4.937   1.00 19.62 ?  103 ASN A C    1 
ATOM   785  O  O    . ASN A 1 103 ? -2.056  -11.917 5.931   1.00 20.03 ?  103 ASN A O    1 
ATOM   786  C  CB   . ASN A 1 103 ? 0.511   -13.273 5.803   1.00 29.20 ?  103 ASN A CB   1 
ATOM   787  C  CG   . ASN A 1 103 ? 1.445   -14.429 6.104   1.00 42.16 ?  103 ASN A CG   1 
ATOM   788  O  OD1  . ASN A 1 103 ? 1.200   -15.218 7.017   1.00 47.53 ?  103 ASN A OD1  1 
ATOM   789  N  ND2  . ASN A 1 103 ? 2.519   -14.541 5.328   1.00 42.68 ?  103 ASN A ND2  1 
ATOM   790  N  N    . GLY A 1 104 ? -2.305  -12.384 3.745   1.00 21.03 ?  104 GLY A N    1 
ATOM   791  C  CA   . GLY A 1 104 ? -3.295  -11.338 3.557   1.00 18.36 ?  104 GLY A CA   1 
ATOM   792  C  C    . GLY A 1 104 ? -2.722  -9.974  3.877   1.00 19.02 ?  104 GLY A C    1 
ATOM   793  O  O    . GLY A 1 104 ? -1.549  -9.687  3.617   1.00 20.01 ?  104 GLY A O    1 
ATOM   794  N  N    . MET A 1 105 ? -3.549  -9.122  4.480   1.00 16.66 ?  105 MET A N    1 
ATOM   795  C  CA   . MET A 1 105 ? -3.110  -7.770  4.811   1.00 17.45 ?  105 MET A CA   1 
ATOM   796  C  C    . MET A 1 105 ? -2.206  -7.710  6.035   1.00 17.32 ?  105 MET A C    1 
ATOM   797  O  O    . MET A 1 105 ? -1.692  -6.627  6.347   1.00 17.73 ?  105 MET A O    1 
ATOM   798  C  CB   . MET A 1 105 ? -4.298  -6.817  4.957   1.00 16.26 ?  105 MET A CB   1 
ATOM   799  C  CG   . MET A 1 105 ? -4.924  -6.445  3.618   1.00 16.76 ?  105 MET A CG   1 
ATOM   800  S  SD   . MET A 1 105 ? -6.009  -5.006  3.697   1.00 17.90 ?  105 MET A SD   1 
ATOM   801  C  CE   . MET A 1 105 ? -4.812  -3.684  3.859   1.00 17.52 ?  105 MET A CE   1 
ATOM   802  N  N    . ASN A 1 106 ? -1.973  -8.834  6.717   1.00 17.99 ?  106 ASN A N    1 
ATOM   803  C  CA   . ASN A 1 106 ? -1.004  -8.849  7.808   1.00 17.63 ?  106 ASN A CA   1 
ATOM   804  C  C    . ASN A 1 106 ? 0.404   -8.516  7.340   1.00 18.27 ?  106 ASN A C    1 
ATOM   805  O  O    . ASN A 1 106 ? 1.262   -8.226  8.179   1.00 19.45 ?  106 ASN A O    1 
ATOM   806  C  CB   . ASN A 1 106 ? -1.030  -10.191 8.539   1.00 17.38 ?  106 ASN A CB   1 
ATOM   807  C  CG   . ASN A 1 106 ? -2.363  -10.461 9.203   1.00 17.91 ?  106 ASN A CG   1 
ATOM   808  O  OD1  . ASN A 1 106 ? -2.725  -9.821  10.195  1.00 19.23 ?  106 ASN A OD1  1 
ATOM   809  N  ND2  . ASN A 1 106 ? -3.109  -11.414 8.656   1.00 20.29 ?  106 ASN A ND2  1 
ATOM   810  N  N    . ALA A 1 107 ? 0.654   -8.526  6.028   1.00 18.07 ?  107 ALA A N    1 
ATOM   811  C  CA   . ALA A 1 107 ? 1.932   -8.064  5.501   1.00 17.53 ?  107 ALA A CA   1 
ATOM   812  C  C    . ALA A 1 107 ? 2.195   -6.597  5.822   1.00 20.07 ?  107 ALA A C    1 
ATOM   813  O  O    . ALA A 1 107 ? 3.359   -6.178  5.841   1.00 21.21 ?  107 ALA A O    1 
ATOM   814  C  CB   . ALA A 1 107 ? 1.978   -8.272  3.987   1.00 20.85 ?  107 ALA A CB   1 
ATOM   815  N  N    . TRP A 1 108 ? 1.148   -5.810  6.076   1.00 17.36 ?  108 TRP A N    1 
ATOM   816  C  CA   . TRP A 1 108 ? 1.280   -4.394  6.410   1.00 18.02 ?  108 TRP A CA   1 
ATOM   817  C  C    . TRP A 1 108 ? 1.183   -4.240  7.922   1.00 19.00 ?  108 TRP A C    1 
ATOM   818  O  O    . TRP A 1 108 ? 0.103   -4.400  8.500   1.00 18.32 ?  108 TRP A O    1 
ATOM   819  C  CB   . TRP A 1 108 ? 0.206   -3.579  5.694   1.00 16.64 ?  108 TRP A CB   1 
ATOM   820  C  CG   . TRP A 1 108 ? 0.508   -3.411  4.248   1.00 15.92 ?  108 TRP A CG   1 
ATOM   821  C  CD1  . TRP A 1 108 ? 1.371   -2.508  3.698   1.00 17.04 ?  108 TRP A CD1  1 
ATOM   822  C  CD2  . TRP A 1 108 ? -0.018  -4.179  3.158   1.00 16.83 ?  108 TRP A CD2  1 
ATOM   823  N  NE1  . TRP A 1 108 ? 1.413   -2.660  2.337   1.00 17.15 ?  108 TRP A NE1  1 
ATOM   824  C  CE2  . TRP A 1 108 ? 0.562   -3.674  1.978   1.00 16.19 ?  108 TRP A CE2  1 
ATOM   825  C  CE3  . TRP A 1 108 ? -0.930  -5.240  3.064   1.00 17.22 ?  108 TRP A CE3  1 
ATOM   826  C  CZ2  . TRP A 1 108 ? 0.268   -4.193  0.719   1.00 16.80 ?  108 TRP A CZ2  1 
ATOM   827  C  CZ3  . TRP A 1 108 ? -1.223  -5.751  1.807   1.00 18.47 ?  108 TRP A CZ3  1 
ATOM   828  C  CH2  . TRP A 1 108 ? -0.630  -5.226  0.655   1.00 17.76 ?  108 TRP A CH2  1 
ATOM   829  N  N    . VAL A 1 109 ? 2.317   -3.925  8.556   1.00 18.90 ?  109 VAL A N    1 
ATOM   830  C  CA   . VAL A 1 109 ? 2.374   -3.847  10.014  1.00 20.56 ?  109 VAL A CA   1 
ATOM   831  C  C    . VAL A 1 109 ? 1.414   -2.789  10.548  1.00 16.99 ?  109 VAL A C    1 
ATOM   832  O  O    . VAL A 1 109 ? 0.747   -3.002  11.564  1.00 19.54 ?  109 VAL A O    1 
ATOM   833  C  CB   . VAL A 1 109 ? 3.823   -3.630  10.496  1.00 22.65 ?  109 VAL A CB   1 
ATOM   834  C  CG1  . VAL A 1 109 ? 4.395   -2.343  9.933   1.00 27.11 ?  109 VAL A CG1  1 
ATOM   835  C  CG2  . VAL A 1 109 ? 3.882   -3.616  12.019  1.00 25.57 ?  109 VAL A CG2  1 
ATOM   836  N  N    . ALA A 1 110 ? 1.323   -1.642  9.873   1.00 19.55 ?  110 ALA A N    1 
ATOM   837  C  CA   . ALA A 1 110 ? 0.399   -0.608  10.328  1.00 18.56 ?  110 ALA A CA   1 
ATOM   838  C  C    . ALA A 1 110 ? -1.045  -1.078  10.226  1.00 20.57 ?  110 ALA A C    1 
ATOM   839  O  O    . ALA A 1 110 ? -1.873  -0.739  11.078  1.00 19.53 ?  110 ALA A O    1 
ATOM   840  C  CB   . ALA A 1 110 ? 0.613   0.691   9.554   1.00 21.86 ?  110 ALA A CB   1 
ATOM   841  N  N    . TRP A 1 111 ? -1.370  -1.865  9.199   1.00 19.17 ?  111 TRP A N    1 
ATOM   842  C  CA   . TRP A 1 111 ? -2.727  -2.397  9.104   1.00 17.08 ?  111 TRP A CA   1 
ATOM   843  C  C    . TRP A 1 111 ? -3.027  -3.335  10.266  1.00 17.77 ?  111 TRP A C    1 
ATOM   844  O  O    . TRP A 1 111 ? -4.067  -3.215  10.922  1.00 18.00 ?  111 TRP A O    1 
ATOM   845  C  CB   . TRP A 1 111 ? -2.962  -3.097  7.761   1.00 18.78 ?  111 TRP A CB   1 
ATOM   846  C  CG   . TRP A 1 111 ? -4.340  -3.696  7.684   1.00 16.64 ?  111 TRP A CG   1 
ATOM   847  C  CD1  . TRP A 1 111 ? -5.491  -3.067  7.291   1.00 17.20 ?  111 TRP A CD1  1 
ATOM   848  C  CD2  . TRP A 1 111 ? -4.716  -5.029  8.043   1.00 16.74 ?  111 TRP A CD2  1 
ATOM   849  N  NE1  . TRP A 1 111 ? -6.554  -3.933  7.373   1.00 17.19 ?  111 TRP A NE1  1 
ATOM   850  C  CE2  . TRP A 1 111 ? -6.104  -5.141  7.835   1.00 16.97 ?  111 TRP A CE2  1 
ATOM   851  C  CE3  . TRP A 1 111 ? -4.013  -6.145  8.514   1.00 17.49 ?  111 TRP A CE3  1 
ATOM   852  C  CZ2  . TRP A 1 111 ? -6.800  -6.319  8.074   1.00 18.61 ?  111 TRP A CZ2  1 
ATOM   853  C  CZ3  . TRP A 1 111 ? -4.708  -7.314  8.753   1.00 19.83 ?  111 TRP A CZ3  1 
ATOM   854  C  CH2  . TRP A 1 111 ? -6.088  -7.391  8.536   1.00 19.44 ?  111 TRP A CH2  1 
ATOM   855  N  N    . ARG A 1 112 ? -2.127  -4.282  10.536  1.00 17.60 ?  112 ARG A N    1 
ATOM   856  C  CA   . ARG A 1 112 ? -2.372  -5.224  11.622  1.00 18.90 ?  112 ARG A CA   1 
ATOM   857  C  C    . ARG A 1 112 ? -2.516  -4.505  12.959  1.00 17.77 ?  112 ARG A C    1 
ATOM   858  O  O    . ARG A 1 112 ? -3.396  -4.838  13.761  1.00 20.39 ?  112 ARG A O    1 
ATOM   859  C  CB   . ARG A 1 112 ? -1.262  -6.275  11.677  1.00 25.03 ?  112 ARG A CB   1 
ATOM   860  C  CG   . ARG A 1 112 ? -1.453  -7.294  12.783  1.00 26.65 ?  112 ARG A CG   1 
ATOM   861  C  CD   . ARG A 1 112 ? -0.443  -8.432  12.697  1.00 34.50 ?  112 ARG A CD   1 
ATOM   862  N  NE   . ARG A 1 112 ? 0.936   -7.962  12.806  1.00 35.04 ?  112 ARG A NE   1 
ATOM   863  C  CZ   . ARG A 1 112 ? 1.522   -7.608  13.946  1.00 45.86 ?  112 ARG A CZ   1 
ATOM   864  N  NH1  . ARG A 1 112 ? 0.849   -7.654  15.090  1.00 39.99 ?  112 ARG A NH1  1 
ATOM   865  N  NH2  . ARG A 1 112 ? 2.784   -7.198  13.940  1.00 48.25 ?  112 ARG A NH2  1 
ATOM   866  N  N    . ASN A 1 113 ? -1.686  -3.495  13.203  1.00 19.64 ?  113 ASN A N    1 
ATOM   867  C  CA   . ASN A 1 113 ? -1.639  -2.866  14.514  1.00 18.50 ?  113 ASN A CA   1 
ATOM   868  C  C    . ASN A 1 113 ? -2.634  -1.730  14.691  1.00 19.40 ?  113 ASN A C    1 
ATOM   869  O  O    . ASN A 1 113 ? -2.942  -1.374  15.832  1.00 20.27 ?  113 ASN A O    1 
ATOM   870  C  CB   . ASN A 1 113 ? -0.220  -2.369  14.803  1.00 18.42 ?  113 ASN A CB   1 
ATOM   871  C  CG   . ASN A 1 113 ? 0.735   -3.500  15.090  1.00 17.67 ?  113 ASN A CG   1 
ATOM   872  O  OD1  . ASN A 1 113 ? 0.325   -4.545  15.597  1.00 21.11 ?  113 ASN A OD1  1 
ATOM   873  N  ND2  . ASN A 1 113 ? 2.013   -3.303  14.777  1.00 19.73 ?  113 ASN A ND2  1 
ATOM   874  N  N    . ARG A 1 114 ? -3.150  -1.152  13.608  1.00 18.76 ?  114 ARG A N    1 
ATOM   875  C  CA   . ARG A 1 114 ? -3.971  0.045   13.720  1.00 19.39 ?  114 ARG A CA   1 
ATOM   876  C  C    . ARG A 1 114 ? -5.279  -0.002  12.945  1.00 20.85 ?  114 ARG A C    1 
ATOM   877  O  O    . ARG A 1 114 ? -6.119  0.885   13.142  1.00 21.37 ?  114 ARG A O    1 
ATOM   878  C  CB   . ARG A 1 114 ? -3.166  1.287   13.317  1.00 20.42 ?  114 ARG A CB   1 
ATOM   879  C  CG   . ARG A 1 114 ? -1.844  1.383   14.073  1.00 21.40 ?  114 ARG A CG   1 
ATOM   880  C  CD   . ARG A 1 114 ? -0.996  2.535   13.608  1.00 21.48 ?  114 ARG A CD   1 
ATOM   881  N  NE   . ARG A 1 114 ? -1.501  3.817   14.088  1.00 19.38 ?  114 ARG A NE   1 
ATOM   882  C  CZ   . ARG A 1 114 ? -0.870  4.971   13.897  1.00 19.79 ?  114 ARG A CZ   1 
ATOM   883  N  NH1  . ARG A 1 114 ? 0.283   4.991   13.245  1.00 20.25 ?  114 ARG A NH1  1 
ATOM   884  N  NH2  . ARG A 1 114 ? -1.385  6.096   14.365  1.00 21.43 ?  114 ARG A NH2  1 
ATOM   885  N  N    . CYS A 1 115 ? -5.492  -1.002  12.095  1.00 17.69 ?  115 CYS A N    1 
ATOM   886  C  CA   . CYS A 1 115 ? -6.709  -1.129  11.303  1.00 19.55 ?  115 CYS A CA   1 
ATOM   887  C  C    . CYS A 1 115 ? -7.447  -2.424  11.575  1.00 20.07 ?  115 CYS A C    1 
ATOM   888  O  O    . CYS A 1 115 ? -8.680  -2.416  11.701  1.00 19.60 ?  115 CYS A O    1 
ATOM   889  C  CB   . CYS A 1 115 ? -6.372  -1.064  9.807   1.00 18.49 ?  115 CYS A CB   1 
ATOM   890  S  SG   . CYS A 1 115 ? -5.564  0.452   9.305   1.00 17.62 ?  115 CYS A SG   1 
ATOM   891  N  N    . LYS A 1 116 ? -6.728  -3.547  11.622  1.00 18.80 ?  116 LYS A N    1 
ATOM   892  C  CA   . LYS A 1 116 ? -7.343  -4.855  11.791  1.00 18.66 ?  116 LYS A CA   1 
ATOM   893  C  C    . LYS A 1 116 ? -8.218  -4.872  13.034  1.00 21.86 ?  116 LYS A C    1 
ATOM   894  O  O    . LYS A 1 116 ? -7.774  -4.512  14.126  1.00 20.13 ?  116 LYS A O    1 
ATOM   895  C  CB   . LYS A 1 116 ? -6.234  -5.903  11.916  1.00 19.68 ?  116 LYS A CB   1 
ATOM   896  C  CG   . LYS A 1 116 ? -6.713  -7.340  12.033  1.00 18.56 ?  116 LYS A CG   1 
ATOM   897  C  CD   . LYS A 1 116 ? -5.517  -8.273  12.161  1.00 19.95 ?  116 LYS A CD   1 
ATOM   898  C  CE   . LYS A 1 116 ? -5.924  -9.724  12.016  1.00 19.79 ?  116 LYS A CE   1 
ATOM   899  N  NZ   . LYS A 1 116 ? -4.742  -10.628 12.150  1.00 20.32 ?  116 LYS A NZ   1 
ATOM   900  N  N    . GLY A 1 117 ? -9.473  -5.276  12.856  1.00 22.21 ?  117 GLY A N    1 
ATOM   901  C  CA   . GLY A 1 117 ? -10.401 -5.371  13.962  1.00 25.14 ?  117 GLY A CA   1 
ATOM   902  C  C    . GLY A 1 117 ? -11.099 -4.082  14.339  1.00 28.87 ?  117 GLY A C    1 
ATOM   903  O  O    . GLY A 1 117 ? -11.926 -4.097  15.259  1.00 34.12 ?  117 GLY A O    1 
ATOM   904  N  N    . THR A 1 118 ? -10.798 -2.975  13.670  1.00 23.60 ?  118 THR A N    1 
ATOM   905  C  CA   . THR A 1 118 ? -11.445 -1.702  13.948  1.00 24.41 ?  118 THR A CA   1 
ATOM   906  C  C    . THR A 1 118 ? -12.559 -1.444  12.939  1.00 23.18 ?  118 THR A C    1 
ATOM   907  O  O    . THR A 1 118 ? -12.765 -2.195  11.983  1.00 22.38 ?  118 THR A O    1 
ATOM   908  C  CB   . THR A 1 118 ? -10.425 -0.558  13.913  1.00 23.72 ?  118 THR A CB   1 
ATOM   909  O  OG1  . THR A 1 118 ? -10.039 -0.305  12.558  1.00 21.31 ?  118 THR A OG1  1 
ATOM   910  C  CG2  . THR A 1 118 ? -9.188  -0.903  14.738  1.00 24.05 ?  118 THR A CG2  1 
ATOM   911  N  N    . ASP A 1 119 ? -13.286 -0.348  13.164  1.00 23.12 ?  119 ASP A N    1 
ATOM   912  C  CA   . ASP A 1 119 ? -14.356 0.071   12.261  1.00 26.72 ?  119 ASP A CA   1 
ATOM   913  C  C    . ASP A 1 119 ? -13.718 0.728   11.038  1.00 25.18 ?  119 ASP A C    1 
ATOM   914  O  O    . ASP A 1 119 ? -13.687 1.953   10.886  1.00 27.33 ?  119 ASP A O    1 
ATOM   915  C  CB   . ASP A 1 119 ? -15.314 1.014   12.979  1.00 29.26 ?  119 ASP A CB   1 
ATOM   916  C  CG   . ASP A 1 119 ? -16.470 1.458   12.099  1.00 35.64 ?  119 ASP A CG   1 
ATOM   917  O  OD1  . ASP A 1 119 ? -16.739 0.795   11.075  1.00 35.64 ?  119 ASP A OD1  1 
ATOM   918  O  OD2  . ASP A 1 119 ? -17.108 2.480   12.432  1.00 41.54 ?  119 ASP A OD2  1 
ATOM   919  N  N    . VAL A 1 120 ? -13.196 -0.116  10.143  1.00 26.50 ?  120 VAL A N    1 
ATOM   920  C  CA   . VAL A 1 120 ? -12.503 0.378   8.956   1.00 24.25 ?  120 VAL A CA   1 
ATOM   921  C  C    . VAL A 1 120 ? -13.441 1.085   7.982   1.00 23.10 ?  120 VAL A C    1 
ATOM   922  O  O    . VAL A 1 120 ? -12.978 1.873   7.151   1.00 22.78 ?  120 VAL A O    1 
ATOM   923  C  CB   . VAL A 1 120 ? -11.707 -0.746  8.259   1.00 24.88 ?  120 VAL A CB   1 
ATOM   924  C  CG1  . VAL A 1 120 ? -10.565 -1.237  9.146   1.00 22.73 ?  120 VAL A CG1  1 
ATOM   925  C  CG2  . VAL A 1 120 ? -12.629 -1.892  7.884   1.00 27.99 ?  120 VAL A CG2  1 
ATOM   926  N  N    . GLN A 1 121 ? -14.751 0.822   8.055   1.00 26.24 ?  121 GLN A N    1 
ATOM   927  C  CA   . GLN A 1 121 ? -15.686 1.484   7.149   1.00 29.02 ?  121 GLN A CA   1 
ATOM   928  C  C    . GLN A 1 121 ? -15.679 2.997   7.338   1.00 24.87 ?  121 GLN A C    1 
ATOM   929  O  O    . GLN A 1 121 ? -15.996 3.743   6.403   1.00 25.02 ?  121 GLN A O    1 
ATOM   930  C  CB   . GLN A 1 121 ? -17.097 0.926   7.350   1.00 29.48 ?  121 GLN A CB   1 
ATOM   931  N  N    . ALA A 1 122 ? -15.307 3.464   8.532   1.00 22.89 ?  122 ALA A N    1 
ATOM   932  C  CA   . ALA A 1 122 ? -15.248 4.898   8.796   1.00 22.93 ?  122 ALA A CA   1 
ATOM   933  C  C    . ALA A 1 122 ? -14.322 5.619   7.825   1.00 24.61 ?  122 ALA A C    1 
ATOM   934  O  O    . ALA A 1 122 ? -14.505 6.812   7.562   1.00 23.94 ?  122 ALA A O    1 
ATOM   935  C  CB   . ALA A 1 122 ? -14.792 5.139   10.234  1.00 25.78 ?  122 ALA A CB   1 
ATOM   936  N  N    . TRP A 1 123 ? -13.328 4.913   7.279   1.00 22.09 ?  123 TRP A N    1 
ATOM   937  C  CA   . TRP A 1 123 ? -12.362 5.542   6.384   1.00 21.67 ?  123 TRP A CA   1 
ATOM   938  C  C    . TRP A 1 123 ? -12.947 5.900   5.023   1.00 23.36 ?  123 TRP A C    1 
ATOM   939  O  O    . TRP A 1 123 ? -12.361 6.721   4.308   1.00 24.70 ?  123 TRP A O    1 
ATOM   940  C  CB   . TRP A 1 123 ? -11.117 4.661   6.256   1.00 20.41 ?  123 TRP A CB   1 
ATOM   941  C  CG   . TRP A 1 123 ? -10.381 4.614   7.540   1.00 23.57 ?  123 TRP A CG   1 
ATOM   942  C  CD1  . TRP A 1 123 ? -10.415 3.622   8.472   1.00 25.02 ?  123 TRP A CD1  1 
ATOM   943  C  CD2  . TRP A 1 123 ? -9.538  5.639   8.072   1.00 21.72 ?  123 TRP A CD2  1 
ATOM   944  N  NE1  . TRP A 1 123 ? -9.628  3.955   9.545   1.00 23.72 ?  123 TRP A NE1  1 
ATOM   945  C  CE2  . TRP A 1 123 ? -9.077  5.190   9.325   1.00 22.77 ?  123 TRP A CE2  1 
ATOM   946  C  CE3  . TRP A 1 123 ? -9.118  6.887   7.605   1.00 22.68 ?  123 TRP A CE3  1 
ATOM   947  C  CZ2  . TRP A 1 123 ? -8.216  5.945   10.117  1.00 27.78 ?  123 TRP A CZ2  1 
ATOM   948  C  CZ3  . TRP A 1 123 ? -8.267  7.639   8.395   1.00 28.31 ?  123 TRP A CZ3  1 
ATOM   949  C  CH2  . TRP A 1 123 ? -7.826  7.165   9.637   1.00 24.04 ?  123 TRP A CH2  1 
ATOM   950  N  N    . ILE A 1 124 ? -14.085 5.319   4.649   1.00 25.35 ?  124 ILE A N    1 
ATOM   951  C  CA   . ILE A 1 124 ? -14.760 5.682   3.408   1.00 25.97 ?  124 ILE A CA   1 
ATOM   952  C  C    . ILE A 1 124 ? -16.079 6.396   3.646   1.00 27.65 ?  124 ILE A C    1 
ATOM   953  O  O    . ILE A 1 124 ? -16.772 6.734   2.673   1.00 26.44 ?  124 ILE A O    1 
ATOM   954  C  CB   . ILE A 1 124 ? -14.935 4.482   2.458   1.00 27.08 ?  124 ILE A CB   1 
ATOM   955  C  CG1  . ILE A 1 124 ? -15.902 3.458   3.058   1.00 29.03 ?  124 ILE A CG1  1 
ATOM   956  C  CG2  . ILE A 1 124 ? -13.586 3.842   2.155   1.00 29.30 ?  124 ILE A CG2  1 
ATOM   957  C  CD1  . ILE A 1 124 ? -16.319 2.366   2.088   1.00 36.28 ?  124 ILE A CD1  1 
ATOM   958  N  N    . ARG A 1 125 ? -16.449 6.643   4.900   1.00 24.34 ?  125 ARG A N    1 
ATOM   959  C  CA   . ARG A 1 125 ? -17.717 7.298   5.188   1.00 27.64 ?  125 ARG A CA   1 
ATOM   960  C  C    . ARG A 1 125 ? -17.694 8.730   4.672   1.00 30.43 ?  125 ARG A C    1 
ATOM   961  O  O    . ARG A 1 125 ? -16.680 9.427   4.767   1.00 36.64 ?  125 ARG A O    1 
ATOM   962  C  CB   . ARG A 1 125 ? -17.991 7.288   6.692   1.00 33.16 ?  125 ARG A CB   1 
ATOM   963  N  N    . GLY A 1 126 ? -18.821 9.162   4.110   1.00 35.33 ?  126 GLY A N    1 
ATOM   964  C  CA   . GLY A 1 126 ? -18.920 10.478  3.521   1.00 34.30 ?  126 GLY A CA   1 
ATOM   965  C  C    . GLY A 1 126 ? -18.353 10.603  2.126   1.00 34.55 ?  126 GLY A C    1 
ATOM   966  O  O    . GLY A 1 126 ? -18.448 11.685  1.534   1.00 43.25 ?  126 GLY A O    1 
ATOM   967  N  N    . CYS A 1 127 ? -17.768 9.542   1.580   1.00 27.09 ?  127 CYS A N    1 
ATOM   968  C  CA   . CYS A 1 127 ? -17.192 9.581   0.246   1.00 24.85 ?  127 CYS A CA   1 
ATOM   969  C  C    . CYS A 1 127 ? -18.218 9.163   -0.799  1.00 31.18 ?  127 CYS A C    1 
ATOM   970  O  O    . CYS A 1 127 ? -19.045 8.276   -0.570  1.00 27.90 ?  127 CYS A O    1 
ATOM   971  C  CB   . CYS A 1 127 ? -15.979 8.653   0.150   1.00 26.08 ?  127 CYS A CB   1 
ATOM   972  S  SG   . CYS A 1 127 ? -14.665 8.962   1.360   1.00 29.91 ?  127 CYS A SG   1 
ATOM   973  N  N    . ARG A 1 128 ? -18.138 9.797   -1.966  1.00 32.21 ?  128 ARG A N    1 
ATOM   974  C  CA   . ARG A 1 128 ? -19.059 9.523   -3.064  1.00 35.79 ?  128 ARG A CA   1 
ATOM   975  C  C    . ARG A 1 128 ? -18.511 8.341   -3.854  1.00 39.83 ?  128 ARG A C    1 
ATOM   976  O  O    . ARG A 1 128 ? -17.765 8.502   -4.821  1.00 52.12 ?  128 ARG A O    1 
ATOM   977  C  CB   . ARG A 1 128 ? -19.225 10.763  -3.931  1.00 39.85 ?  128 ARG A CB   1 
ATOM   978  C  CG   . ARG A 1 128 ? -20.423 10.718  -4.852  1.00 38.82 ?  128 ARG A CG   1 
ATOM   979  C  CD   . ARG A 1 128 ? -20.731 12.103  -5.393  1.00 38.58 ?  128 ARG A CD   1 
ATOM   980  N  NE   . ARG A 1 128 ? -21.891 12.096  -6.281  1.00 50.19 ?  128 ARG A NE   1 
ATOM   981  C  CZ   . ARG A 1 128 ? -23.130 12.382  -5.894  1.00 49.09 ?  128 ARG A CZ   1 
ATOM   982  N  NH1  . ARG A 1 128 ? -23.376 12.702  -4.631  1.00 45.42 ?  128 ARG A NH1  1 
ATOM   983  N  NH2  . ARG A 1 128 ? -24.123 12.350  -6.771  1.00 41.19 ?  128 ARG A NH2  1 
ATOM   984  N  N    . LEU A 1 129 ? -18.885 7.137   -3.433  1.00 34.82 ?  129 LEU A N    1 
ATOM   985  C  CA   . LEU A 1 129 ? -18.391 5.914   -4.055  1.00 45.84 ?  129 LEU A CA   1 
ATOM   986  C  C    . LEU A 1 129 ? -19.540 5.101   -4.642  1.00 46.34 ?  129 LEU A C    1 
ATOM   987  O  O    . LEU A 1 129 ? -20.711 5.425   -4.434  1.00 40.81 ?  129 LEU A O    1 
ATOM   988  C  CB   . LEU A 1 129 ? -17.625 5.075   -3.031  1.00 36.42 ?  129 LEU A CB   1 
ATOM   989  C  CG   . LEU A 1 129 ? -16.470 5.787   -2.323  1.00 38.90 ?  129 LEU A CG   1 
ATOM   990  C  CD1  . LEU A 1 129 ? -15.902 4.920   -1.212  1.00 36.88 ?  129 LEU A CD1  1 
ATOM   991  C  CD2  . LEU A 1 129 ? -15.381 6.166   -3.315  1.00 42.15 ?  129 LEU A CD2  1 
HETATM 992  C  C10  . WE4 B 2 .   ? 1.704   -7.858  -12.037 0.29 31.04 ?  201 WE4 A C10  1 
HETATM 993  C  C13  . WE4 B 2 .   ? 2.554   -5.625  -11.240 0.29 33.38 ?  201 WE4 A C13  1 
HETATM 994  C  C15  . WE4 B 2 .   ? 2.792   -4.268  -11.417 0.29 29.79 ?  201 WE4 A C15  1 
HETATM 995  C  C02  . WE4 B 2 .   ? 2.685   -2.172  -12.806 0.29 23.76 ?  201 WE4 A C02  1 
HETATM 996  C  C04  . WE4 B 2 .   ? 2.426   -3.663  -12.608 0.29 32.94 ?  201 WE4 A C04  1 
HETATM 997  C  C05  . WE4 B 2 .   ? 1.830   -4.407  -13.613 0.29 32.10 ?  201 WE4 A C05  1 
HETATM 998  C  C07  . WE4 B 2 .   ? 1.596   -5.758  -13.433 0.29 33.74 ?  201 WE4 A C07  1 
HETATM 999  C  C09  . WE4 B 2 .   ? 1.958   -6.366  -12.245 0.29 29.49 ?  201 WE4 A C09  1 
HETATM 1000 O  O01  . WE4 B 2 .   ? 1.751   -1.343  -12.651 0.29 21.89 ?  201 WE4 A O01  1 
HETATM 1001 O  O03  . WE4 B 2 .   ? 3.834   -1.773  -13.124 0.29 29.31 -1 201 WE4 A O03  1 
HETATM 1002 O  O11  . WE4 B 2 .   ? 2.589   -8.698  -12.349 0.29 30.35 ?  201 WE4 A O11  1 
HETATM 1003 O  O12  . WE4 B 2 .   ? 0.612   -8.251  -11.550 0.29 34.82 -1 201 WE4 A O12  1 
HETATM 1004 BR BR06 . WE4 B 2 .   ? 1.317   -3.559  -15.279 0.29 36.17 ?  201 WE4 A BR06 1 
HETATM 1005 BR BR08 . WE4 B 2 .   ? 0.760   -6.796  -14.845 0.29 43.46 ?  201 WE4 A BR08 1 
HETATM 1006 BR BR14 . WE4 B 2 .   ? 3.037   -6.535  -9.596  0.29 30.35 ?  201 WE4 A BR14 1 
HETATM 1007 BR BR16 . WE4 B 2 .   ? 3.626   -3.185  -10.034 0.29 25.64 ?  201 WE4 A BR16 1 
HETATM 1008 O  O    . HOH C 3 .   ? 14.588  -5.740  -4.034  1.00 22.36 ?  301 HOH A O    1 
HETATM 1009 O  O    . HOH C 3 .   ? 2.526   9.873   -11.789 1.00 42.56 ?  302 HOH A O    1 
HETATM 1010 O  O    . HOH C 3 .   ? 11.785  -9.655  -10.912 1.00 43.57 ?  303 HOH A O    1 
HETATM 1011 O  O    . HOH C 3 .   ? 19.931  -6.871  2.089   1.00 42.61 ?  304 HOH A O    1 
HETATM 1012 O  O    . HOH C 3 .   ? -21.094 6.789   -2.315  1.00 47.97 ?  305 HOH A O    1 
HETATM 1013 O  O    . HOH C 3 .   ? 15.312  -0.753  -10.622 1.00 40.50 ?  306 HOH A O    1 
HETATM 1014 O  O    . HOH C 3 .   ? -4.761  13.794  3.043   1.00 30.19 ?  307 HOH A O    1 
HETATM 1015 O  O    . HOH C 3 .   ? -1.013  -7.316  -9.634  1.00 35.67 ?  308 HOH A O    1 
HETATM 1016 O  O    . HOH C 3 .   ? 2.493   5.060   -3.705  1.00 25.28 ?  309 HOH A O    1 
HETATM 1017 O  O    . HOH C 3 .   ? 14.087  5.098   -10.733 1.00 25.54 ?  310 HOH A O    1 
HETATM 1018 O  O    . HOH C 3 .   ? -16.700 -2.777  -7.068  1.00 45.03 ?  311 HOH A O    1 
HETATM 1019 O  O    . HOH C 3 .   ? -18.990 6.322   1.151   1.00 30.67 ?  312 HOH A O    1 
HETATM 1020 O  O    . HOH C 3 .   ? 15.084  -8.808  6.987   1.00 38.69 ?  313 HOH A O    1 
HETATM 1021 O  O    . HOH C 3 .   ? 5.571   0.125   7.498   1.00 31.32 ?  314 HOH A O    1 
HETATM 1022 O  O    . HOH C 3 .   ? 12.126  -8.317  -12.962 1.00 42.32 ?  315 HOH A O    1 
HETATM 1023 O  O    . HOH C 3 .   ? 16.993  0.168   0.668   1.00 17.27 ?  316 HOH A O    1 
HETATM 1024 O  O    . HOH C 3 .   ? -3.101  10.608  -8.913  1.00 32.26 ?  317 HOH A O    1 
HETATM 1025 O  O    . HOH C 3 .   ? 1.731   5.775   -6.068  1.00 24.62 ?  318 HOH A O    1 
HETATM 1026 O  O    . HOH C 3 .   ? -14.601 -7.298  0.785   1.00 37.99 ?  319 HOH A O    1 
HETATM 1027 O  O    . HOH C 3 .   ? -25.579 13.486  -3.401  1.00 37.57 ?  320 HOH A O    1 
HETATM 1028 O  O    . HOH C 3 .   ? -2.821  -13.906 1.191   1.00 26.37 ?  321 HOH A O    1 
HETATM 1029 O  O    . HOH C 3 .   ? 10.316  1.825   8.108   1.00 47.12 ?  322 HOH A O    1 
HETATM 1030 O  O    . HOH C 3 .   ? -3.733  2.677   -14.635 1.00 40.70 ?  323 HOH A O    1 
HETATM 1031 O  O    . HOH C 3 .   ? 14.282  -4.296  13.285  1.00 51.37 ?  324 HOH A O    1 
HETATM 1032 O  O    . HOH C 3 .   ? -15.659 8.779   8.932   1.00 42.32 ?  325 HOH A O    1 
HETATM 1033 O  O    . HOH C 3 .   ? 1.868   -13.284 -4.193  1.00 39.54 ?  326 HOH A O    1 
HETATM 1034 O  O    . HOH C 3 .   ? -0.658  8.656   9.392   1.00 30.25 ?  327 HOH A O    1 
HETATM 1035 O  O    . HOH C 3 .   ? -4.068  -6.872  15.356  1.00 37.89 ?  328 HOH A O    1 
HETATM 1036 O  O    . HOH C 3 .   ? 2.500   -7.560  10.673  1.00 41.72 ?  329 HOH A O    1 
HETATM 1037 O  O    . HOH C 3 .   ? 21.072  -2.369  2.257   1.00 33.91 ?  330 HOH A O    1 
HETATM 1038 O  O    . HOH C 3 .   ? -14.630 -10.310 2.976   1.00 25.43 ?  331 HOH A O    1 
HETATM 1039 O  O    . HOH C 3 .   ? -1.468  -5.935  17.046  1.00 39.07 ?  332 HOH A O    1 
HETATM 1040 O  O    . HOH C 3 .   ? -6.529  2.951   14.822  1.00 23.77 ?  333 HOH A O    1 
HETATM 1041 O  O    . HOH C 3 .   ? 10.286  10.099  1.323   1.00 18.23 ?  334 HOH A O    1 
HETATM 1042 O  O    . HOH C 3 .   ? -1.437  -17.547 -1.359  1.00 38.27 ?  335 HOH A O    1 
HETATM 1043 O  O    . HOH C 3 .   ? -5.013  -5.167  -11.451 1.00 44.14 ?  336 HOH A O    1 
HETATM 1044 O  O    . HOH C 3 .   ? -9.982  -11.733 3.316   1.00 23.93 ?  337 HOH A O    1 
HETATM 1045 O  O    . HOH C 3 .   ? 3.956   14.092  -2.022  1.00 19.38 ?  338 HOH A O    1 
HETATM 1046 O  O    . HOH C 3 .   ? 14.214  7.054   2.695   0.50 24.39 ?  339 HOH A O    1 
HETATM 1047 O  O    . HOH C 3 .   ? -22.224 7.697   -4.372  1.00 39.49 ?  340 HOH A O    1 
HETATM 1048 O  O    . HOH C 3 .   ? -6.049  16.255  -5.857  1.00 42.93 ?  341 HOH A O    1 
HETATM 1049 O  O    . HOH C 3 .   ? 3.455   7.384   -13.243 1.00 46.01 ?  342 HOH A O    1 
HETATM 1050 O  O    . HOH C 3 .   ? -2.449  -2.016  -14.391 1.00 39.63 ?  343 HOH A O    1 
HETATM 1051 O  O    . HOH C 3 .   ? 3.494   3.204   9.890   1.00 27.39 ?  344 HOH A O    1 
HETATM 1052 O  O    . HOH C 3 .   ? 12.565  -6.328  4.784   1.00 25.02 ?  345 HOH A O    1 
HETATM 1053 O  O    . HOH C 3 .   ? -4.456  15.341  -3.652  1.00 37.40 ?  346 HOH A O    1 
HETATM 1054 O  O    . HOH C 3 .   ? 5.009   -1.551  5.227   1.00 31.01 ?  347 HOH A O    1 
HETATM 1055 O  O    . HOH C 3 .   ? -9.120  9.962   -7.154  1.00 37.38 ?  348 HOH A O    1 
HETATM 1056 O  O    . HOH C 3 .   ? 0.463   -11.347 2.427   1.00 25.48 ?  349 HOH A O    1 
HETATM 1057 O  O    . HOH C 3 .   ? -5.300  -9.747  -9.622  1.00 42.81 ?  350 HOH A O    1 
HETATM 1058 O  O    . HOH C 3 .   ? -8.480  -4.500  16.796  1.00 36.43 ?  351 HOH A O    1 
HETATM 1059 O  O    . HOH C 3 .   ? 8.453   8.161   -9.044  1.00 25.85 ?  352 HOH A O    1 
HETATM 1060 O  O    . HOH C 3 .   ? -13.705 5.004   -8.439  1.00 33.58 ?  353 HOH A O    1 
HETATM 1061 O  O    . HOH C 3 .   ? -12.330 3.632   12.616  1.00 32.48 ?  354 HOH A O    1 
HETATM 1062 O  O    . HOH C 3 .   ? 4.654   4.255   -11.404 1.00 29.62 ?  355 HOH A O    1 
HETATM 1063 O  O    . HOH C 3 .   ? 5.512   -7.745  5.057   1.00 33.23 ?  356 HOH A O    1 
HETATM 1064 O  O    . HOH C 3 .   ? 7.237   -12.217 -9.870  1.00 44.08 ?  357 HOH A O    1 
HETATM 1065 O  O    . HOH C 3 .   ? 23.067  -2.385  -7.259  1.00 42.30 ?  358 HOH A O    1 
HETATM 1066 O  O    . HOH C 3 .   ? 0.874   13.241  4.277   1.00 26.52 ?  359 HOH A O    1 
HETATM 1067 O  O    . HOH C 3 .   ? 7.109   2.147   6.845   1.00 26.15 ?  360 HOH A O    1 
HETATM 1068 O  O    . HOH C 3 .   ? 3.689   13.325  -6.750  1.00 30.25 ?  361 HOH A O    1 
HETATM 1069 O  O    . HOH C 3 .   ? -9.977  2.424   11.857  1.00 27.40 ?  362 HOH A O    1 
HETATM 1070 O  O    . HOH C 3 .   ? -9.983  -5.336  9.393   1.00 26.54 ?  363 HOH A O    1 
HETATM 1071 O  O    . HOH C 3 .   ? -13.831 -10.453 -3.525  1.00 36.23 ?  364 HOH A O    1 
HETATM 1072 O  O    . HOH C 3 .   ? 9.780   5.110   -11.592 1.00 30.45 ?  365 HOH A O    1 
HETATM 1073 O  O    . HOH C 3 .   ? -7.917  -7.027  -9.972  1.00 38.26 ?  366 HOH A O    1 
HETATM 1074 O  O    . HOH C 3 .   ? -10.750 -6.461  -8.286  1.00 36.76 ?  367 HOH A O    1 
HETATM 1075 O  O    . HOH C 3 .   ? -9.397  3.319   -15.317 1.00 41.39 ?  368 HOH A O    1 
HETATM 1076 O  O    . HOH C 3 .   ? 5.439   6.873   6.570   1.00 32.61 ?  369 HOH A O    1 
HETATM 1077 O  O    . HOH C 3 .   ? -18.310 4.175   10.527  1.00 41.89 ?  370 HOH A O    1 
HETATM 1078 O  O    . HOH C 3 .   ? -12.205 -4.732  10.880  1.00 32.04 ?  371 HOH A O    1 
HETATM 1079 O  O    . HOH C 3 .   ? -11.511 13.337  1.399   1.00 30.99 ?  372 HOH A O    1 
HETATM 1080 O  O    . HOH C 3 .   ? -9.040  14.062  3.119   1.00 44.96 ?  373 HOH A O    1 
HETATM 1081 O  O    . HOH C 3 .   ? 4.628   -3.844  6.871   1.00 26.29 ?  374 HOH A O    1 
HETATM 1082 O  O    . HOH C 3 .   ? 4.304   10.653  4.608   1.00 26.13 ?  375 HOH A O    1 
HETATM 1083 O  O    . HOH C 3 .   ? -17.237 1.283   -2.908  1.00 39.98 ?  376 HOH A O    1 
HETATM 1084 O  O    . HOH C 3 .   ? 3.237   1.767   -1.956  1.00 18.64 ?  377 HOH A O    1 
HETATM 1085 O  O    . HOH C 3 .   ? -5.513  -3.013  15.056  1.00 23.29 ?  378 HOH A O    1 
HETATM 1086 O  O    . HOH C 3 .   ? 19.791  -4.571  -8.009  1.00 43.85 ?  379 HOH A O    1 
HETATM 1087 O  O    . HOH C 3 .   ? 3.438   15.374  -5.705  1.00 38.45 ?  380 HOH A O    1 
HETATM 1088 O  O    . HOH C 3 .   ? -13.067 0.995   15.696  1.00 28.49 ?  381 HOH A O    1 
HETATM 1089 O  O    . HOH C 3 .   ? -2.683  13.237  4.988   1.00 32.81 ?  382 HOH A O    1 
HETATM 1090 O  O    . HOH C 3 .   ? -4.045  -9.985  14.872  1.00 31.66 ?  383 HOH A O    1 
HETATM 1091 O  O    . HOH C 3 .   ? -3.363  15.406  -8.391  1.00 38.46 ?  384 HOH A O    1 
HETATM 1092 O  O    . HOH C 3 .   ? -6.984  -13.099 4.149   1.00 17.01 ?  385 HOH A O    1 
HETATM 1093 O  O    . HOH C 3 .   ? 13.946  6.378   7.076   1.00 29.61 ?  386 HOH A O    1 
HETATM 1094 O  O    . HOH C 3 .   ? -13.291 -6.622  4.539   1.00 23.24 ?  387 HOH A O    1 
HETATM 1095 O  O    . HOH C 3 .   ? 21.973  4.820   -0.570  1.00 27.13 ?  388 HOH A O    1 
HETATM 1096 O  O    . HOH C 3 .   ? -3.991  3.972   15.588  1.00 21.68 ?  389 HOH A O    1 
HETATM 1097 O  O    . HOH C 3 .   ? 21.725  -8.832  -4.694  0.50 33.03 ?  390 HOH A O    1 
HETATM 1098 O  O    . HOH C 3 .   ? -2.318  -10.968 -7.456  1.00 38.55 ?  391 HOH A O    1 
HETATM 1099 O  O    . HOH C 3 .   ? 16.058  -3.832  -4.033  1.00 20.93 ?  392 HOH A O    1 
HETATM 1100 O  O    . HOH C 3 .   ? -10.537 13.681  -0.855  1.00 29.63 ?  393 HOH A O    1 
HETATM 1101 O  O    . HOH C 3 .   ? -11.169 -5.301  17.851  1.00 42.39 ?  394 HOH A O    1 
HETATM 1102 O  O    . HOH C 3 .   ? -9.936  -10.890 -5.264  1.00 32.78 ?  395 HOH A O    1 
HETATM 1103 O  O    . HOH C 3 .   ? 6.154   -4.696  1.941   1.00 28.60 ?  396 HOH A O    1 
HETATM 1104 O  O    . HOH C 3 .   ? 19.152  -0.794  -9.552  1.00 25.24 ?  397 HOH A O    1 
HETATM 1105 O  O    . HOH C 3 .   ? 14.346  -4.543  9.006   1.00 23.95 ?  398 HOH A O    1 
HETATM 1106 O  O    . HOH C 3 .   ? 2.515   3.750   -7.798  1.00 23.67 ?  399 HOH A O    1 
HETATM 1107 O  O    . HOH C 3 .   ? 13.184  -1.063  10.894  1.00 33.25 ?  400 HOH A O    1 
HETATM 1108 O  O    . HOH C 3 .   ? -6.064  -12.725 -5.283  1.00 41.96 ?  401 HOH A O    1 
HETATM 1109 O  O    . HOH C 3 .   ? 15.292  -6.781  -10.369 1.00 34.60 ?  402 HOH A O    1 
HETATM 1110 O  O    . HOH C 3 .   ? -9.816  7.577   -9.728  1.00 31.91 ?  403 HOH A O    1 
HETATM 1111 O  O    . HOH C 3 .   ? -14.933 -5.032  6.293   1.00 37.32 ?  404 HOH A O    1 
HETATM 1112 O  O    . HOH C 3 .   ? -0.208  16.847  -3.060  1.00 36.82 ?  405 HOH A O    1 
HETATM 1113 O  O    . HOH C 3 .   ? 4.425   11.397  -10.335 1.00 35.49 ?  406 HOH A O    1 
HETATM 1114 O  O    . HOH C 3 .   ? -14.990 -0.607  4.304   1.00 21.92 ?  407 HOH A O    1 
HETATM 1115 O  O    . HOH C 3 .   ? -26.698 12.875  -5.226  1.00 37.89 ?  408 HOH A O    1 
HETATM 1116 O  O    . HOH C 3 .   ? -12.987 -5.299  7.766   1.00 28.94 ?  409 HOH A O    1 
HETATM 1117 O  O    . HOH C 3 .   ? 12.945  -3.850  11.502  1.00 45.24 ?  410 HOH A O    1 
HETATM 1118 O  O    . HOH C 3 .   ? -15.719 -1.787  9.658   1.00 43.91 ?  411 HOH A O    1 
HETATM 1119 O  O    . HOH C 3 .   ? -2.422  -12.641 12.215  1.00 36.71 ?  412 HOH A O    1 
HETATM 1120 O  O    . HOH C 3 .   ? 15.758  -6.206  -6.162  1.00 29.42 ?  413 HOH A O    1 
HETATM 1121 O  O    . HOH C 3 .   ? 18.932  -4.326  -4.559  1.00 23.50 ?  414 HOH A O    1 
HETATM 1122 O  O    . HOH C 3 .   ? -7.150  11.519  -8.245  1.00 35.11 ?  415 HOH A O    1 
HETATM 1123 O  O    . HOH C 3 .   ? -26.203 10.061  -6.323  1.00 43.28 ?  416 HOH A O    1 
HETATM 1124 O  O    . HOH C 3 .   ? 7.139   -7.160  2.881   1.00 37.14 ?  417 HOH A O    1 
HETATM 1125 O  O    . HOH C 3 .   ? 14.823  -11.495 0.135   1.00 39.91 ?  418 HOH A O    1 
HETATM 1126 O  O    . HOH C 3 .   ? -14.861 9.848   -3.192  1.00 34.20 ?  419 HOH A O    1 
HETATM 1127 O  O    . HOH C 3 .   ? 0.401   11.382  -13.201 1.00 43.78 ?  420 HOH A O    1 
HETATM 1128 O  O    . HOH C 3 .   ? 13.811  6.966   4.914   1.00 37.03 ?  421 HOH A O    1 
HETATM 1129 O  O    . HOH C 3 .   ? -4.009  7.230   -9.413  1.00 27.93 ?  422 HOH A O    1 
HETATM 1130 O  O    . HOH C 3 .   ? -15.269 -7.252  2.946   1.00 42.32 ?  423 HOH A O    1 
HETATM 1131 O  O    . HOH C 3 .   ? 3.757   -4.905  2.719   1.00 30.90 ?  424 HOH A O    1 
HETATM 1132 O  O    . HOH C 3 .   ? -9.797  13.057  5.461   1.00 46.45 ?  425 HOH A O    1 
HETATM 1133 O  O    . HOH C 3 .   ? 3.439   13.007  4.944   1.00 30.69 ?  426 HOH A O    1 
HETATM 1134 O  O    . HOH C 3 .   ? 3.414   -11.115 2.335   1.00 38.46 ?  427 HOH A O    1 
HETATM 1135 O  O    . HOH C 3 .   ? 12.164  -4.678  6.976   1.00 32.87 ?  428 HOH A O    1 
HETATM 1136 O  O    . HOH C 3 .   ? -7.259  13.349  4.358   1.00 40.58 ?  429 HOH A O    1 
HETATM 1137 O  O    . HOH C 3 .   ? 3.110   7.968   7.956   1.00 37.56 ?  430 HOH A O    1 
HETATM 1138 O  O    . HOH C 3 .   ? -9.073  -8.297  14.756  1.00 27.78 ?  431 HOH A O    1 
HETATM 1139 O  O    . HOH C 3 .   ? -12.955 -13.277 -0.671  1.00 42.59 ?  432 HOH A O    1 
HETATM 1140 O  O    . HOH C 3 .   ? -7.889  -12.298 -6.564  1.00 42.45 ?  433 HOH A O    1 
HETATM 1141 O  O    . HOH C 3 .   ? 5.307   5.938   -12.902 1.00 44.24 ?  434 HOH A O    1 
HETATM 1142 O  O    . HOH C 3 .   ? -0.921  12.897  11.212  1.00 44.06 ?  435 HOH A O    1 
HETATM 1143 O  O    . HOH C 3 .   ? -15.462 -3.733  14.153  1.00 46.00 ?  436 HOH A O    1 
HETATM 1144 O  O    . HOH C 3 .   ? -13.283 10.934  8.837   1.00 48.28 ?  437 HOH A O    1 
HETATM 1145 O  O    . HOH C 3 .   ? -1.317  10.154  11.245  1.00 38.82 ?  438 HOH A O    1 
HETATM 1146 O  O    . HOH C 3 .   ? -9.889  -14.953 1.240   1.00 42.08 ?  439 HOH A O    1 
HETATM 1147 O  O    . HOH C 3 .   ? 6.685   9.830   -10.507 1.00 35.29 ?  440 HOH A O    1 
HETATM 1148 O  O    . HOH C 3 .   ? -11.684 7.858   10.035  1.00 42.14 ?  441 HOH A O    1 
HETATM 1149 O  O    . HOH C 3 .   ? -0.357  15.508  5.075   1.00 40.73 ?  442 HOH A O    1 
HETATM 1150 O  O    . HOH C 3 .   ? -8.364  4.575   13.219  1.00 31.15 ?  443 HOH A O    1 
HETATM 1151 O  O    . HOH C 3 .   ? 7.693   6.406   -11.834 1.00 41.31 ?  444 HOH A O    1 
HETATM 1152 O  O    . HOH C 3 .   ? 6.177   -12.912 5.632   1.00 48.42 ?  445 HOH A O    1 
HETATM 1153 O  O    . HOH C 3 .   ? -7.705  11.512  6.905   1.00 41.14 ?  446 HOH A O    1 
HETATM 1154 O  O    . HOH C 3 .   ? 4.181   14.205  -8.872  1.00 39.23 ?  447 HOH A O    1 
HETATM 1155 O  O    . HOH C 3 .   ? 17.368  4.376   9.564   1.00 44.35 ?  448 HOH A O    1 
HETATM 1156 O  O    . HOH C 3 .   ? -11.902 -0.630  17.711  1.00 37.48 ?  449 HOH A O    1 
HETATM 1157 O  O    . HOH C 3 .   ? -15.215 8.698   11.379  1.00 47.09 ?  450 HOH A O    1 
HETATM 1158 O  O    . HOH C 3 .   ? -0.854  18.505  -1.042  1.00 44.70 ?  451 HOH A O    1 
HETATM 1159 O  O    . HOH C 3 .   ? -11.766 6.727   12.119  1.00 44.62 ?  452 HOH A O    1 
HETATM 1160 O  O    . HOH C 3 .   ? -10.754 -8.001  16.815  1.00 39.97 ?  453 HOH A O    1 
HETATM 1161 O  O    . HOH C 3 .   ? -12.320 -2.553  19.347  1.00 42.91 ?  454 HOH A O    1 
HETATM 1162 O  O    . HOH C 3 .   ? -6.333  -8.373  15.783  1.00 30.01 ?  455 HOH A O    1 
HETATM 1163 O  O    . HOH C 3 .   ? -3.535  -18.088 0.448   1.00 46.73 ?  456 HOH A O    1 
HETATM 1164 O  O    . HOH C 3 .   ? 21.125  -2.702  -9.353  1.00 37.23 ?  457 HOH A O    1 
HETATM 1165 O  O    . HOH C 3 .   ? -13.948 -6.519  12.094  1.00 35.25 ?  458 HOH A O    1 
HETATM 1166 O  O    . HOH C 3 .   ? -6.348  9.545   12.313  1.00 42.26 ?  459 HOH A O    1 
HETATM 1167 O  O    . HOH C 3 .   ? 5.280   2.562   -13.276 1.00 39.53 ?  460 HOH A O    1 
HETATM 1168 O  O    . HOH C 3 .   ? 16.440  6.381   8.718   0.50 36.06 ?  461 HOH A O    1 
HETATM 1169 O  O    . HOH C 3 .   ? -14.065 14.547  0.456   1.00 43.38 ?  462 HOH A O    1 
# 
